data_5SWP
#
_entry.id   5SWP
#
_cell.length_a   114.120
_cell.length_b   116.131
_cell.length_c   148.334
_cell.angle_alpha   90.000
_cell.angle_beta   90.000
_cell.angle_gamma   90.000
#
_symmetry.space_group_name_H-M   'P 21 21 21'
#
loop_
_entity.id
_entity.type
_entity.pdbx_description
1 polymer 'Phosphatidylinositol 4,5-bisphosphate 3-kinase catalytic subunit alpha isoform'
2 polymer 'Phosphatidylinositol 3-kinase regulatory subunit alpha'
3 non-polymer 'tert-butyl 4-aminopiperidine-1-carboxylate'
4 non-polymer 2-methylcyclohexane-1,3-dione
5 non-polymer 'CHLORIDE ION'
#
loop_
_entity_poly.entity_id
_entity_poly.type
_entity_poly.pdbx_seq_one_letter_code
_entity_poly.pdbx_strand_id
1 'polypeptide(L)'
;MSYYHHHHHHDYDIPTTENLYFQGAMGSMPPRPS(SEP)GELWGIHLMPPRILVECLLPNGMIVTLECLREATLITIKHE
LFKEARKYPLHQLLQDESSYIFVSVTQEAEREEFFDETRRLCDLRLFQPFLKVIEPVGNREEKILNREIGFAIGMPVCEF
DMVKDPEVQDFRRNILNVCKEAVDLRDLNSPHSRAMYVYPPNVESSPELPKHIYNKLDKGQIIVVIWVIVSPNNDKQKYT
LKINHDCVPEQVIAEAIRKKTRSMLLSSEQLKLCVLEYQGKYILKVCGCDEYFLEKYPLSQYKYIRSCIMLGRMPNLMLM
AKESLYSQLPMDCFTMPSYSRRISTATPYMNGETSTKSLWVINSALRIKILCATYVNVNIRDIDKIYVRTGIYHGGEPLC
DNVNTQRVPCSNPRWNEWLNYDIYIPDLPRAARLCLSICSVKGRKGAKEEHCPLAWGNINLFDYTDTLVSGKMALNLWPV
PHGLEDLLNPIGVTGSNPNKETPCLELEFDWFSSVVKFPDMSVIEEHANWSVSREAGFSYSHAGLSNRLARDNELRENDK
EQLKAISTRDPLSEITEQEKDFLWSHRHYCVTIPEILPKLLLSVKWNSRDEVAQMYCLVKDWPPIKPEQAMELLDCNYPD
PMVRGFAVRCLEKYLTDDKLSQYLIQLVQVLKYEQYLDNLLVRFLLKKALTNQRIGHFFFWHLKSEMHNKTVSQRFGLLL
ESYCRACGMYLKHLNRQVEAMEKLINLTDILKQEKKDETQKVQMKFLVEQMRRPDFMDALQGFLSPLNPAHQLGNLRLEE
CRIMSSAKRPLWLNWENPDIM(SEP)ELLFQNNEIIFKNGDDLRQDMLTLQIIRIMENIWQNQGLDLRMLPYGCLSIGDC
VGLIEVVRNSHTIMQIQCKGGLKGALQFNSHTLHQWLKDKNKGEIYDAAIDLFTRSCAGYCVATFILGIGDRHNSNIMVK
DDGQLFHIDFGHFLDHKKKKFGYKRERVPFVLTQDFLIVISKGAQECTKTREFERFQEMCYKAYLAIRQHANLFINLFSM
MLGSGMPELQSFDDIAYIRKTLALDKTEQEALEYFMKQMNDAHHGGWTTKMDWIFHTIKQHALN
;
A
2 'polypeptide(L)'
;MNNNMSLQDAEWYWGDISREEVNEKLRDTADGTFLVRDASTKMHGDYTLTLRKGGNNKLIKIFHRDGKYGFSDPLTFSSV
VELINHYRNESLAQYNPKLDVKLLYPVSKYQQDQVVKEDNIEAVGKKLHEYNTQFQEKSREYDRLYEEYTRTSQEIQMKR
TAIEAFNETIKIFEEQCQTQERYSKEYIEKFKREGNEKEIQRIMHNYDKLKSRISEIIDSRRRLEEDLKKQAAEYREIDK
RMNSIKPDLIQLRKTRDQYLMWLTQKGVRQKKLNEWLGN
;
B
#
# COMPACT_ATOMS: atom_id res chain seq x y z
N SER A 2 14.93 -48.58 14.33
CA SER A 2 15.83 -48.29 13.16
C SER A 2 15.28 -47.25 12.18
N TYR A 3 14.34 -46.41 12.63
CA TYR A 3 13.79 -45.35 11.79
C TYR A 3 14.80 -44.22 11.70
N TYR A 4 15.20 -43.72 12.89
CA TYR A 4 16.03 -42.53 13.03
C TYR A 4 17.50 -42.79 13.44
N HIS A 5 17.98 -44.02 13.23
CA HIS A 5 19.31 -44.48 13.69
C HIS A 5 19.53 -44.21 15.19
N HIS A 6 18.48 -44.45 15.98
CA HIS A 6 18.44 -44.21 17.42
C HIS A 6 19.09 -42.88 17.86
N HIS A 7 19.02 -41.85 17.01
CA HIS A 7 19.66 -40.55 17.27
C HIS A 7 18.67 -39.61 17.96
N HIS A 8 19.02 -39.20 19.17
CA HIS A 8 18.16 -38.33 19.96
C HIS A 8 18.38 -36.88 19.56
N HIS A 9 17.31 -36.09 19.65
CA HIS A 9 17.44 -34.62 19.68
C HIS A 9 17.24 -34.22 21.13
N HIS A 10 18.31 -33.77 21.77
CA HIS A 10 18.30 -33.49 23.21
C HIS A 10 17.61 -32.16 23.50
N ASP A 11 17.94 -31.14 22.71
CA ASP A 11 17.31 -29.80 22.80
C ASP A 11 15.78 -29.80 22.65
N TYR A 12 15.25 -30.76 21.90
CA TYR A 12 13.81 -30.82 21.62
C TYR A 12 12.98 -30.98 22.89
N ASP A 13 12.07 -30.02 23.09
CA ASP A 13 11.24 -29.95 24.28
C ASP A 13 9.81 -29.59 23.81
N ILE A 14 8.87 -30.49 24.04
CA ILE A 14 7.43 -30.21 23.84
C ILE A 14 6.63 -29.39 24.89
N PRO A 15 6.97 -29.45 26.22
CA PRO A 15 6.05 -28.85 27.20
C PRO A 15 5.90 -27.32 27.08
N THR A 16 4.85 -26.91 26.38
CA THR A 16 4.68 -25.54 25.83
C THR A 16 5.99 -25.02 25.18
N THR A 17 6.60 -25.93 24.42
CA THR A 17 7.98 -25.83 23.89
C THR A 17 8.99 -25.05 24.76
N PHE A 22 3.96 -22.15 20.54
CA PHE A 22 4.61 -21.85 19.27
C PHE A 22 3.65 -21.16 18.29
N GLN A 23 4.19 -20.49 17.29
CA GLN A 23 3.40 -19.94 16.18
C GLN A 23 2.88 -21.04 15.25
N GLY A 24 3.58 -22.17 15.21
CA GLY A 24 3.18 -23.32 14.40
C GLY A 24 1.96 -24.08 14.90
N ALA A 25 1.95 -24.44 16.18
CA ALA A 25 0.82 -25.17 16.79
C ALA A 25 -0.43 -24.28 16.88
N MET A 26 -1.52 -24.74 16.26
CA MET A 26 -2.67 -23.88 15.85
C MET A 26 -2.18 -22.67 15.06
N GLY A 27 -1.55 -22.98 13.93
CA GLY A 27 -0.81 -22.02 13.11
C GLY A 27 -1.67 -21.10 12.26
N SER A 28 -2.16 -20.04 12.88
CA SER A 28 -2.83 -18.95 12.19
C SER A 28 -2.92 -17.70 13.07
N MET A 29 -3.33 -16.60 12.43
CA MET A 29 -3.65 -15.31 13.07
C MET A 29 -2.55 -14.66 13.93
N PRO A 30 -1.61 -13.93 13.30
CA PRO A 30 -0.71 -13.04 14.02
C PRO A 30 -0.78 -11.59 13.50
N PRO A 31 -1.54 -10.71 14.19
CA PRO A 31 -1.55 -9.28 13.87
C PRO A 31 -1.40 -8.33 15.07
N ARG A 32 -1.02 -8.84 16.24
CA ARG A 32 -1.18 -8.11 17.51
C ARG A 32 -0.11 -7.01 17.72
N PRO A 33 -0.23 -6.15 18.74
CA PRO A 33 -1.44 -5.86 19.49
C PRO A 33 -1.78 -4.38 19.38
N SER A 34 -2.99 -4.03 19.78
CA SER A 34 -3.42 -2.62 19.84
C SER A 34 -4.66 -2.56 20.75
N GLY A 36 -7.94 -0.90 23.28
CA GLY A 36 -9.28 -0.44 23.01
C GLY A 36 -9.92 0.43 24.05
N GLU A 37 -10.73 -0.19 24.91
CA GLU A 37 -11.77 0.57 25.65
C GLU A 37 -11.27 1.27 26.91
N LEU A 38 -10.30 0.65 27.57
CA LEU A 38 -9.67 1.18 28.79
C LEU A 38 -8.25 0.60 28.83
N TRP A 39 -7.32 1.29 29.46
CA TRP A 39 -5.91 0.88 29.41
C TRP A 39 -5.69 -0.54 29.94
N GLY A 40 -5.11 -1.39 29.08
CA GLY A 40 -4.73 -2.76 29.46
C GLY A 40 -5.83 -3.81 29.34
N ILE A 41 -7.02 -3.40 28.91
CA ILE A 41 -8.17 -4.30 28.80
C ILE A 41 -9.03 -3.97 27.56
N HIS A 42 -9.40 -5.00 26.80
CA HIS A 42 -10.10 -4.86 25.50
C HIS A 42 -11.53 -4.30 25.53
N LEU A 43 -12.23 -4.53 26.63
CA LEU A 43 -13.66 -4.36 26.70
C LEU A 43 -13.98 -4.10 28.18
N MET A 44 -14.47 -2.91 28.51
CA MET A 44 -14.60 -2.57 29.93
C MET A 44 -15.70 -3.39 30.58
N PRO A 45 -15.58 -3.66 31.89
CA PRO A 45 -16.61 -4.41 32.60
C PRO A 45 -18.00 -3.76 32.49
N PRO A 46 -19.07 -4.60 32.42
CA PRO A 46 -20.43 -4.10 32.20
C PRO A 46 -20.96 -3.12 33.27
N ARG A 47 -20.44 -3.24 34.48
CA ARG A 47 -20.65 -2.29 35.55
C ARG A 47 -19.26 -1.93 36.09
N ILE A 48 -19.00 -0.63 36.23
CA ILE A 48 -17.65 -0.13 36.54
C ILE A 48 -17.72 1.09 37.46
N LEU A 49 -16.69 1.23 38.30
CA LEU A 49 -16.58 2.35 39.23
C LEU A 49 -15.73 3.43 38.60
N VAL A 50 -16.30 4.64 38.47
CA VAL A 50 -15.56 5.81 37.95
C VAL A 50 -15.45 6.97 38.96
N GLU A 51 -14.23 7.40 39.27
CA GLU A 51 -14.04 8.56 40.13
C GLU A 51 -14.40 9.81 39.35
N CYS A 52 -15.25 10.62 39.97
CA CYS A 52 -15.68 11.88 39.39
C CYS A 52 -15.07 13.01 40.19
N LEU A 53 -14.07 13.66 39.61
CA LEU A 53 -13.37 14.78 40.24
C LEU A 53 -14.16 16.07 40.05
N LEU A 54 -14.72 16.59 41.15
CA LEU A 54 -15.56 17.78 41.13
C LEU A 54 -14.72 19.05 41.25
N PRO A 55 -15.29 20.23 40.86
CA PRO A 55 -14.53 21.48 41.00
C PRO A 55 -14.32 21.93 42.45
N ASN A 56 -15.16 21.46 43.37
CA ASN A 56 -14.95 21.61 44.82
C ASN A 56 -13.88 20.69 45.44
N GLY A 57 -13.25 19.84 44.63
CA GLY A 57 -12.12 18.98 45.05
C GLY A 57 -12.48 17.59 45.58
N MET A 58 -13.77 17.26 45.55
CA MET A 58 -14.31 16.03 46.14
C MET A 58 -14.31 14.89 45.12
N ILE A 59 -13.70 13.76 45.47
CA ILE A 59 -13.81 12.53 44.68
C ILE A 59 -15.02 11.70 45.13
N VAL A 60 -16.12 11.83 44.40
CA VAL A 60 -17.25 10.91 44.55
C VAL A 60 -17.11 9.86 43.46
N THR A 61 -17.35 8.60 43.81
CA THR A 61 -17.12 7.47 42.90
C THR A 61 -18.42 6.78 42.53
N LEU A 62 -18.84 6.96 41.28
CA LEU A 62 -20.07 6.34 40.80
C LEU A 62 -19.79 4.96 40.21
N GLU A 63 -20.50 3.95 40.71
CA GLU A 63 -20.69 2.72 39.93
C GLU A 63 -21.73 3.03 38.85
N CYS A 64 -21.37 2.77 37.60
CA CYS A 64 -22.28 2.99 36.47
C CYS A 64 -21.95 2.01 35.38
N LEU A 65 -22.87 1.91 34.43
CA LEU A 65 -22.72 0.92 33.38
C LEU A 65 -21.72 1.36 32.31
N ARG A 66 -20.84 0.45 31.92
CA ARG A 66 -20.06 0.54 30.68
C ARG A 66 -20.74 1.35 29.57
N GLU A 67 -22.00 1.02 29.30
CA GLU A 67 -22.78 1.60 28.19
C GLU A 67 -23.36 3.02 28.47
N ALA A 68 -23.13 3.57 29.66
CA ALA A 68 -23.82 4.77 30.14
C ALA A 68 -23.33 6.06 29.49
N THR A 69 -24.29 6.87 29.03
CA THR A 69 -24.00 8.13 28.37
C THR A 69 -23.45 9.13 29.38
N LEU A 70 -22.69 10.11 28.90
CA LEU A 70 -22.17 11.18 29.78
C LEU A 70 -23.28 12.09 30.34
N ILE A 71 -24.40 12.22 29.63
CA ILE A 71 -25.58 12.92 30.13
C ILE A 71 -26.16 12.17 31.31
N THR A 72 -26.28 10.85 31.17
CA THR A 72 -26.72 9.98 32.27
C THR A 72 -25.77 10.09 33.46
N ILE A 73 -24.46 10.01 33.21
CA ILE A 73 -23.46 10.03 34.28
C ILE A 73 -23.32 11.38 34.96
N LYS A 74 -23.43 12.47 34.19
CA LYS A 74 -23.39 13.81 34.78
C LYS A 74 -24.58 14.00 35.72
N HIS A 75 -25.77 13.69 35.20
CA HIS A 75 -27.01 13.77 35.96
C HIS A 75 -26.90 13.04 37.31
N GLU A 76 -26.39 11.81 37.29
CA GLU A 76 -26.28 11.02 38.51
C GLU A 76 -25.20 11.58 39.43
N LEU A 77 -24.16 12.19 38.85
CA LEU A 77 -23.05 12.78 39.61
C LEU A 77 -23.50 13.93 40.49
N PHE A 78 -24.29 14.83 39.92
CA PHE A 78 -24.81 15.98 40.67
C PHE A 78 -25.97 15.64 41.59
N LYS A 79 -26.64 14.51 41.36
CA LYS A 79 -27.56 13.96 42.35
C LYS A 79 -26.78 13.38 43.53
N GLU A 80 -25.68 12.67 43.24
CA GLU A 80 -24.83 12.07 44.27
C GLU A 80 -23.87 13.07 44.95
N ALA A 81 -23.54 14.17 44.30
CA ALA A 81 -22.69 15.20 44.89
C ALA A 81 -23.39 16.01 46.00
N ARG A 82 -24.72 15.94 46.06
CA ARG A 82 -25.48 16.44 47.21
C ARG A 82 -25.05 15.79 48.51
N LYS A 83 -24.82 14.48 48.48
CA LYS A 83 -24.48 13.70 49.69
C LYS A 83 -23.05 13.92 50.20
N TYR A 84 -22.21 14.59 49.41
CA TYR A 84 -20.83 14.90 49.79
C TYR A 84 -20.72 16.37 50.23
N PRO A 85 -19.62 16.74 50.94
CA PRO A 85 -19.56 18.10 51.49
C PRO A 85 -19.22 19.15 50.44
N LEU A 86 -19.44 20.41 50.82
CA LEU A 86 -19.22 21.56 49.94
C LEU A 86 -20.16 21.58 48.71
N HIS A 87 -21.36 21.02 48.85
CA HIS A 87 -22.36 20.99 47.76
C HIS A 87 -22.78 22.41 47.31
N GLN A 88 -22.89 23.34 48.25
CA GLN A 88 -23.20 24.74 47.95
C GLN A 88 -22.16 25.42 47.04
N LEU A 89 -20.92 24.91 47.04
CA LEU A 89 -19.87 25.41 46.15
C LEU A 89 -20.02 25.02 44.66
N LEU A 90 -20.95 24.12 44.33
CA LEU A 90 -21.13 23.67 42.93
C LEU A 90 -22.18 24.47 42.18
N GLN A 91 -21.92 24.70 40.89
CA GLN A 91 -22.87 25.35 39.98
C GLN A 91 -23.98 24.35 39.63
N ASP A 92 -24.92 24.78 38.77
CA ASP A 92 -25.84 23.86 38.10
C ASP A 92 -25.02 22.92 37.19
N GLU A 93 -25.45 21.66 37.08
CA GLU A 93 -24.80 20.66 36.21
C GLU A 93 -24.62 21.16 34.77
N SER A 94 -25.61 21.90 34.28
CA SER A 94 -25.56 22.50 32.95
C SER A 94 -24.34 23.39 32.70
N SER A 95 -23.81 24.01 33.75
CA SER A 95 -22.60 24.86 33.64
C SER A 95 -21.28 24.08 33.79
N TYR A 96 -21.23 22.87 33.23
CA TYR A 96 -20.06 21.99 33.35
C TYR A 96 -19.90 21.05 32.13
N ILE A 97 -18.67 20.56 31.98
CA ILE A 97 -18.33 19.61 30.94
C ILE A 97 -17.33 18.60 31.52
N PHE A 98 -17.41 17.36 31.06
CA PHE A 98 -16.49 16.33 31.54
C PHE A 98 -15.16 16.42 30.82
N VAL A 99 -14.07 16.16 31.55
CA VAL A 99 -12.74 16.02 30.94
C VAL A 99 -11.95 14.89 31.59
N SER A 100 -11.18 14.17 30.79
CA SER A 100 -10.33 13.09 31.31
C SER A 100 -9.13 12.89 30.41
N VAL A 101 -8.16 12.12 30.92
CA VAL A 101 -6.97 11.71 30.17
C VAL A 101 -7.30 10.47 29.34
N THR A 102 -7.11 10.57 28.02
CA THR A 102 -7.38 9.47 27.07
C THR A 102 -6.14 8.57 26.85
N GLN A 103 -6.32 7.52 26.04
CA GLN A 103 -5.26 6.55 25.75
C GLN A 103 -4.17 7.08 24.83
N GLU A 104 -4.50 8.11 24.04
CA GLU A 104 -3.50 8.90 23.30
C GLU A 104 -2.69 9.87 24.22
N ALA A 105 -2.95 9.81 25.53
CA ALA A 105 -2.28 10.62 26.56
C ALA A 105 -2.52 12.13 26.44
N GLU A 106 -3.69 12.51 25.92
CA GLU A 106 -4.13 13.90 25.86
C GLU A 106 -5.44 14.06 26.60
N ARG A 107 -5.62 15.21 27.25
CA ARG A 107 -6.80 15.47 28.06
C ARG A 107 -7.96 16.02 27.23
N GLU A 108 -8.79 15.12 26.75
CA GLU A 108 -9.96 15.48 25.93
C GLU A 108 -11.10 16.03 26.77
N GLU A 109 -11.62 17.20 26.38
CA GLU A 109 -12.86 17.75 26.93
C GLU A 109 -14.00 17.09 26.16
N PHE A 110 -14.88 16.37 26.86
CA PHE A 110 -15.97 15.65 26.21
C PHE A 110 -17.18 16.55 26.01
N PHE A 111 -17.25 17.15 24.83
CA PHE A 111 -18.33 18.10 24.50
C PHE A 111 -19.62 17.41 24.12
N ASP A 112 -19.54 16.37 23.28
CA ASP A 112 -20.71 15.60 22.85
C ASP A 112 -21.12 14.63 23.96
N GLU A 113 -22.01 15.06 24.85
CA GLU A 113 -22.34 14.29 26.05
C GLU A 113 -23.31 13.13 25.82
N THR A 114 -23.76 12.93 24.59
CA THR A 114 -24.43 11.71 24.18
C THR A 114 -23.53 10.48 24.09
N ARG A 115 -22.20 10.68 24.05
CA ARG A 115 -21.23 9.58 24.00
C ARG A 115 -21.20 8.73 25.26
N ARG A 116 -20.86 7.45 25.08
CA ARG A 116 -20.90 6.48 26.18
C ARG A 116 -19.51 6.22 26.76
N LEU A 117 -19.47 5.83 28.03
CA LEU A 117 -18.25 5.60 28.80
C LEU A 117 -17.22 4.65 28.12
N CYS A 118 -17.69 3.65 27.40
CA CYS A 118 -16.79 2.73 26.67
C CYS A 118 -16.16 3.33 25.41
N ASP A 119 -16.94 4.13 24.71
CA ASP A 119 -16.53 4.71 23.45
C ASP A 119 -15.51 5.87 23.59
N LEU A 120 -15.18 6.30 24.83
CA LEU A 120 -14.29 7.47 25.09
C LEU A 120 -12.79 7.23 25.10
N ARG A 121 -12.39 5.97 25.27
CA ARG A 121 -10.97 5.57 25.28
C ARG A 121 -10.24 6.23 26.44
N LEU A 122 -10.64 5.85 27.65
CA LEU A 122 -10.38 6.66 28.85
C LEU A 122 -9.03 6.47 29.54
N PHE A 123 -8.25 5.49 29.14
CA PHE A 123 -7.02 5.12 29.88
C PHE A 123 -7.37 4.61 31.30
N GLN A 124 -7.56 5.51 32.27
CA GLN A 124 -8.13 5.10 33.57
C GLN A 124 -9.57 5.58 33.69
N PRO A 125 -10.42 4.80 34.40
CA PRO A 125 -11.82 5.17 34.50
C PRO A 125 -12.06 6.30 35.52
N PHE A 126 -11.93 7.54 35.06
CA PHE A 126 -12.20 8.71 35.89
C PHE A 126 -12.55 9.92 35.03
N LEU A 127 -13.40 10.79 35.57
CA LEU A 127 -13.85 11.99 34.88
C LEU A 127 -13.67 13.19 35.78
N LYS A 128 -13.30 14.34 35.20
CA LYS A 128 -13.17 15.59 35.95
C LYS A 128 -14.12 16.67 35.43
N VAL A 129 -14.72 17.40 36.38
CA VAL A 129 -15.77 18.37 36.08
C VAL A 129 -15.19 19.77 36.07
N ILE A 130 -15.51 20.54 35.03
CA ILE A 130 -14.96 21.89 34.78
C ILE A 130 -15.93 22.70 33.94
N GLU A 131 -15.84 24.02 33.99
CA GLU A 131 -16.67 24.88 33.12
C GLU A 131 -15.93 25.00 31.76
N PRO A 132 -16.68 25.13 30.63
CA PRO A 132 -16.04 24.98 29.29
C PRO A 132 -15.02 26.06 28.88
N VAL A 133 -13.73 25.77 29.12
CA VAL A 133 -12.64 26.64 28.65
C VAL A 133 -12.47 26.53 27.13
N GLY A 134 -11.77 27.49 26.55
CA GLY A 134 -11.56 27.56 25.10
C GLY A 134 -12.88 27.90 24.45
N ASN A 135 -13.32 29.14 24.68
CA ASN A 135 -14.70 29.59 24.41
C ASN A 135 -15.23 29.29 23.01
N ARG A 136 -14.34 29.21 22.02
CA ARG A 136 -14.67 28.65 20.72
C ARG A 136 -14.68 27.13 20.87
N GLU A 137 -15.83 26.62 21.30
CA GLU A 137 -16.08 25.19 21.44
C GLU A 137 -16.07 24.54 20.06
N GLU A 138 -16.65 25.24 19.08
CA GLU A 138 -16.69 24.79 17.67
C GLU A 138 -15.32 24.40 17.13
N LYS A 139 -14.30 25.13 17.55
CA LYS A 139 -12.92 24.88 17.13
C LYS A 139 -12.33 23.63 17.75
N ILE A 140 -12.73 23.29 18.98
CA ILE A 140 -12.19 22.08 19.64
C ILE A 140 -12.99 20.82 19.22
N LEU A 141 -13.69 20.90 18.07
CA LEU A 141 -14.06 19.71 17.27
C LEU A 141 -13.00 19.50 16.14
N ASN A 142 -11.75 19.52 16.62
CA ASN A 142 -10.61 18.86 16.03
C ASN A 142 -10.49 17.46 16.58
N ARG A 143 -11.23 17.15 17.65
CA ARG A 143 -11.32 15.78 18.12
C ARG A 143 -11.91 14.91 17.01
N GLU A 144 -12.94 15.44 16.33
CA GLU A 144 -13.50 14.81 15.12
C GLU A 144 -12.39 14.36 14.17
N ILE A 145 -11.54 15.31 13.80
CA ILE A 145 -10.42 15.06 12.89
C ILE A 145 -9.48 13.99 13.46
N GLY A 146 -9.02 14.17 14.69
CA GLY A 146 -8.12 13.22 15.35
C GLY A 146 -8.71 11.88 15.74
N PHE A 147 -10.03 11.73 15.61
CA PHE A 147 -10.67 10.40 15.73
C PHE A 147 -10.64 9.71 14.38
N ALA A 148 -11.06 10.44 13.36
CA ALA A 148 -10.94 10.01 11.97
C ALA A 148 -9.52 9.58 11.65
N ILE A 149 -8.54 10.38 12.08
CA ILE A 149 -7.11 10.08 11.86
C ILE A 149 -6.55 9.05 12.84
N GLY A 150 -7.02 9.08 14.09
CA GLY A 150 -6.53 8.17 15.14
C GLY A 150 -5.35 8.64 15.98
N MET A 151 -4.86 9.84 15.69
CA MET A 151 -3.90 10.54 16.54
C MET A 151 -4.37 11.99 16.70
N PRO A 152 -4.22 12.56 17.91
CA PRO A 152 -4.91 13.80 18.20
C PRO A 152 -4.25 14.96 17.48
N VAL A 153 -5.04 15.95 17.09
CA VAL A 153 -4.53 17.06 16.27
C VAL A 153 -3.42 17.80 17.04
N CYS A 154 -3.63 18.00 18.34
CA CYS A 154 -2.62 18.63 19.22
C CYS A 154 -1.21 17.97 19.21
N GLU A 155 -1.12 16.72 18.78
CA GLU A 155 0.17 16.05 18.63
C GLU A 155 1.03 16.67 17.51
N PHE A 156 0.40 17.24 16.49
CA PHE A 156 1.13 18.01 15.45
C PHE A 156 1.57 19.41 15.93
N ASP A 157 0.68 20.09 16.64
CA ASP A 157 0.91 21.46 17.13
C ASP A 157 2.21 21.63 17.90
N MET A 158 2.63 20.58 18.61
CA MET A 158 3.93 20.54 19.27
C MET A 158 4.88 19.61 18.51
N VAL A 159 5.09 19.94 17.24
CA VAL A 159 6.20 19.39 16.43
C VAL A 159 7.15 20.55 16.12
N LYS A 160 8.44 20.37 16.44
CA LYS A 160 9.47 21.40 16.24
C LYS A 160 9.72 21.67 14.76
N ASP A 161 10.08 20.60 14.04
CA ASP A 161 10.32 20.59 12.59
C ASP A 161 9.55 21.69 11.83
N PRO A 162 10.27 22.60 11.14
CA PRO A 162 9.57 23.64 10.38
C PRO A 162 8.86 23.16 9.12
N GLU A 163 9.39 22.10 8.48
CA GLU A 163 8.78 21.56 7.26
C GLU A 163 7.33 21.15 7.49
N VAL A 164 7.15 20.37 8.56
CA VAL A 164 5.85 19.86 8.97
C VAL A 164 4.88 21.01 9.20
N GLN A 165 5.36 22.02 9.91
CA GLN A 165 4.55 23.17 10.28
C GLN A 165 4.30 24.04 9.06
N ASP A 166 5.28 24.11 8.17
CA ASP A 166 5.15 24.82 6.90
C ASP A 166 4.17 24.07 6.01
N PHE A 167 4.25 22.73 6.00
CA PHE A 167 3.26 21.92 5.27
C PHE A 167 1.85 22.27 5.68
N ARG A 168 1.60 22.20 6.98
CA ARG A 168 0.26 22.43 7.51
C ARG A 168 -0.35 23.77 7.05
N ARG A 169 0.44 24.83 7.08
CA ARG A 169 -0.05 26.16 6.70
C ARG A 169 -0.16 26.36 5.18
N ASN A 170 0.80 25.83 4.43
CA ASN A 170 0.81 25.97 2.97
C ASN A 170 -0.25 25.14 2.24
N ILE A 171 -0.47 23.91 2.71
CA ILE A 171 -1.38 22.98 2.04
C ILE A 171 -2.83 23.49 1.99
N LEU A 172 -3.18 24.42 2.88
CA LEU A 172 -4.52 25.02 2.91
C LEU A 172 -4.92 25.76 1.62
N ASN A 173 -3.93 26.21 0.86
CA ASN A 173 -4.17 26.72 -0.49
C ASN A 173 -5.10 25.76 -1.23
N VAL A 174 -4.72 24.49 -1.23
CA VAL A 174 -5.41 23.42 -1.98
C VAL A 174 -6.84 23.19 -1.50
N CYS A 175 -7.04 23.27 -0.19
CA CYS A 175 -8.31 23.01 0.46
C CYS A 175 -9.34 24.09 0.16
N LYS A 176 -8.90 25.34 0.22
CA LYS A 176 -9.75 26.47 -0.16
C LYS A 176 -10.21 26.36 -1.60
N GLU A 177 -9.25 26.08 -2.49
CA GLU A 177 -9.50 25.97 -3.93
C GLU A 177 -10.53 24.89 -4.31
N ALA A 178 -10.46 23.75 -3.62
CA ALA A 178 -11.43 22.67 -3.81
C ALA A 178 -12.79 23.13 -3.34
N VAL A 179 -12.88 23.59 -2.09
CA VAL A 179 -14.13 24.06 -1.50
C VAL A 179 -14.80 25.13 -2.37
N ASP A 180 -13.98 25.99 -2.97
CA ASP A 180 -14.48 27.01 -3.89
C ASP A 180 -15.07 26.36 -5.14
N LEU A 181 -14.36 25.38 -5.71
CA LEU A 181 -14.88 24.61 -6.87
C LEU A 181 -16.23 23.92 -6.61
N ARG A 182 -16.46 23.49 -5.37
CA ARG A 182 -17.73 22.86 -4.97
C ARG A 182 -18.91 23.83 -4.96
N ASP A 183 -18.79 24.91 -4.18
CA ASP A 183 -19.91 25.85 -3.93
C ASP A 183 -20.00 26.90 -5.04
N LEU A 184 -19.96 26.42 -6.28
CA LEU A 184 -19.80 27.24 -7.47
C LEU A 184 -21.13 27.30 -8.24
N ASN A 185 -21.65 26.13 -8.62
CA ASN A 185 -23.00 25.98 -9.18
C ASN A 185 -23.89 25.24 -8.18
N SER A 186 -23.79 25.62 -6.90
CA SER A 186 -24.58 24.97 -5.84
C SER A 186 -26.07 25.34 -6.01
N PRO A 187 -27.02 24.41 -5.75
CA PRO A 187 -26.77 23.13 -5.10
C PRO A 187 -26.33 21.99 -6.02
N HIS A 188 -26.24 22.23 -7.33
CA HIS A 188 -25.90 21.16 -8.26
C HIS A 188 -24.49 20.61 -8.05
N SER A 189 -23.50 21.49 -8.02
CA SER A 189 -22.11 21.04 -7.88
C SER A 189 -21.78 20.44 -6.51
N ARG A 190 -22.52 20.82 -5.47
CA ARG A 190 -22.39 20.17 -4.16
C ARG A 190 -22.82 18.70 -4.25
N ALA A 191 -23.93 18.45 -4.93
CA ALA A 191 -24.40 17.09 -5.21
C ALA A 191 -23.43 16.36 -6.13
N MET A 192 -22.87 17.08 -7.08
CA MET A 192 -21.83 16.53 -7.94
C MET A 192 -20.57 16.07 -7.19
N TYR A 193 -20.20 16.80 -6.12
CA TYR A 193 -19.08 16.40 -5.24
C TYR A 193 -19.47 15.10 -4.53
N VAL A 194 -20.60 15.14 -3.84
CA VAL A 194 -21.06 14.04 -3.01
C VAL A 194 -21.35 12.76 -3.80
N TYR A 195 -22.01 12.92 -4.96
CA TYR A 195 -22.53 11.82 -5.78
C TYR A 195 -22.01 11.89 -7.22
N PRO A 196 -20.69 11.73 -7.39
CA PRO A 196 -20.13 11.81 -8.76
C PRO A 196 -20.63 10.67 -9.63
N PRO A 197 -20.77 10.90 -10.94
CA PRO A 197 -21.33 9.87 -11.80
C PRO A 197 -20.39 8.68 -11.92
N ASN A 198 -20.94 7.48 -11.74
CA ASN A 198 -20.16 6.24 -11.70
C ASN A 198 -20.05 5.70 -13.12
N VAL A 199 -18.98 6.06 -13.81
CA VAL A 199 -18.95 6.07 -15.27
C VAL A 199 -17.68 5.44 -15.84
N GLU A 200 -17.85 4.61 -16.87
CA GLU A 200 -16.72 3.99 -17.58
C GLU A 200 -15.95 5.09 -18.28
N SER A 201 -14.65 4.89 -18.47
CA SER A 201 -13.79 5.90 -19.10
C SER A 201 -14.16 6.17 -20.57
N SER A 202 -14.63 5.12 -21.26
CA SER A 202 -15.01 5.20 -22.68
C SER A 202 -16.52 5.30 -22.87
N PRO A 203 -16.98 6.16 -23.79
CA PRO A 203 -18.37 6.10 -24.26
C PRO A 203 -18.59 4.97 -25.26
N GLU A 204 -17.61 4.74 -26.15
CA GLU A 204 -17.58 3.60 -27.08
C GLU A 204 -17.90 2.27 -26.40
N LEU A 205 -18.61 1.40 -27.13
CA LEU A 205 -19.10 0.13 -26.59
C LEU A 205 -18.39 -1.05 -27.28
N PRO A 206 -17.95 -2.06 -26.49
CA PRO A 206 -17.39 -3.28 -27.08
C PRO A 206 -18.42 -4.05 -27.90
N LYS A 207 -17.95 -4.63 -29.00
CA LYS A 207 -18.83 -5.31 -29.96
C LYS A 207 -19.68 -6.42 -29.36
N HIS A 208 -19.14 -7.12 -28.36
CA HIS A 208 -19.87 -8.19 -27.67
C HIS A 208 -20.95 -7.65 -26.72
N ILE A 209 -20.72 -6.49 -26.11
CA ILE A 209 -21.77 -5.80 -25.36
C ILE A 209 -22.87 -5.36 -26.32
N TYR A 210 -22.49 -4.68 -27.41
CA TYR A 210 -23.44 -4.08 -28.37
C TYR A 210 -24.44 -5.08 -28.97
N ASN A 211 -23.98 -6.30 -29.22
CA ASN A 211 -24.83 -7.37 -29.77
C ASN A 211 -25.87 -7.93 -28.81
N LYS A 212 -25.73 -7.64 -27.50
CA LYS A 212 -26.79 -7.94 -26.51
C LYS A 212 -27.85 -6.84 -26.45
N LEU A 213 -28.15 -6.22 -27.60
CA LEU A 213 -29.23 -5.23 -27.72
C LEU A 213 -29.99 -5.44 -29.05
N ASP A 214 -31.04 -4.64 -29.27
CA ASP A 214 -31.73 -4.55 -30.58
C ASP A 214 -31.09 -3.43 -31.39
N LYS A 215 -29.90 -3.72 -31.91
CA LYS A 215 -29.12 -2.75 -32.68
C LYS A 215 -28.98 -1.41 -31.94
N GLY A 216 -28.73 -1.51 -30.64
CA GLY A 216 -28.61 -0.36 -29.73
C GLY A 216 -29.88 0.08 -28.99
N GLN A 217 -30.64 -0.87 -28.46
CA GLN A 217 -31.74 -0.54 -27.54
C GLN A 217 -31.77 -1.41 -26.27
N ILE A 218 -32.10 -0.77 -25.15
CA ILE A 218 -32.24 -1.43 -23.84
C ILE A 218 -33.66 -1.23 -23.35
N ILE A 219 -34.18 -2.19 -22.59
CA ILE A 219 -35.41 -1.98 -21.79
C ILE A 219 -34.95 -1.57 -20.39
N VAL A 220 -35.43 -0.41 -19.93
CA VAL A 220 -35.16 0.15 -18.61
C VAL A 220 -36.46 0.02 -17.79
N VAL A 221 -36.41 0.29 -16.49
CA VAL A 221 -37.62 0.35 -15.67
C VAL A 221 -37.54 1.56 -14.76
N ILE A 222 -38.23 2.65 -15.11
CA ILE A 222 -38.25 3.86 -14.25
C ILE A 222 -39.33 3.74 -13.17
N TRP A 223 -38.96 4.08 -11.93
CA TRP A 223 -39.86 3.98 -10.80
C TRP A 223 -40.18 5.36 -10.27
N VAL A 224 -41.38 5.52 -9.75
CA VAL A 224 -41.90 6.80 -9.23
C VAL A 224 -42.77 6.46 -8.02
N ILE A 225 -42.97 7.42 -7.13
CA ILE A 225 -43.78 7.26 -5.90
C ILE A 225 -44.84 8.40 -5.79
N VAL A 226 -45.89 8.20 -4.98
CA VAL A 226 -46.91 9.27 -4.68
C VAL A 226 -47.24 9.53 -3.19
N SER A 227 -47.93 8.59 -2.51
CA SER A 227 -48.37 8.79 -1.10
C SER A 227 -48.70 7.49 -0.33
N PRO A 228 -48.28 7.35 0.94
CA PRO A 228 -47.37 8.26 1.65
C PRO A 228 -45.96 8.14 1.04
N ASN A 229 -45.47 6.91 1.01
CA ASN A 229 -44.50 6.46 0.01
C ASN A 229 -45.04 5.15 -0.57
N ASN A 230 -44.94 4.07 0.20
CA ASN A 230 -45.51 2.74 -0.10
C ASN A 230 -45.58 2.34 -1.60
N ASP A 231 -46.69 2.65 -2.27
CA ASP A 231 -46.89 2.21 -3.67
C ASP A 231 -46.02 3.03 -4.62
N LYS A 232 -45.37 2.30 -5.54
CA LYS A 232 -44.51 2.86 -6.56
C LYS A 232 -45.01 2.32 -7.88
N GLN A 233 -44.71 3.02 -8.96
CA GLN A 233 -45.22 2.63 -10.28
C GLN A 233 -44.11 2.44 -11.31
N LYS A 234 -44.05 1.24 -11.90
CA LYS A 234 -43.11 0.97 -13.00
C LYS A 234 -43.48 1.82 -14.19
N TYR A 235 -42.52 2.08 -15.06
CA TYR A 235 -42.74 2.76 -16.34
C TYR A 235 -41.66 2.27 -17.30
N THR A 236 -41.90 1.08 -17.85
CA THR A 236 -40.88 0.29 -18.54
C THR A 236 -40.53 0.79 -19.95
N LEU A 237 -39.60 1.73 -20.04
CA LEU A 237 -39.14 2.28 -21.33
C LEU A 237 -38.39 1.29 -22.19
N LYS A 238 -38.15 1.67 -23.44
CA LYS A 238 -37.24 0.94 -24.33
C LYS A 238 -36.48 1.95 -25.16
N ILE A 239 -35.53 2.60 -24.50
CA ILE A 239 -34.79 3.75 -25.06
C ILE A 239 -33.55 3.30 -25.85
N ASN A 240 -32.83 4.26 -26.42
CA ASN A 240 -31.50 3.99 -27.01
C ASN A 240 -30.44 3.86 -25.91
N HIS A 241 -29.43 3.03 -26.17
CA HIS A 241 -28.36 2.79 -25.20
C HIS A 241 -27.57 4.07 -24.91
N ASP A 242 -27.39 4.91 -25.93
CA ASP A 242 -26.60 6.13 -25.82
C ASP A 242 -27.42 7.44 -25.76
N CYS A 243 -28.58 7.39 -25.10
CA CYS A 243 -29.35 8.60 -24.82
C CYS A 243 -29.08 9.01 -23.36
N VAL A 244 -29.12 10.30 -23.09
CA VAL A 244 -28.68 10.85 -21.80
C VAL A 244 -29.78 10.70 -20.73
N PRO A 245 -29.47 11.00 -19.45
CA PRO A 245 -30.50 10.82 -18.41
C PRO A 245 -31.72 11.70 -18.59
N GLU A 246 -31.49 12.96 -18.95
CA GLU A 246 -32.55 13.93 -19.28
C GLU A 246 -33.60 13.32 -20.22
N GLN A 247 -33.13 12.72 -21.31
CA GLN A 247 -34.02 12.09 -22.29
C GLN A 247 -34.83 10.94 -21.68
N VAL A 248 -34.16 10.10 -20.89
CA VAL A 248 -34.81 8.98 -20.22
C VAL A 248 -35.87 9.51 -19.23
N ILE A 249 -35.56 10.62 -18.57
CA ILE A 249 -36.48 11.25 -17.60
C ILE A 249 -37.73 11.80 -18.30
N ALA A 250 -37.55 12.39 -19.48
CA ALA A 250 -38.68 12.90 -20.26
C ALA A 250 -39.64 11.76 -20.58
N GLU A 251 -39.13 10.74 -21.26
CA GLU A 251 -39.93 9.60 -21.74
C GLU A 251 -40.71 8.91 -20.63
N ALA A 252 -40.11 8.85 -19.43
CA ALA A 252 -40.80 8.34 -18.25
C ALA A 252 -42.00 9.20 -17.92
N ILE A 253 -41.77 10.51 -17.94
CA ILE A 253 -42.83 11.47 -17.67
C ILE A 253 -43.89 11.44 -18.78
N ARG A 254 -43.46 11.33 -20.03
CA ARG A 254 -44.40 11.16 -21.14
C ARG A 254 -45.34 10.05 -20.77
N LYS A 255 -44.82 8.83 -20.69
CA LYS A 255 -45.64 7.66 -20.35
C LYS A 255 -46.48 7.89 -19.10
N LYS A 256 -45.84 8.39 -18.04
CA LYS A 256 -46.52 8.73 -16.78
C LYS A 256 -47.74 9.62 -17.02
N THR A 257 -47.56 10.65 -17.86
CA THR A 257 -48.54 11.73 -18.09
C THR A 257 -49.21 11.79 -19.49
N ARG A 258 -49.26 10.66 -20.22
CA ARG A 258 -50.17 10.54 -21.37
C ARG A 258 -51.54 10.29 -20.79
N SER A 259 -52.57 10.75 -21.48
CA SER A 259 -53.95 10.64 -20.99
C SER A 259 -54.95 10.89 -22.08
N MET A 260 -56.15 10.35 -21.91
CA MET A 260 -57.29 10.64 -22.81
C MET A 260 -57.86 12.05 -22.61
N LEU A 261 -57.56 12.65 -21.47
CA LEU A 261 -57.95 14.03 -21.20
C LEU A 261 -56.83 15.07 -21.46
N LEU A 262 -55.71 14.66 -22.07
CA LEU A 262 -54.64 15.59 -22.48
C LEU A 262 -54.34 15.48 -23.97
N SER A 263 -54.40 16.60 -24.68
CA SER A 263 -54.08 16.63 -26.12
C SER A 263 -52.62 16.30 -26.35
N SER A 264 -52.24 16.21 -27.62
CA SER A 264 -50.84 16.03 -27.98
C SER A 264 -49.95 17.21 -27.54
N GLU A 265 -50.39 18.44 -27.81
CA GLU A 265 -49.63 19.61 -27.39
C GLU A 265 -49.60 19.73 -25.87
N GLN A 266 -50.77 19.65 -25.25
CA GLN A 266 -50.91 19.72 -23.79
C GLN A 266 -50.00 18.73 -23.04
N LEU A 267 -49.72 17.58 -23.63
CA LEU A 267 -48.75 16.64 -23.07
C LEU A 267 -47.36 17.26 -23.12
N LYS A 268 -46.92 17.68 -24.30
CA LYS A 268 -45.59 18.31 -24.49
C LYS A 268 -45.31 19.51 -23.57
N LEU A 269 -46.34 20.31 -23.33
CA LEU A 269 -46.22 21.47 -22.44
C LEU A 269 -46.18 21.07 -20.96
N CYS A 270 -46.85 19.97 -20.61
CA CYS A 270 -46.72 19.36 -19.27
C CYS A 270 -45.35 18.70 -19.05
N VAL A 271 -44.78 18.13 -20.12
CA VAL A 271 -43.46 17.50 -20.06
C VAL A 271 -42.37 18.48 -19.65
N LEU A 272 -42.30 19.62 -20.33
CA LEU A 272 -41.23 20.60 -20.13
C LEU A 272 -41.17 21.16 -18.70
N GLU A 273 -42.32 21.51 -18.13
CA GLU A 273 -42.37 21.99 -16.73
C GLU A 273 -41.88 20.91 -15.75
N TYR A 274 -42.39 19.69 -15.91
CA TYR A 274 -42.04 18.55 -15.05
C TYR A 274 -40.61 18.00 -15.21
N GLN A 275 -40.01 18.17 -16.39
CA GLN A 275 -38.77 17.46 -16.78
C GLN A 275 -37.59 17.65 -15.81
N GLY A 276 -37.13 18.90 -15.69
CA GLY A 276 -35.92 19.24 -14.92
C GLY A 276 -36.11 19.44 -13.42
N LYS A 277 -37.24 18.97 -12.90
CA LYS A 277 -37.49 18.89 -11.47
C LYS A 277 -37.10 17.51 -10.91
N TYR A 278 -36.66 16.62 -11.79
CA TYR A 278 -36.24 15.29 -11.39
C TYR A 278 -34.85 14.96 -11.90
N ILE A 279 -34.18 14.05 -11.19
CA ILE A 279 -32.99 13.32 -11.67
C ILE A 279 -33.07 11.82 -11.33
N LEU A 280 -32.27 11.03 -12.05
CA LEU A 280 -32.28 9.57 -11.92
C LEU A 280 -31.34 9.05 -10.83
N LYS A 281 -31.90 8.19 -9.98
CA LYS A 281 -31.17 7.47 -8.94
C LYS A 281 -31.14 6.00 -9.36
N VAL A 282 -30.10 5.26 -8.97
CA VAL A 282 -30.12 3.79 -9.10
C VAL A 282 -30.95 3.26 -7.94
N CYS A 283 -31.87 2.36 -8.23
CA CYS A 283 -32.66 1.74 -7.18
C CYS A 283 -31.72 0.82 -6.36
N GLY A 284 -31.70 1.01 -5.04
CA GLY A 284 -31.00 0.11 -4.11
C GLY A 284 -29.68 0.58 -3.52
N CYS A 285 -29.22 1.75 -3.92
CA CYS A 285 -27.96 2.33 -3.45
C CYS A 285 -27.85 3.81 -3.80
N ASP A 286 -27.11 4.57 -3.00
CA ASP A 286 -26.93 5.99 -3.27
C ASP A 286 -25.99 6.21 -4.43
N GLU A 287 -26.54 6.07 -5.63
CA GLU A 287 -25.85 6.40 -6.88
C GLU A 287 -26.85 7.17 -7.75
N TYR A 288 -26.36 8.16 -8.50
CA TYR A 288 -27.21 9.06 -9.27
C TYR A 288 -26.60 9.38 -10.63
N PHE A 289 -27.49 9.67 -11.60
CA PHE A 289 -27.11 10.00 -12.97
C PHE A 289 -27.23 11.49 -13.15
N LEU A 290 -26.15 12.21 -12.87
CA LEU A 290 -26.22 13.65 -12.77
C LEU A 290 -25.69 14.43 -13.96
N GLU A 291 -24.91 13.82 -14.85
CA GLU A 291 -24.47 14.56 -16.06
C GLU A 291 -24.63 13.83 -17.37
N LYS A 292 -24.62 14.62 -18.45
CA LYS A 292 -24.78 14.12 -19.83
C LYS A 292 -23.72 13.10 -20.21
N TYR A 293 -24.01 11.86 -19.88
CA TYR A 293 -23.26 10.74 -20.37
C TYR A 293 -24.30 9.83 -21.06
N PRO A 294 -23.90 9.19 -22.18
CA PRO A 294 -24.69 8.07 -22.67
C PRO A 294 -25.01 7.08 -21.55
N LEU A 295 -26.26 6.61 -21.46
CA LEU A 295 -26.65 5.65 -20.39
C LEU A 295 -25.72 4.46 -20.27
N SER A 296 -25.30 3.90 -21.40
CA SER A 296 -24.32 2.80 -21.44
C SER A 296 -23.01 3.08 -20.68
N GLN A 297 -22.59 4.34 -20.68
CA GLN A 297 -21.34 4.75 -20.06
C GLN A 297 -21.35 4.65 -18.53
N TYR A 298 -22.49 4.89 -17.90
CA TYR A 298 -22.61 4.68 -16.45
C TYR A 298 -22.43 3.21 -16.16
N LYS A 299 -21.70 2.90 -15.09
CA LYS A 299 -21.25 1.52 -14.87
C LYS A 299 -22.38 0.56 -14.51
N TYR A 300 -23.40 1.05 -13.82
CA TYR A 300 -24.60 0.24 -13.47
C TYR A 300 -25.37 -0.28 -14.69
N ILE A 301 -25.39 0.51 -15.75
CA ILE A 301 -26.07 0.12 -16.98
C ILE A 301 -25.26 -0.99 -17.60
N ARG A 302 -24.00 -0.69 -17.90
CA ARG A 302 -23.14 -1.64 -18.58
C ARG A 302 -22.99 -2.96 -17.81
N SER A 303 -23.10 -2.93 -16.49
CA SER A 303 -23.21 -4.16 -15.69
C SER A 303 -24.52 -4.88 -15.93
N CYS A 304 -25.60 -4.12 -15.95
CA CYS A 304 -26.94 -4.65 -16.24
C CYS A 304 -27.02 -5.29 -17.64
N ILE A 305 -26.35 -4.68 -18.63
CA ILE A 305 -26.29 -5.26 -19.98
C ILE A 305 -25.60 -6.62 -19.93
N MET A 306 -24.42 -6.67 -19.33
CA MET A 306 -23.61 -7.88 -19.32
C MET A 306 -24.29 -9.00 -18.55
N LEU A 307 -24.81 -8.67 -17.37
CA LEU A 307 -25.46 -9.66 -16.51
C LEU A 307 -26.85 -10.12 -16.97
N GLY A 308 -27.40 -9.48 -18.01
CA GLY A 308 -28.74 -9.81 -18.50
C GLY A 308 -29.78 -9.34 -17.51
N ARG A 309 -29.72 -8.04 -17.23
CA ARG A 309 -30.61 -7.42 -16.27
C ARG A 309 -31.22 -6.17 -16.88
N MET A 310 -32.38 -5.81 -16.35
CA MET A 310 -33.16 -4.69 -16.83
C MET A 310 -32.98 -3.62 -15.77
N PRO A 311 -32.31 -2.50 -16.11
CA PRO A 311 -32.01 -1.52 -15.07
C PRO A 311 -33.22 -1.06 -14.27
N ASN A 312 -32.99 -0.73 -13.00
CA ASN A 312 -34.02 -0.17 -12.14
C ASN A 312 -33.57 1.16 -11.57
N LEU A 313 -33.98 2.21 -12.26
CA LEU A 313 -33.71 3.59 -11.88
C LEU A 313 -34.93 4.15 -11.16
N MET A 314 -34.77 5.30 -10.52
CA MET A 314 -35.86 5.93 -9.76
C MET A 314 -35.91 7.41 -10.09
N LEU A 315 -37.10 7.95 -10.35
CA LEU A 315 -37.26 9.39 -10.51
C LEU A 315 -37.23 9.99 -9.13
N MET A 316 -36.27 10.89 -8.95
CA MET A 316 -36.01 11.54 -7.68
C MET A 316 -36.15 13.04 -7.89
N ALA A 317 -36.99 13.64 -7.04
CA ALA A 317 -37.12 15.10 -6.94
C ALA A 317 -35.76 15.74 -6.64
N LYS A 318 -35.36 16.71 -7.46
CA LYS A 318 -34.11 17.44 -7.19
C LYS A 318 -34.11 18.09 -5.82
N GLU A 319 -35.25 18.60 -5.40
CA GLU A 319 -35.32 19.24 -4.07
C GLU A 319 -35.34 18.25 -2.90
N SER A 320 -35.88 17.05 -3.08
CA SER A 320 -35.75 16.02 -2.04
C SER A 320 -34.28 15.57 -1.92
N LEU A 321 -33.52 15.65 -3.03
CA LEU A 321 -32.08 15.39 -3.00
C LEU A 321 -31.34 16.56 -2.35
N TYR A 322 -31.47 17.74 -2.93
CA TYR A 322 -30.83 18.97 -2.41
C TYR A 322 -31.23 19.32 -0.95
N SER A 323 -32.30 18.70 -0.45
CA SER A 323 -32.56 18.62 0.99
C SER A 323 -31.41 17.93 1.71
N GLN A 324 -31.16 16.69 1.32
CA GLN A 324 -30.22 15.79 2.02
C GLN A 324 -28.72 16.16 1.94
N LEU A 325 -28.34 17.16 1.13
CA LEU A 325 -27.00 17.72 1.14
C LEU A 325 -26.87 18.82 2.20
N PRO A 326 -26.07 18.59 3.26
CA PRO A 326 -25.85 19.69 4.20
C PRO A 326 -24.64 20.52 3.78
N MET A 327 -24.59 21.76 4.25
CA MET A 327 -23.54 22.69 3.82
C MET A 327 -22.21 22.27 4.42
N ASP A 328 -21.15 22.40 3.61
CA ASP A 328 -19.79 21.96 3.99
C ASP A 328 -19.07 22.91 4.94
N CYS A 329 -19.24 24.22 4.72
CA CYS A 329 -18.76 25.28 5.62
C CYS A 329 -17.29 25.12 6.09
N PHE A 330 -16.38 25.27 5.13
CA PHE A 330 -14.93 25.15 5.41
C PHE A 330 -14.38 26.34 6.16
N THR A 331 -13.65 26.04 7.24
CA THR A 331 -13.07 27.05 8.11
C THR A 331 -11.56 26.94 8.12
N MET A 332 -10.89 28.06 7.89
CA MET A 332 -9.45 28.14 8.06
C MET A 332 -9.11 27.86 9.53
N PRO A 333 -8.07 27.07 9.77
CA PRO A 333 -7.75 26.69 11.14
C PRO A 333 -7.12 27.81 11.99
N SER A 334 -6.96 27.50 13.27
CA SER A 334 -6.28 28.35 14.25
C SER A 334 -4.81 28.63 13.93
N TYR A 335 -4.16 27.72 13.21
CA TYR A 335 -2.76 27.91 12.75
C TYR A 335 -2.66 28.74 11.43
N SER A 336 -3.53 29.74 11.27
CA SER A 336 -3.66 30.58 10.07
C SER A 336 -3.81 29.76 8.78
N ASN A 347 12.13 35.21 3.37
CA ASN A 347 12.49 34.14 4.31
C ASN A 347 14.00 34.08 4.60
N GLY A 348 14.79 33.67 3.61
CA GLY A 348 16.22 33.47 3.78
C GLY A 348 17.01 34.77 3.70
N GLU A 349 18.18 34.78 4.34
CA GLU A 349 19.15 35.88 4.19
C GLU A 349 19.63 35.93 2.73
N THR A 350 19.66 37.12 2.13
CA THR A 350 19.88 37.24 0.67
C THR A 350 21.33 36.99 0.27
N SER A 351 21.53 36.71 -1.04
CA SER A 351 22.84 36.45 -1.66
C SER A 351 23.63 35.27 -1.06
N THR A 352 22.93 34.29 -0.51
CA THR A 352 23.54 33.23 0.32
C THR A 352 24.58 32.40 -0.42
N LYS A 353 24.16 31.82 -1.53
CA LYS A 353 25.04 31.03 -2.39
C LYS A 353 24.36 30.52 -3.66
N SER A 354 25.16 30.37 -4.71
CA SER A 354 24.88 29.36 -5.71
C SER A 354 25.62 28.16 -5.14
N LEU A 355 24.99 27.00 -5.11
CA LEU A 355 25.72 25.78 -4.82
C LEU A 355 26.96 25.68 -5.72
N TRP A 356 26.86 26.29 -6.90
CA TRP A 356 27.91 26.26 -7.91
C TRP A 356 29.16 27.14 -7.64
N VAL A 357 29.10 27.99 -6.62
CA VAL A 357 30.27 28.72 -6.13
C VAL A 357 31.22 27.81 -5.32
N ILE A 358 30.68 26.79 -4.67
CA ILE A 358 31.46 25.95 -3.71
C ILE A 358 32.52 25.14 -4.44
N ASN A 359 33.78 25.44 -4.15
CA ASN A 359 34.91 24.91 -4.88
C ASN A 359 35.64 23.85 -4.06
N SER A 360 34.97 22.74 -3.80
CA SER A 360 35.57 21.59 -3.10
C SER A 360 34.77 20.31 -3.32
N ALA A 361 35.41 19.18 -3.06
CA ALA A 361 34.75 17.87 -3.14
C ALA A 361 33.74 17.73 -2.00
N LEU A 362 32.96 16.64 -2.03
CA LEU A 362 32.09 16.31 -0.91
C LEU A 362 32.87 15.46 0.05
N ARG A 363 32.70 15.79 1.33
CA ARG A 363 33.18 14.96 2.41
C ARG A 363 32.20 15.03 3.58
N ILE A 364 32.05 13.89 4.26
CA ILE A 364 31.07 13.72 5.32
C ILE A 364 31.75 13.01 6.51
N LYS A 365 31.57 13.59 7.71
CA LYS A 365 32.18 13.06 8.92
C LYS A 365 31.27 12.06 9.60
N ILE A 366 31.78 10.83 9.77
CA ILE A 366 31.07 9.73 10.43
C ILE A 366 31.57 9.61 11.87
N LEU A 367 30.77 10.02 12.85
CA LEU A 367 31.26 10.21 14.24
C LEU A 367 31.13 8.99 15.16
N CYS A 368 29.91 8.68 15.61
CA CYS A 368 29.72 7.53 16.50
C CYS A 368 28.34 6.94 16.39
N ALA A 369 28.28 5.60 16.31
CA ALA A 369 27.05 4.84 16.50
C ALA A 369 26.96 4.43 17.96
N THR A 370 25.77 4.55 18.53
CA THR A 370 25.57 4.40 19.97
C THR A 370 25.05 3.01 20.32
N TYR A 371 23.94 2.64 19.69
CA TYR A 371 23.07 1.55 20.14
C TYR A 371 23.18 0.35 19.20
N VAL A 372 24.41 -0.12 19.01
CA VAL A 372 24.70 -1.26 18.13
C VAL A 372 24.60 -2.58 18.91
N ASN A 373 23.62 -3.42 18.55
CA ASN A 373 23.32 -4.67 19.26
C ASN A 373 23.86 -5.89 18.52
N VAL A 374 25.06 -6.34 18.91
CA VAL A 374 25.77 -7.40 18.16
C VAL A 374 26.44 -8.40 19.10
N ASN A 375 26.48 -9.67 18.69
CA ASN A 375 27.30 -10.69 19.37
C ASN A 375 28.78 -10.47 19.09
N ILE A 376 29.53 -10.17 20.14
CA ILE A 376 30.99 -10.00 20.04
C ILE A 376 31.66 -11.34 19.68
N ARG A 377 31.11 -12.45 20.16
CA ARG A 377 31.65 -13.78 19.87
C ARG A 377 31.48 -14.17 18.40
N ASP A 378 30.36 -13.73 17.81
CA ASP A 378 30.02 -14.06 16.43
C ASP A 378 30.80 -13.20 15.42
N ILE A 379 30.69 -11.88 15.58
CA ILE A 379 31.25 -10.90 14.64
C ILE A 379 32.67 -10.48 15.04
N ASP A 380 33.50 -10.18 14.04
CA ASP A 380 34.87 -9.69 14.27
C ASP A 380 34.89 -8.17 14.40
N LYS A 381 34.41 -7.51 13.35
CA LYS A 381 34.57 -6.06 13.21
C LYS A 381 33.37 -5.41 12.52
N ILE A 382 33.11 -4.14 12.85
CA ILE A 382 31.98 -3.40 12.26
C ILE A 382 32.42 -2.03 11.71
N TYR A 383 31.72 -1.59 10.67
CA TYR A 383 32.07 -0.37 9.94
C TYR A 383 30.86 0.27 9.27
N VAL A 384 30.95 1.58 9.01
CA VAL A 384 29.90 2.31 8.28
C VAL A 384 30.20 2.33 6.80
N ARG A 385 29.33 1.73 6.02
CA ARG A 385 29.32 1.89 4.57
C ARG A 385 28.50 3.13 4.22
N THR A 386 28.86 3.80 3.13
CA THR A 386 28.15 5.01 2.66
C THR A 386 28.16 5.11 1.14
N GLY A 387 27.38 6.05 0.61
CA GLY A 387 27.33 6.36 -0.83
C GLY A 387 26.38 7.50 -1.12
N ILE A 388 26.56 8.15 -2.25
CA ILE A 388 25.61 9.17 -2.72
C ILE A 388 24.73 8.48 -3.76
N TYR A 389 23.45 8.87 -3.82
CA TYR A 389 22.48 8.26 -4.74
C TYR A 389 21.49 9.26 -5.38
N HIS A 390 20.77 8.74 -6.38
CA HIS A 390 19.68 9.41 -7.11
C HIS A 390 18.67 8.31 -7.59
N GLY A 391 18.42 7.28 -6.77
CA GLY A 391 18.00 5.96 -7.28
C GLY A 391 19.23 5.10 -7.64
N GLY A 392 19.96 5.50 -8.69
CA GLY A 392 21.34 5.02 -8.97
C GLY A 392 22.40 5.99 -8.43
N GLU A 393 23.67 5.56 -8.35
CA GLU A 393 24.71 6.28 -7.56
C GLU A 393 25.64 7.26 -8.32
N PRO A 394 25.66 8.58 -7.96
CA PRO A 394 26.60 9.55 -8.57
C PRO A 394 28.12 9.40 -8.40
N LEU A 395 28.59 8.39 -7.66
CA LEU A 395 30.05 8.15 -7.50
C LEU A 395 30.41 6.79 -6.92
N CYS A 396 31.71 6.47 -6.96
CA CYS A 396 32.23 5.27 -6.30
C CYS A 396 31.81 5.21 -4.82
N ASP A 397 31.07 4.16 -4.51
CA ASP A 397 30.60 3.91 -3.15
C ASP A 397 31.78 3.73 -2.22
N ASN A 398 31.71 4.32 -1.02
CA ASN A 398 32.81 4.17 -0.06
C ASN A 398 32.42 3.82 1.40
N VAL A 399 33.41 3.36 2.13
CA VAL A 399 33.27 2.91 3.50
C VAL A 399 34.16 3.77 4.38
N ASN A 400 34.20 3.46 5.67
CA ASN A 400 35.29 3.90 6.54
C ASN A 400 36.01 2.67 7.04
N THR A 401 37.16 2.87 7.70
CA THR A 401 37.97 1.73 8.19
C THR A 401 37.23 1.00 9.31
N GLN A 402 37.61 -0.27 9.53
CA GLN A 402 36.91 -1.20 10.43
C GLN A 402 37.24 -0.94 11.92
N ARG A 403 37.24 0.33 12.32
CA ARG A 403 37.76 0.78 13.60
C ARG A 403 36.81 0.48 14.78
N VAL A 404 37.39 0.61 15.97
CA VAL A 404 36.76 0.28 17.28
C VAL A 404 35.58 -0.69 17.08
N PRO A 405 35.90 -1.93 16.66
CA PRO A 405 34.85 -2.88 16.35
C PRO A 405 33.97 -3.26 17.55
N CYS A 406 32.71 -3.57 17.24
CA CYS A 406 31.66 -3.85 18.23
C CYS A 406 31.52 -2.81 19.37
N SER A 407 32.35 -2.90 20.41
CA SER A 407 32.13 -2.12 21.65
C SER A 407 32.44 -0.63 21.49
N ASN A 408 31.45 0.22 21.77
CA ASN A 408 31.54 1.70 21.59
C ASN A 408 32.12 2.07 20.22
N PRO A 409 31.38 1.80 19.13
CA PRO A 409 31.90 1.98 17.77
C PRO A 409 32.03 3.46 17.41
N ARG A 410 33.27 3.88 17.24
CA ARG A 410 33.66 5.28 17.17
C ARG A 410 34.75 5.42 16.12
N TRP A 411 34.40 6.09 15.02
CA TRP A 411 35.33 6.53 13.99
C TRP A 411 35.13 8.03 14.04
N ASN A 412 36.17 8.80 13.81
CA ASN A 412 35.97 10.23 13.63
C ASN A 412 36.68 10.60 12.36
N GLU A 413 36.25 9.89 11.32
CA GLU A 413 36.77 10.04 9.97
C GLU A 413 35.92 11.03 9.20
N TRP A 414 36.56 11.72 8.27
CA TRP A 414 35.88 12.36 7.15
C TRP A 414 35.95 11.38 5.99
N LEU A 415 34.80 11.00 5.45
CA LEU A 415 34.76 10.24 4.22
C LEU A 415 34.88 11.20 3.03
N ASN A 416 35.64 10.78 2.01
CA ASN A 416 35.97 11.63 0.85
C ASN A 416 35.32 11.12 -0.44
N TYR A 417 34.21 11.76 -0.83
CA TYR A 417 33.40 11.34 -1.99
C TYR A 417 33.89 12.08 -3.21
N ASP A 418 34.34 11.36 -4.23
CA ASP A 418 34.76 11.99 -5.50
C ASP A 418 33.56 12.50 -6.33
N ILE A 419 33.02 13.63 -5.89
CA ILE A 419 32.08 14.43 -6.65
C ILE A 419 32.26 15.87 -6.22
N TYR A 420 32.33 16.79 -7.18
CA TYR A 420 32.43 18.21 -6.83
C TYR A 420 31.04 18.66 -6.41
N ILE A 421 31.00 19.45 -5.35
CA ILE A 421 29.77 19.87 -4.71
C ILE A 421 28.78 20.56 -5.66
N PRO A 422 29.27 21.30 -6.67
CA PRO A 422 28.32 21.85 -7.66
C PRO A 422 27.54 20.78 -8.48
N ASP A 423 28.18 19.64 -8.71
CA ASP A 423 27.60 18.54 -9.50
C ASP A 423 26.56 17.67 -8.75
N LEU A 424 26.37 17.90 -7.46
CA LEU A 424 25.26 17.29 -6.75
C LEU A 424 23.94 17.77 -7.38
N PRO A 425 23.08 16.81 -7.79
CA PRO A 425 21.75 17.18 -8.29
C PRO A 425 20.78 17.49 -7.15
N ARG A 426 19.78 18.33 -7.41
CA ARG A 426 18.75 18.77 -6.43
C ARG A 426 18.21 17.65 -5.56
N ALA A 427 18.03 16.47 -6.16
CA ALA A 427 17.45 15.31 -5.49
C ALA A 427 18.47 14.33 -4.91
N ALA A 428 19.68 14.78 -4.62
CA ALA A 428 20.74 13.89 -4.16
C ALA A 428 20.52 13.44 -2.71
N ARG A 429 20.99 12.23 -2.42
CA ARG A 429 20.75 11.60 -1.12
C ARG A 429 21.95 10.75 -0.69
N LEU A 430 22.38 10.94 0.54
CA LEU A 430 23.36 10.08 1.21
C LEU A 430 22.66 8.84 1.75
N CYS A 431 23.10 7.66 1.32
CA CYS A 431 22.58 6.38 1.83
C CYS A 431 23.71 5.65 2.51
N LEU A 432 23.50 5.31 3.78
CA LEU A 432 24.55 4.68 4.57
C LEU A 432 24.01 3.47 5.32
N SER A 433 24.92 2.67 5.86
CA SER A 433 24.58 1.46 6.62
C SER A 433 25.74 0.93 7.44
N ILE A 434 25.48 0.62 8.70
CA ILE A 434 26.48 0.00 9.57
C ILE A 434 26.53 -1.48 9.19
N CYS A 435 27.71 -2.04 9.02
CA CYS A 435 27.87 -3.44 8.59
C CYS A 435 28.75 -4.31 9.51
N SER A 436 28.76 -5.62 9.23
CA SER A 436 29.54 -6.61 9.99
C SER A 436 30.48 -7.36 9.05
N VAL A 437 31.68 -7.64 9.55
CA VAL A 437 32.65 -8.53 8.88
C VAL A 437 33.17 -9.55 9.88
N GLU A 445 35.36 -12.42 3.65
CA GLU A 445 34.15 -11.83 3.07
C GLU A 445 32.91 -12.23 3.87
N GLU A 446 32.68 -11.50 4.96
CA GLU A 446 31.58 -11.77 5.88
C GLU A 446 30.60 -10.57 5.90
N HIS A 447 30.49 -9.88 4.76
CA HIS A 447 29.80 -8.57 4.67
C HIS A 447 28.29 -8.72 4.89
N CYS A 448 27.72 -7.86 5.73
CA CYS A 448 26.40 -8.11 6.30
C CYS A 448 25.81 -6.91 7.06
N PRO A 449 24.75 -6.26 6.50
CA PRO A 449 24.28 -5.02 7.10
C PRO A 449 23.55 -5.23 8.43
N LEU A 450 23.67 -4.24 9.31
CA LEU A 450 23.11 -4.29 10.68
C LEU A 450 21.89 -3.38 10.82
N ALA A 451 22.08 -2.12 10.41
CA ALA A 451 21.01 -1.14 10.25
C ALA A 451 21.30 -0.30 9.01
N TRP A 452 20.41 0.63 8.68
CA TRP A 452 20.60 1.50 7.52
C TRP A 452 19.79 2.77 7.69
N GLY A 453 20.14 3.80 6.95
CA GLY A 453 19.38 5.05 7.00
C GLY A 453 19.86 6.05 5.98
N ASN A 454 18.93 6.81 5.41
CA ASN A 454 19.24 7.72 4.31
C ASN A 454 18.86 9.16 4.65
N ILE A 455 19.60 10.12 4.09
CA ILE A 455 19.33 11.55 4.29
C ILE A 455 19.33 12.26 2.95
N ASN A 456 18.41 13.20 2.77
CA ASN A 456 18.41 14.10 1.62
C ASN A 456 19.51 15.13 1.82
N LEU A 457 20.39 15.26 0.83
CA LEU A 457 21.53 16.20 0.92
C LEU A 457 21.10 17.66 0.83
N PHE A 458 19.86 17.91 0.43
CA PHE A 458 19.25 19.22 0.60
C PHE A 458 17.99 19.10 1.45
N ASP A 459 17.60 20.21 2.08
CA ASP A 459 16.36 20.30 2.85
C ASP A 459 15.22 20.75 1.93
N TYR A 460 14.03 20.90 2.50
CA TYR A 460 12.85 21.32 1.74
C TYR A 460 12.94 22.74 1.17
N THR A 461 13.66 23.63 1.87
CA THR A 461 13.89 25.03 1.39
C THR A 461 15.08 25.18 0.41
N ASP A 462 15.45 24.10 -0.28
CA ASP A 462 16.57 24.05 -1.24
C ASP A 462 17.99 24.13 -0.63
N THR A 463 18.09 24.13 0.69
CA THR A 463 19.35 24.43 1.40
C THR A 463 20.22 23.20 1.61
N LEU A 464 21.44 23.23 1.05
CA LEU A 464 22.43 22.15 1.23
C LEU A 464 22.61 21.82 2.73
N VAL A 465 22.75 20.55 3.05
CA VAL A 465 22.83 20.08 4.42
C VAL A 465 24.26 20.26 4.95
N SER A 466 24.40 21.08 6.00
CA SER A 466 25.69 21.42 6.62
C SER A 466 25.51 21.60 8.12
N GLY A 467 26.26 20.84 8.91
CA GLY A 467 26.12 20.82 10.39
C GLY A 467 26.24 19.44 11.02
N LYS A 468 25.47 19.22 12.08
CA LYS A 468 25.43 17.91 12.74
C LYS A 468 24.03 17.30 12.68
N MET A 469 23.95 16.03 12.30
CA MET A 469 22.70 15.28 12.18
C MET A 469 22.83 13.98 12.95
N ALA A 470 21.87 13.71 13.83
CA ALA A 470 21.72 12.39 14.46
C ALA A 470 20.72 11.59 13.63
N LEU A 471 21.11 10.37 13.26
CA LEU A 471 20.30 9.54 12.38
C LEU A 471 20.00 8.19 13.03
N ASN A 472 18.76 8.02 13.49
CA ASN A 472 18.29 6.76 14.07
C ASN A 472 17.93 5.82 12.94
N LEU A 473 18.47 4.63 12.95
CA LEU A 473 18.45 3.77 11.76
C LEU A 473 17.33 2.71 11.74
N TRP A 474 17.09 2.19 10.54
CA TRP A 474 16.04 1.20 10.26
C TRP A 474 16.67 -0.20 10.23
N PRO A 475 15.90 -1.23 10.63
CA PRO A 475 16.45 -2.58 10.63
C PRO A 475 16.44 -3.17 9.23
N VAL A 476 17.41 -4.03 8.95
CA VAL A 476 17.53 -4.65 7.63
C VAL A 476 16.32 -5.55 7.37
N PRO A 477 15.56 -5.30 6.27
CA PRO A 477 14.34 -6.08 6.06
C PRO A 477 14.59 -7.50 5.58
N HIS A 478 13.50 -8.20 5.28
CA HIS A 478 13.53 -9.61 4.90
C HIS A 478 14.36 -9.85 3.63
N GLY A 479 13.91 -9.25 2.53
CA GLY A 479 14.47 -9.53 1.20
C GLY A 479 15.85 -8.97 0.93
N LEU A 480 16.17 -7.82 1.53
CA LEU A 480 17.45 -7.15 1.28
C LEU A 480 18.64 -7.93 1.84
N GLU A 481 19.46 -8.45 0.92
CA GLU A 481 20.81 -8.94 1.26
C GLU A 481 21.89 -7.87 0.99
N ASP A 482 21.64 -6.97 0.02
CA ASP A 482 22.55 -5.85 -0.28
C ASP A 482 22.91 -5.00 0.94
N LEU A 483 24.09 -4.40 0.91
CA LEU A 483 24.61 -3.68 2.07
C LEU A 483 23.89 -2.37 2.37
N LEU A 484 23.42 -1.68 1.34
CA LEU A 484 23.14 -0.25 1.48
C LEU A 484 21.67 0.25 1.39
N ASN A 485 20.85 -0.37 0.54
CA ASN A 485 19.39 -0.06 0.46
C ASN A 485 19.00 1.44 0.22
N PRO A 486 19.15 1.91 -1.04
CA PRO A 486 18.77 3.28 -1.40
C PRO A 486 17.34 3.46 -1.92
N ILE A 487 16.57 2.39 -2.06
CA ILE A 487 15.12 2.50 -2.31
C ILE A 487 14.42 2.90 -1.01
N GLY A 488 14.99 2.46 0.12
CA GLY A 488 14.47 2.77 1.46
C GLY A 488 14.18 4.24 1.75
N VAL A 489 13.31 4.49 2.71
CA VAL A 489 12.79 5.84 2.94
C VAL A 489 13.84 6.83 3.47
N THR A 490 13.78 8.04 2.93
CA THR A 490 14.62 9.14 3.36
C THR A 490 14.14 9.63 4.72
N GLY A 491 15.08 9.78 5.65
CA GLY A 491 14.80 10.33 6.99
C GLY A 491 15.18 9.38 8.10
N SER A 492 15.16 9.92 9.33
CA SER A 492 15.47 9.17 10.54
C SER A 492 14.28 8.36 11.06
N ASN A 493 14.59 7.23 11.67
CA ASN A 493 13.60 6.33 12.26
C ASN A 493 12.95 6.98 13.50
N PRO A 494 11.60 7.07 13.55
CA PRO A 494 10.95 7.57 14.76
C PRO A 494 11.22 6.77 16.01
N ASN A 495 11.47 5.46 15.88
CA ASN A 495 11.86 4.62 17.02
C ASN A 495 13.22 5.08 17.59
N LYS A 496 13.20 5.60 18.82
CA LYS A 496 14.39 6.14 19.47
C LYS A 496 15.40 5.05 19.75
N GLU A 497 15.01 4.07 20.56
CA GLU A 497 15.93 3.03 21.03
C GLU A 497 16.29 2.06 19.88
N THR A 498 17.17 2.56 19.01
CA THR A 498 17.67 1.87 17.81
C THR A 498 19.05 2.44 17.51
N PRO A 499 19.81 1.80 16.61
CA PRO A 499 21.09 2.38 16.23
C PRO A 499 21.01 3.85 15.79
N CYS A 500 21.48 4.75 16.65
CA CYS A 500 21.66 6.16 16.30
C CYS A 500 23.11 6.38 15.93
N LEU A 501 23.34 6.65 14.64
CA LEU A 501 24.67 7.01 14.12
C LEU A 501 24.66 8.50 13.86
N GLU A 502 25.34 9.28 14.70
CA GLU A 502 25.44 10.74 14.53
C GLU A 502 26.65 11.09 13.67
N LEU A 503 26.57 12.23 12.98
CA LEU A 503 27.53 12.57 11.92
C LEU A 503 27.58 14.07 11.68
N GLU A 504 28.51 14.51 10.82
CA GLU A 504 28.74 15.94 10.55
C GLU A 504 29.03 16.21 9.09
N PHE A 505 28.34 17.22 8.56
CA PHE A 505 28.55 17.70 7.19
C PHE A 505 29.39 18.96 7.21
N ASP A 506 30.05 19.22 6.08
CA ASP A 506 30.97 20.34 5.92
C ASP A 506 30.22 21.69 5.94
N TRP A 507 30.76 22.64 6.72
CA TRP A 507 30.17 23.98 6.90
C TRP A 507 30.95 25.00 6.09
N PHE A 508 30.23 25.72 5.22
CA PHE A 508 30.86 26.62 4.24
C PHE A 508 30.59 28.10 4.53
N SER A 509 30.67 28.47 5.81
CA SER A 509 30.56 29.88 6.24
C SER A 509 29.38 30.67 5.63
N SER A 510 28.31 29.93 5.31
CA SER A 510 27.09 30.46 4.70
C SER A 510 26.17 29.28 4.39
N VAL A 511 24.87 29.47 4.56
CA VAL A 511 23.90 28.48 4.06
C VAL A 511 24.02 28.45 2.53
N VAL A 512 24.28 27.27 2.00
CA VAL A 512 24.39 27.05 0.56
C VAL A 512 23.02 26.66 0.04
N LYS A 513 22.50 27.41 -0.92
CA LYS A 513 21.21 27.06 -1.54
C LYS A 513 21.37 26.55 -2.99
N PHE A 514 20.44 25.69 -3.42
CA PHE A 514 20.46 25.12 -4.76
C PHE A 514 20.09 26.22 -5.75
N PRO A 515 20.77 26.25 -6.92
CA PRO A 515 20.57 27.36 -7.84
C PRO A 515 19.18 27.45 -8.42
N ASP A 516 18.79 28.66 -8.81
CA ASP A 516 17.45 28.97 -9.31
C ASP A 516 17.27 28.37 -10.69
N MET A 517 16.02 28.18 -11.10
CA MET A 517 15.76 27.65 -12.46
C MET A 517 16.18 28.67 -13.52
N SER A 518 16.02 29.96 -13.23
CA SER A 518 16.56 31.05 -14.06
C SER A 518 18.07 30.95 -14.32
N VAL A 519 18.84 30.51 -13.31
CA VAL A 519 20.28 30.28 -13.44
C VAL A 519 20.60 28.99 -14.17
N ILE A 520 19.84 27.93 -13.92
CA ILE A 520 20.08 26.65 -14.59
C ILE A 520 19.70 26.78 -16.07
N GLU A 521 18.59 27.47 -16.35
CA GLU A 521 18.12 27.74 -17.72
C GLU A 521 19.13 28.48 -18.58
N GLU A 522 19.98 29.30 -17.97
CA GLU A 522 21.06 30.00 -18.69
C GLU A 522 22.29 29.12 -18.90
N HIS A 523 22.73 28.43 -17.85
CA HIS A 523 23.86 27.51 -17.94
C HIS A 523 23.65 26.44 -19.01
N ALA A 524 22.41 25.97 -19.12
CA ALA A 524 22.03 25.02 -20.17
C ALA A 524 22.11 25.66 -21.56
N ASN A 525 21.52 26.83 -21.71
CA ASN A 525 21.59 27.58 -22.97
C ASN A 525 23.02 27.90 -23.39
N TRP A 526 23.91 28.05 -22.41
CA TRP A 526 25.34 28.18 -22.69
C TRP A 526 25.90 26.83 -23.07
N SER A 527 25.75 25.83 -22.20
CA SER A 527 26.28 24.47 -22.47
C SER A 527 25.97 23.93 -23.87
N VAL A 528 24.80 24.28 -24.41
CA VAL A 528 24.40 23.91 -25.77
C VAL A 528 25.29 24.62 -26.80
N SER A 529 25.42 25.94 -26.69
CA SER A 529 26.30 26.74 -27.57
C SER A 529 27.79 26.31 -27.56
N ARG A 530 28.25 25.79 -26.43
CA ARG A 530 29.61 25.25 -26.27
C ARG A 530 29.83 23.88 -26.97
N GLU A 531 28.73 23.16 -27.20
CA GLU A 531 28.76 21.93 -28.02
C GLU A 531 28.84 22.23 -29.51
N ALA A 532 28.21 23.33 -29.93
CA ALA A 532 28.24 23.78 -31.34
C ALA A 532 29.64 24.21 -31.85
N GLY A 533 30.57 24.51 -30.96
CA GLY A 533 31.96 24.88 -31.31
C GLY A 533 33.03 23.82 -31.04
N PHE A 534 32.67 22.77 -30.30
CA PHE A 534 33.54 21.59 -30.16
C PHE A 534 33.75 20.99 -31.54
N SER A 535 34.89 20.35 -31.73
CA SER A 535 35.46 20.25 -33.07
C SER A 535 35.69 18.85 -33.61
N TYR A 536 35.17 18.63 -34.82
CA TYR A 536 35.36 17.43 -35.66
C TYR A 536 35.43 16.13 -34.84
N SER A 537 36.33 15.22 -35.18
CA SER A 537 36.68 14.06 -34.35
C SER A 537 36.73 14.40 -32.86
N HIS A 538 35.92 13.67 -32.08
CA HIS A 538 35.93 13.78 -30.63
C HIS A 538 35.96 12.36 -30.02
N ALA A 539 37.00 12.10 -29.21
CA ALA A 539 37.21 10.80 -28.55
C ALA A 539 36.19 10.61 -27.44
N GLY A 540 35.34 9.61 -27.58
CA GLY A 540 34.07 9.57 -26.85
C GLY A 540 33.12 10.58 -27.47
N LEU A 541 32.99 10.51 -28.80
CA LEU A 541 31.93 11.21 -29.55
C LEU A 541 30.58 10.72 -29.04
N SER A 542 30.48 9.40 -28.84
CA SER A 542 29.38 8.71 -28.13
C SER A 542 28.31 9.55 -27.41
N ASN A 543 28.74 10.55 -26.64
CA ASN A 543 27.85 11.42 -25.84
C ASN A 543 27.42 12.75 -26.49
N ARG A 544 27.86 13.03 -27.73
CA ARG A 544 27.33 14.16 -28.53
C ARG A 544 27.04 13.78 -30.00
N LEU A 545 26.25 14.61 -30.68
CA LEU A 545 25.69 14.30 -32.02
C LEU A 545 26.72 13.88 -33.09
N ALA A 546 27.43 14.86 -33.66
CA ALA A 546 28.17 14.75 -34.94
C ALA A 546 27.30 14.69 -36.21
N ARG A 547 26.05 14.22 -36.11
CA ARG A 547 25.15 14.11 -37.26
C ARG A 547 24.50 15.44 -37.63
N ASP A 548 24.34 16.32 -36.63
CA ASP A 548 23.76 17.66 -36.83
C ASP A 548 22.24 17.52 -37.10
N ASN A 549 21.66 18.36 -37.97
CA ASN A 549 20.22 18.30 -38.30
C ASN A 549 19.79 17.03 -39.03
N GLU A 550 20.67 16.50 -39.88
CA GLU A 550 20.40 15.28 -40.64
C GLU A 550 20.98 14.05 -39.93
N LEU A 551 20.12 13.34 -39.19
CA LEU A 551 20.48 12.05 -38.57
C LEU A 551 20.33 10.93 -39.59
N ARG A 552 20.77 9.72 -39.20
CA ARG A 552 20.65 8.54 -40.07
C ARG A 552 19.28 7.88 -39.90
N GLU A 553 18.75 7.35 -41.00
CA GLU A 553 17.45 6.66 -41.05
C GLU A 553 17.42 5.39 -40.19
N ASN A 554 18.58 4.73 -40.09
CA ASN A 554 18.75 3.53 -39.26
C ASN A 554 18.76 3.84 -37.75
N ASP A 555 19.31 5.00 -37.39
CA ASP A 555 19.33 5.48 -36.01
C ASP A 555 17.92 5.84 -35.51
N LYS A 556 17.23 6.68 -36.27
CA LYS A 556 15.86 7.12 -35.94
C LYS A 556 14.84 5.98 -35.72
N GLU A 557 15.13 4.79 -36.24
CA GLU A 557 14.34 3.58 -35.97
C GLU A 557 14.86 2.74 -34.80
N GLN A 558 16.15 2.83 -34.50
CA GLN A 558 16.70 2.22 -33.29
C GLN A 558 16.24 2.92 -32.00
N LEU A 559 15.89 4.21 -32.11
CA LEU A 559 15.37 4.97 -30.95
C LEU A 559 13.94 4.56 -30.58
N LYS A 560 13.09 4.39 -31.58
CA LYS A 560 11.72 3.92 -31.37
C LYS A 560 11.68 2.47 -30.90
N ALA A 561 12.74 1.70 -31.16
CA ALA A 561 12.90 0.35 -30.61
C ALA A 561 13.17 0.35 -29.11
N ILE A 562 14.00 1.29 -28.66
CA ILE A 562 14.28 1.47 -27.24
C ILE A 562 13.01 1.90 -26.51
N SER A 563 12.33 2.90 -27.09
CA SER A 563 11.02 3.39 -26.63
C SER A 563 10.03 2.27 -26.24
N THR A 564 9.93 1.27 -27.11
CA THR A 564 8.94 0.19 -26.96
C THR A 564 9.28 -0.81 -25.87
N ARG A 565 10.54 -0.91 -25.51
CA ARG A 565 10.98 -1.85 -24.48
C ARG A 565 10.50 -1.45 -23.09
N ASP A 566 10.26 -2.43 -22.23
CA ASP A 566 9.68 -2.19 -20.90
C ASP A 566 10.68 -1.50 -19.96
N PRO A 567 10.20 -1.03 -18.80
CA PRO A 567 11.11 -0.37 -17.85
C PRO A 567 12.18 -1.28 -17.25
N LEU A 568 11.91 -2.57 -17.09
CA LEU A 568 12.90 -3.48 -16.49
C LEU A 568 13.95 -4.04 -17.45
N SER A 569 13.79 -3.83 -18.76
CA SER A 569 14.86 -4.13 -19.72
C SER A 569 15.89 -3.00 -19.68
N GLU A 570 16.83 -3.14 -18.75
CA GLU A 570 17.86 -2.11 -18.49
C GLU A 570 18.65 -1.70 -19.74
N ILE A 571 18.97 -0.41 -19.83
CA ILE A 571 19.62 0.18 -21.00
C ILE A 571 21.14 0.03 -20.87
N THR A 572 21.83 -0.22 -21.99
CA THR A 572 23.29 -0.32 -22.00
C THR A 572 23.94 1.04 -22.08
N GLU A 573 25.23 1.09 -21.75
CA GLU A 573 25.98 2.34 -21.73
C GLU A 573 26.04 2.97 -23.13
N GLN A 574 26.17 2.13 -24.14
CA GLN A 574 26.11 2.58 -25.53
C GLN A 574 24.76 3.23 -25.82
N GLU A 575 23.70 2.49 -25.52
CA GLU A 575 22.32 2.95 -25.74
C GLU A 575 21.98 4.21 -24.96
N LYS A 576 22.54 4.35 -23.75
CA LYS A 576 22.36 5.55 -22.93
C LYS A 576 23.04 6.74 -23.57
N ASP A 577 24.34 6.59 -23.86
CA ASP A 577 25.10 7.62 -24.56
C ASP A 577 24.42 8.02 -25.86
N PHE A 578 24.06 7.00 -26.64
CA PHE A 578 23.27 7.13 -27.87
C PHE A 578 22.01 7.96 -27.67
N LEU A 579 21.16 7.53 -26.75
CA LEU A 579 19.94 8.28 -26.40
C LEU A 579 20.26 9.75 -26.08
N TRP A 580 21.19 9.96 -25.15
CA TRP A 580 21.58 11.32 -24.71
C TRP A 580 22.09 12.18 -25.88
N SER A 581 22.89 11.59 -26.77
CA SER A 581 23.42 12.32 -27.93
C SER A 581 22.34 12.80 -28.92
N HIS A 582 21.24 12.05 -29.03
CA HIS A 582 20.07 12.48 -29.82
C HIS A 582 18.90 12.89 -28.92
N ARG A 583 19.20 13.48 -27.76
CA ARG A 583 18.17 13.92 -26.78
C ARG A 583 17.14 14.90 -27.33
N HIS A 584 17.56 15.69 -28.34
CA HIS A 584 16.67 16.66 -29.00
C HIS A 584 15.74 16.02 -30.03
N TYR A 585 16.17 14.93 -30.68
CA TYR A 585 15.27 14.13 -31.51
C TYR A 585 14.24 13.36 -30.67
N CYS A 586 14.66 12.95 -29.48
CA CYS A 586 13.79 12.23 -28.54
C CYS A 586 12.48 12.95 -28.18
N VAL A 587 12.42 14.27 -28.34
CA VAL A 587 11.16 15.04 -28.23
C VAL A 587 10.09 14.64 -29.26
N THR A 588 10.50 14.15 -30.42
CA THR A 588 9.57 13.60 -31.43
C THR A 588 8.88 12.33 -30.94
N ILE A 589 9.58 11.57 -30.09
CA ILE A 589 9.07 10.33 -29.50
C ILE A 589 8.90 10.53 -27.98
N PRO A 590 7.94 11.37 -27.55
CA PRO A 590 7.77 11.67 -26.12
C PRO A 590 7.94 10.49 -25.15
N GLU A 591 7.36 9.34 -25.52
CA GLU A 591 7.32 8.15 -24.65
C GLU A 591 8.69 7.55 -24.34
N ILE A 592 9.72 7.95 -25.09
CA ILE A 592 11.10 7.58 -24.78
C ILE A 592 11.60 8.16 -23.44
N LEU A 593 11.05 9.32 -23.01
CA LEU A 593 11.58 10.12 -21.87
C LEU A 593 12.10 9.34 -20.66
N PRO A 594 11.30 8.40 -20.11
CA PRO A 594 11.78 7.52 -19.05
C PRO A 594 13.17 6.94 -19.27
N LYS A 595 13.46 6.54 -20.51
CA LYS A 595 14.75 5.96 -20.90
C LYS A 595 15.82 7.04 -21.00
N LEU A 596 15.45 8.19 -21.57
CA LEU A 596 16.35 9.32 -21.73
C LEU A 596 16.83 9.82 -20.38
N LEU A 597 15.88 10.18 -19.50
CA LEU A 597 16.18 10.59 -18.12
C LEU A 597 17.19 9.67 -17.40
N LEU A 598 16.99 8.36 -17.50
CA LEU A 598 17.92 7.36 -16.93
C LEU A 598 19.26 7.32 -17.63
N SER A 599 19.30 7.84 -18.87
CA SER A 599 20.52 8.01 -19.65
C SER A 599 21.28 9.32 -19.39
N VAL A 600 20.75 10.18 -18.52
CA VAL A 600 21.46 11.41 -18.13
C VAL A 600 22.50 11.06 -17.06
N LYS A 601 23.66 11.70 -17.15
CA LYS A 601 24.64 11.70 -16.08
C LYS A 601 24.20 12.77 -15.10
N TRP A 602 23.44 12.35 -14.08
CA TRP A 602 22.98 13.22 -12.99
C TRP A 602 24.14 13.80 -12.14
N ASN A 603 25.28 13.09 -12.14
CA ASN A 603 26.55 13.63 -11.63
C ASN A 603 27.24 14.72 -12.50
N SER A 604 26.56 15.23 -13.54
CA SER A 604 27.08 16.33 -14.37
C SER A 604 26.02 17.41 -14.55
N ARG A 605 26.17 18.50 -13.81
CA ARG A 605 25.22 19.62 -13.88
C ARG A 605 25.11 20.24 -15.28
N ASP A 606 26.18 20.11 -16.08
CA ASP A 606 26.15 20.50 -17.50
C ASP A 606 25.08 19.74 -18.24
N GLU A 607 25.10 18.41 -18.07
CA GLU A 607 24.06 17.52 -18.61
C GLU A 607 22.69 17.83 -18.00
N VAL A 608 22.61 17.69 -16.68
CA VAL A 608 21.35 17.85 -15.94
C VAL A 608 20.60 19.14 -16.28
N ALA A 609 21.31 20.26 -16.28
CA ALA A 609 20.73 21.55 -16.63
C ALA A 609 20.05 21.53 -17.99
N GLN A 610 20.62 20.81 -18.94
CA GLN A 610 20.01 20.67 -20.25
C GLN A 610 18.72 19.86 -20.16
N MET A 611 18.75 18.76 -19.39
CA MET A 611 17.58 17.91 -19.21
C MET A 611 16.44 18.66 -18.50
N TYR A 612 16.76 19.63 -17.64
CA TYR A 612 15.75 20.51 -17.05
C TYR A 612 15.01 21.35 -18.11
N CYS A 613 15.74 21.79 -19.14
CA CYS A 613 15.15 22.55 -20.25
C CYS A 613 14.33 21.70 -21.21
N LEU A 614 14.75 20.45 -21.40
CA LEU A 614 13.99 19.50 -22.22
C LEU A 614 12.63 19.20 -21.58
N VAL A 615 12.68 18.78 -20.31
CA VAL A 615 11.48 18.46 -19.52
C VAL A 615 10.51 19.66 -19.47
N LYS A 616 11.06 20.87 -19.31
CA LYS A 616 10.26 22.11 -19.18
C LYS A 616 9.13 22.24 -20.21
N ASP A 617 9.39 21.85 -21.46
CA ASP A 617 8.36 21.88 -22.52
C ASP A 617 8.39 20.62 -23.39
N TRP A 618 8.62 19.49 -22.73
CA TRP A 618 8.50 18.17 -23.34
C TRP A 618 7.00 17.89 -23.52
N PRO A 619 6.63 17.19 -24.61
CA PRO A 619 5.23 16.85 -24.85
C PRO A 619 4.59 16.10 -23.69
N PRO A 620 3.36 16.47 -23.34
CA PRO A 620 2.61 15.62 -22.42
C PRO A 620 2.46 14.19 -22.94
N ILE A 621 2.51 13.23 -22.01
CA ILE A 621 2.32 11.82 -22.33
C ILE A 621 1.16 11.19 -21.52
N LYS A 622 0.79 9.97 -21.92
CA LYS A 622 -0.37 9.31 -21.37
C LYS A 622 -0.06 8.88 -19.93
N PRO A 623 -1.05 8.97 -19.01
CA PRO A 623 -0.80 8.70 -17.59
C PRO A 623 -0.16 7.36 -17.27
N GLU A 624 -0.64 6.31 -17.91
CA GLU A 624 -0.06 4.96 -17.76
C GLU A 624 1.47 4.90 -18.01
N GLN A 625 1.98 5.84 -18.81
CA GLN A 625 3.42 6.03 -19.10
C GLN A 625 4.10 7.08 -18.22
N ALA A 626 3.35 8.10 -17.83
CA ALA A 626 3.83 9.14 -16.89
C ALA A 626 3.84 8.70 -15.43
N MET A 627 3.21 7.57 -15.11
CA MET A 627 3.30 6.99 -13.77
C MET A 627 4.63 6.27 -13.49
N GLU A 628 5.30 5.83 -14.55
CA GLU A 628 6.66 5.33 -14.41
C GLU A 628 7.54 6.42 -13.77
N LEU A 629 7.32 7.67 -14.17
CA LEU A 629 8.10 8.82 -13.68
C LEU A 629 7.91 9.21 -12.20
N LEU A 630 6.93 8.64 -11.52
CA LEU A 630 6.77 8.84 -10.08
C LEU A 630 7.31 7.68 -9.22
N ASP A 631 8.00 6.70 -9.80
CA ASP A 631 8.61 5.59 -9.01
C ASP A 631 9.97 6.04 -8.45
N CYS A 632 10.65 5.14 -7.73
CA CYS A 632 11.92 5.47 -7.06
C CYS A 632 13.11 5.76 -7.98
N ASN A 633 13.06 5.30 -9.22
CA ASN A 633 14.10 5.65 -10.20
C ASN A 633 14.01 7.06 -10.79
N TYR A 634 13.00 7.83 -10.39
CA TYR A 634 12.82 9.20 -10.87
C TYR A 634 12.50 10.16 -9.70
N PRO A 635 13.53 10.48 -8.89
CA PRO A 635 13.33 11.27 -7.69
C PRO A 635 13.48 12.77 -7.90
N ASP A 636 13.68 13.22 -9.14
CA ASP A 636 13.88 14.64 -9.38
C ASP A 636 12.57 15.43 -9.30
N PRO A 637 12.61 16.68 -8.82
CA PRO A 637 11.41 17.52 -8.82
C PRO A 637 10.88 17.91 -10.21
N MET A 638 11.75 18.38 -11.09
CA MET A 638 11.36 18.77 -12.45
C MET A 638 10.72 17.63 -13.23
N VAL A 639 11.27 16.43 -13.06
CA VAL A 639 10.73 15.22 -13.67
C VAL A 639 9.31 14.97 -13.14
N ARG A 640 9.21 14.77 -11.82
CA ARG A 640 7.95 14.46 -11.18
C ARG A 640 6.93 15.57 -11.30
N GLY A 641 7.38 16.79 -11.54
CA GLY A 641 6.49 17.87 -11.96
C GLY A 641 5.81 17.54 -13.28
N PHE A 642 6.62 17.31 -14.31
CA PHE A 642 6.13 16.92 -15.64
C PHE A 642 5.16 15.74 -15.54
N ALA A 643 5.51 14.76 -14.70
CA ALA A 643 4.67 13.60 -14.45
C ALA A 643 3.28 13.97 -13.93
N VAL A 644 3.23 14.87 -12.95
CA VAL A 644 1.95 15.41 -12.44
C VAL A 644 1.26 16.27 -13.50
N ARG A 645 2.03 17.06 -14.24
CA ARG A 645 1.49 17.88 -15.32
C ARG A 645 0.73 17.02 -16.35
N CYS A 646 1.27 15.83 -16.63
CA CYS A 646 0.58 14.84 -17.46
C CYS A 646 -0.78 14.46 -16.83
N LEU A 647 -0.76 14.04 -15.56
CA LEU A 647 -1.97 13.61 -14.85
C LEU A 647 -3.07 14.67 -14.77
N GLU A 648 -2.67 15.93 -14.64
CA GLU A 648 -3.62 17.04 -14.61
C GLU A 648 -4.38 17.15 -15.92
N LYS A 649 -3.67 16.94 -17.03
CA LYS A 649 -4.28 16.97 -18.36
C LYS A 649 -5.16 15.75 -18.59
N TYR A 650 -4.54 14.58 -18.67
CA TYR A 650 -5.21 13.35 -19.18
C TYR A 650 -6.02 12.59 -18.12
N LEU A 651 -5.37 12.21 -17.02
CA LEU A 651 -5.96 11.32 -16.00
C LEU A 651 -7.36 11.75 -15.56
N THR A 652 -8.36 10.95 -15.96
CA THR A 652 -9.76 11.21 -15.60
C THR A 652 -10.05 10.80 -14.16
N ASP A 653 -11.11 11.35 -13.58
CA ASP A 653 -11.59 10.93 -12.25
C ASP A 653 -11.88 9.43 -12.17
N ASP A 654 -12.10 8.80 -13.32
CA ASP A 654 -12.22 7.34 -13.41
C ASP A 654 -10.85 6.66 -13.30
N LYS A 655 -9.93 7.07 -14.15
CA LYS A 655 -8.61 6.44 -14.23
C LYS A 655 -7.78 6.67 -12.97
N LEU A 656 -8.02 7.80 -12.29
CA LEU A 656 -7.39 8.12 -10.99
C LEU A 656 -7.80 7.16 -9.88
N SER A 657 -9.10 6.88 -9.79
CA SER A 657 -9.60 5.95 -8.77
C SER A 657 -9.28 4.48 -9.05
N GLN A 658 -8.89 4.13 -10.28
CA GLN A 658 -8.36 2.79 -10.57
C GLN A 658 -6.96 2.65 -9.99
N TYR A 659 -6.13 3.63 -10.33
CA TYR A 659 -4.72 3.69 -9.96
C TYR A 659 -4.44 4.44 -8.65
N LEU A 660 -5.46 4.65 -7.81
CA LEU A 660 -5.28 5.51 -6.65
C LEU A 660 -4.25 4.94 -5.71
N ILE A 661 -4.36 3.64 -5.42
CA ILE A 661 -3.38 2.90 -4.58
C ILE A 661 -1.94 3.15 -5.03
N GLN A 662 -1.66 2.90 -6.30
CA GLN A 662 -0.31 3.09 -6.82
C GLN A 662 0.20 4.53 -6.71
N LEU A 663 -0.71 5.50 -6.64
CA LEU A 663 -0.36 6.92 -6.42
C LEU A 663 -0.11 7.27 -4.95
N VAL A 664 -1.02 6.90 -4.07
CA VAL A 664 -0.83 7.05 -2.62
C VAL A 664 0.46 6.37 -2.14
N GLN A 665 0.72 5.16 -2.63
CA GLN A 665 1.99 4.49 -2.31
C GLN A 665 3.18 5.30 -2.78
N VAL A 666 3.08 5.85 -3.97
CA VAL A 666 4.18 6.58 -4.60
C VAL A 666 4.58 7.86 -3.85
N LEU A 667 3.69 8.39 -3.00
CA LEU A 667 4.00 9.55 -2.13
C LEU A 667 5.22 9.31 -1.25
N LYS A 668 5.40 8.08 -0.78
CA LYS A 668 6.60 7.67 -0.03
C LYS A 668 7.93 8.05 -0.69
N TYR A 669 7.97 8.02 -2.02
CA TYR A 669 9.17 8.38 -2.75
C TYR A 669 9.39 9.88 -2.97
N GLU A 670 8.48 10.74 -2.52
CA GLU A 670 8.75 12.17 -2.62
C GLU A 670 9.69 12.59 -1.48
N GLN A 671 10.63 13.49 -1.78
CA GLN A 671 11.64 13.94 -0.81
C GLN A 671 11.06 14.73 0.35
N TYR A 672 10.08 15.59 0.05
CA TYR A 672 9.54 16.58 1.01
C TYR A 672 8.01 16.45 1.15
N LEU A 673 7.47 16.87 2.29
CA LEU A 673 6.02 16.78 2.56
C LEU A 673 5.17 17.58 1.57
N ASP A 674 5.67 18.76 1.24
CA ASP A 674 4.98 19.68 0.36
C ASP A 674 5.57 19.49 -1.03
N ASN A 675 4.73 18.99 -1.93
CA ASN A 675 5.11 18.64 -3.31
C ASN A 675 3.87 18.52 -4.20
N LEU A 676 4.08 18.69 -5.50
CA LEU A 676 2.98 18.84 -6.50
C LEU A 676 2.04 17.64 -6.63
N LEU A 677 2.58 16.42 -6.47
CA LEU A 677 1.74 15.21 -6.41
C LEU A 677 0.79 15.22 -5.20
N VAL A 678 1.29 15.53 -4.01
CA VAL A 678 0.43 15.61 -2.81
C VAL A 678 -0.68 16.64 -3.03
N ARG A 679 -0.31 17.78 -3.60
CA ARG A 679 -1.24 18.87 -3.88
C ARG A 679 -2.26 18.51 -4.97
N PHE A 680 -1.88 17.61 -5.88
CA PHE A 680 -2.78 17.11 -6.95
C PHE A 680 -3.86 16.18 -6.43
N LEU A 681 -3.41 15.16 -5.69
CA LEU A 681 -4.30 14.16 -5.11
C LEU A 681 -5.27 14.78 -4.08
N LEU A 682 -4.73 15.60 -3.16
CA LEU A 682 -5.55 16.29 -2.16
C LEU A 682 -6.65 17.11 -2.81
N LYS A 683 -6.30 17.85 -3.86
CA LYS A 683 -7.31 18.63 -4.57
C LYS A 683 -8.39 17.73 -5.17
N LYS A 684 -7.97 16.62 -5.78
CA LYS A 684 -8.89 15.68 -6.41
C LYS A 684 -9.78 14.98 -5.41
N ALA A 685 -9.20 14.58 -4.28
CA ALA A 685 -9.95 13.97 -3.16
C ALA A 685 -11.08 14.85 -2.60
N LEU A 686 -10.86 16.16 -2.60
CA LEU A 686 -11.86 17.13 -2.13
C LEU A 686 -12.83 17.60 -3.24
N THR A 687 -12.49 17.32 -4.49
CA THR A 687 -13.34 17.55 -5.66
C THR A 687 -14.31 16.39 -5.91
N ASN A 688 -13.98 15.20 -5.40
CA ASN A 688 -14.73 13.98 -5.69
C ASN A 688 -14.87 13.07 -4.45
N GLN A 689 -16.05 13.04 -3.84
CA GLN A 689 -16.24 12.36 -2.55
C GLN A 689 -16.07 10.82 -2.62
N ARG A 690 -16.11 10.25 -3.83
CA ARG A 690 -15.77 8.83 -4.04
C ARG A 690 -14.25 8.62 -3.93
N ILE A 691 -13.48 9.44 -4.66
CA ILE A 691 -12.00 9.41 -4.57
C ILE A 691 -11.55 9.68 -3.15
N GLY A 692 -12.18 10.68 -2.54
CA GLY A 692 -11.90 11.06 -1.15
C GLY A 692 -12.06 9.88 -0.22
N HIS A 693 -13.14 9.14 -0.40
CA HIS A 693 -13.46 8.02 0.47
C HIS A 693 -12.36 6.96 0.53
N PHE A 694 -11.77 6.65 -0.63
CA PHE A 694 -10.67 5.69 -0.69
C PHE A 694 -9.32 6.34 -0.41
N PHE A 695 -9.18 7.59 -0.82
CA PHE A 695 -8.01 8.37 -0.46
C PHE A 695 -7.83 8.39 1.06
N PHE A 696 -8.94 8.49 1.80
CA PHE A 696 -8.91 8.43 3.27
C PHE A 696 -8.42 7.07 3.74
N TRP A 697 -9.14 6.02 3.34
CA TRP A 697 -8.88 4.66 3.84
C TRP A 697 -7.54 4.07 3.46
N HIS A 698 -6.98 4.48 2.32
CA HIS A 698 -5.63 4.00 1.97
C HIS A 698 -4.56 4.67 2.80
N LEU A 699 -4.74 5.94 3.10
CA LEU A 699 -3.85 6.67 3.99
C LEU A 699 -4.00 6.16 5.42
N LYS A 700 -5.24 6.13 5.88
CA LYS A 700 -5.59 5.60 7.19
C LYS A 700 -5.08 4.17 7.41
N SER A 701 -5.11 3.35 6.35
CA SER A 701 -4.60 1.98 6.39
C SER A 701 -3.15 1.92 6.85
N GLU A 702 -2.30 2.72 6.22
CA GLU A 702 -0.86 2.68 6.48
C GLU A 702 -0.40 3.51 7.68
N MET A 703 -1.34 4.02 8.49
CA MET A 703 -0.99 4.85 9.64
C MET A 703 -0.19 4.14 10.71
N HIS A 704 -0.37 2.83 10.85
CA HIS A 704 0.49 2.01 11.71
C HIS A 704 1.99 2.01 11.32
N ASN A 705 2.28 2.19 10.03
CA ASN A 705 3.64 2.11 9.50
C ASN A 705 4.42 3.42 9.72
N LYS A 706 5.45 3.36 10.57
CA LYS A 706 6.20 4.55 10.99
C LYS A 706 7.09 5.19 9.90
N THR A 707 7.27 4.49 8.77
CA THR A 707 7.82 5.14 7.58
C THR A 707 6.93 6.26 7.03
N VAL A 708 5.62 6.21 7.32
CA VAL A 708 4.67 7.21 6.83
C VAL A 708 3.68 7.81 7.83
N SER A 709 3.71 7.38 9.10
CA SER A 709 2.81 7.92 10.11
C SER A 709 2.66 9.44 10.04
N GLN A 710 3.78 10.14 10.02
CA GLN A 710 3.79 11.60 10.06
C GLN A 710 3.24 12.16 8.78
N ARG A 711 3.82 11.73 7.68
CA ARG A 711 3.44 12.21 6.38
C ARG A 711 1.93 12.10 6.13
N PHE A 712 1.43 10.87 6.34
CA PHE A 712 0.04 10.52 6.06
C PHE A 712 -0.91 11.09 7.08
N GLY A 713 -0.45 11.25 8.31
CA GLY A 713 -1.26 11.94 9.32
C GLY A 713 -1.55 13.37 8.90
N LEU A 714 -0.48 14.08 8.56
CA LEU A 714 -0.58 15.49 8.20
C LEU A 714 -1.52 15.66 7.03
N LEU A 715 -1.40 14.77 6.05
CA LEU A 715 -2.17 14.82 4.81
C LEU A 715 -3.62 14.53 5.06
N LEU A 716 -3.87 13.48 5.86
CA LEU A 716 -5.20 13.14 6.37
C LEU A 716 -5.85 14.25 7.20
N GLU A 717 -5.05 15.03 7.92
CA GLU A 717 -5.57 16.19 8.62
C GLU A 717 -6.17 17.19 7.65
N SER A 718 -5.41 17.49 6.60
CA SER A 718 -5.84 18.43 5.57
C SER A 718 -7.16 17.98 4.95
N TYR A 719 -7.21 16.72 4.49
CA TYR A 719 -8.40 16.14 3.89
C TYR A 719 -9.60 16.29 4.84
N CYS A 720 -9.43 15.82 6.07
CA CYS A 720 -10.51 15.78 7.06
C CYS A 720 -11.04 17.16 7.45
N ARG A 721 -10.16 18.15 7.49
CA ARG A 721 -10.55 19.53 7.70
C ARG A 721 -11.38 20.10 6.53
N ALA A 722 -11.11 19.62 5.32
CA ALA A 722 -11.67 20.19 4.09
C ALA A 722 -12.87 19.46 3.48
N CYS A 723 -13.03 18.18 3.79
CA CYS A 723 -14.02 17.30 3.10
C CYS A 723 -15.52 17.54 3.42
N GLY A 724 -15.83 18.42 4.37
CA GLY A 724 -17.20 18.83 4.63
C GLY A 724 -17.88 17.91 5.63
N MET A 725 -19.08 17.44 5.28
CA MET A 725 -19.83 16.52 6.16
C MET A 725 -19.29 15.12 6.21
N TYR A 726 -18.62 14.68 5.14
CA TYR A 726 -18.13 13.32 5.08
C TYR A 726 -17.16 12.96 6.21
N LEU A 727 -16.55 13.95 6.84
CA LEU A 727 -15.78 13.71 8.07
C LEU A 727 -16.63 13.02 9.14
N LYS A 728 -17.89 13.43 9.26
CA LYS A 728 -18.82 12.80 10.23
C LYS A 728 -19.23 11.38 9.82
N HIS A 729 -19.39 11.17 8.52
CA HIS A 729 -19.62 9.84 7.99
C HIS A 729 -18.44 8.90 8.17
N LEU A 730 -17.25 9.39 7.88
CA LEU A 730 -16.04 8.60 8.09
C LEU A 730 -15.86 8.29 9.57
N ASN A 731 -16.05 9.26 10.44
CA ASN A 731 -15.94 9.03 11.89
C ASN A 731 -16.81 7.88 12.37
N ARG A 732 -17.98 7.72 11.76
CA ARG A 732 -18.85 6.58 12.05
C ARG A 732 -18.27 5.27 11.53
N GLN A 733 -17.88 5.27 10.25
CA GLN A 733 -17.21 4.12 9.65
C GLN A 733 -16.03 3.72 10.50
N VAL A 734 -15.21 4.71 10.84
CA VAL A 734 -14.05 4.53 11.70
C VAL A 734 -14.40 3.83 13.03
N GLU A 735 -15.51 4.25 13.64
CA GLU A 735 -15.95 3.69 14.92
C GLU A 735 -16.46 2.26 14.79
N ALA A 736 -17.12 1.96 13.67
CA ALA A 736 -17.56 0.59 13.36
C ALA A 736 -16.37 -0.35 13.31
N MET A 737 -15.33 0.06 12.59
CA MET A 737 -14.13 -0.76 12.50
C MET A 737 -13.51 -1.00 13.89
N GLU A 738 -13.33 0.05 14.68
CA GLU A 738 -12.75 -0.08 16.01
C GLU A 738 -13.50 -1.06 16.88
N LYS A 739 -14.82 -0.98 16.87
CA LYS A 739 -15.68 -1.96 17.59
C LYS A 739 -15.30 -3.39 17.20
N LEU A 740 -15.34 -3.64 15.89
CA LEU A 740 -15.00 -4.93 15.29
C LEU A 740 -13.56 -5.40 15.54
N ILE A 741 -12.60 -4.48 15.57
CA ILE A 741 -11.20 -4.84 15.88
C ILE A 741 -11.13 -5.32 17.32
N ASN A 742 -11.62 -4.47 18.24
CA ASN A 742 -11.69 -4.82 19.66
C ASN A 742 -12.40 -6.12 19.94
N LEU A 743 -13.46 -6.39 19.19
CA LEU A 743 -14.27 -7.59 19.39
C LEU A 743 -13.51 -8.84 19.00
N THR A 744 -13.06 -8.87 17.75
CA THR A 744 -12.24 -9.99 17.25
C THR A 744 -10.97 -10.16 18.07
N ASP A 745 -10.33 -9.05 18.46
CA ASP A 745 -9.15 -9.13 19.32
C ASP A 745 -9.38 -10.00 20.58
N ILE A 746 -10.59 -9.95 21.15
CA ILE A 746 -10.94 -10.77 22.32
C ILE A 746 -11.21 -12.23 21.91
N LEU A 747 -12.01 -12.40 20.87
CA LEU A 747 -12.23 -13.71 20.26
C LEU A 747 -10.92 -14.45 19.96
N LYS A 748 -9.88 -13.70 19.62
CA LYS A 748 -8.60 -14.28 19.26
C LYS A 748 -7.61 -14.47 20.40
N GLN A 749 -7.96 -14.09 21.63
CA GLN A 749 -6.99 -14.12 22.74
C GLN A 749 -7.51 -14.76 24.01
N GLU A 750 -8.59 -14.22 24.56
CA GLU A 750 -9.21 -14.80 25.76
C GLU A 750 -10.08 -15.99 25.36
N LYS A 751 -10.83 -15.84 24.27
CA LYS A 751 -11.81 -16.86 23.83
C LYS A 751 -11.28 -17.85 22.79
N LYS A 752 -9.96 -17.91 22.61
CA LYS A 752 -9.32 -19.05 21.95
C LYS A 752 -9.42 -20.23 22.93
N ASP A 753 -9.37 -21.46 22.39
CA ASP A 753 -9.62 -22.68 23.17
C ASP A 753 -11.02 -22.68 23.83
N GLU A 754 -12.01 -22.27 23.05
CA GLU A 754 -13.43 -22.38 23.39
C GLU A 754 -14.15 -22.85 22.16
N THR A 755 -15.24 -23.59 22.33
CA THR A 755 -15.99 -24.11 21.18
C THR A 755 -16.66 -22.98 20.43
N GLN A 756 -16.83 -23.18 19.12
CA GLN A 756 -17.57 -22.24 18.28
C GLN A 756 -18.81 -21.77 19.03
N LYS A 757 -19.59 -22.73 19.51
CA LYS A 757 -20.80 -22.46 20.28
C LYS A 757 -20.56 -21.43 21.40
N VAL A 758 -19.49 -21.59 22.18
CA VAL A 758 -19.16 -20.66 23.28
C VAL A 758 -18.76 -19.27 22.77
N GLN A 759 -17.92 -19.25 21.74
CA GLN A 759 -17.47 -18.01 21.10
C GLN A 759 -18.64 -17.24 20.49
N MET A 760 -19.40 -17.90 19.63
CA MET A 760 -20.62 -17.34 19.00
C MET A 760 -21.59 -16.74 19.99
N LYS A 761 -21.73 -17.37 21.16
CA LYS A 761 -22.58 -16.83 22.22
C LYS A 761 -21.99 -15.57 22.83
N PHE A 762 -20.66 -15.53 22.96
CA PHE A 762 -19.97 -14.29 23.33
C PHE A 762 -20.15 -13.18 22.29
N LEU A 763 -20.08 -13.53 21.01
CA LEU A 763 -20.20 -12.55 19.90
C LEU A 763 -21.56 -11.90 19.85
N VAL A 764 -22.61 -12.69 20.07
CA VAL A 764 -23.98 -12.18 20.02
C VAL A 764 -24.26 -11.36 21.27
N GLU A 765 -23.87 -11.89 22.43
CA GLU A 765 -23.96 -11.16 23.71
C GLU A 765 -23.48 -9.73 23.55
N GLN A 766 -22.27 -9.59 23.02
CA GLN A 766 -21.59 -8.29 22.83
C GLN A 766 -22.30 -7.41 21.86
N MET A 767 -22.65 -7.97 20.71
CA MET A 767 -23.30 -7.19 19.68
C MET A 767 -24.70 -6.72 20.07
N ARG A 768 -25.35 -7.38 21.03
CA ARG A 768 -26.67 -6.94 21.52
C ARG A 768 -26.62 -5.76 22.48
N ARG A 769 -25.45 -5.49 23.02
CA ARG A 769 -25.27 -4.33 23.88
C ARG A 769 -25.53 -3.06 23.07
N PRO A 770 -25.98 -1.96 23.73
CA PRO A 770 -26.43 -0.76 23.00
C PRO A 770 -25.33 0.07 22.33
N ASP A 771 -24.16 0.14 22.94
CA ASP A 771 -22.99 0.78 22.33
C ASP A 771 -22.56 0.10 21.02
N PHE A 772 -22.76 -1.22 20.92
CA PHE A 772 -22.47 -1.97 19.68
C PHE A 772 -23.58 -1.81 18.67
N MET A 773 -24.81 -1.85 19.17
CA MET A 773 -25.99 -1.60 18.34
C MET A 773 -26.02 -0.19 17.79
N ASP A 774 -25.46 0.76 18.52
CA ASP A 774 -25.28 2.14 18.02
C ASP A 774 -24.21 2.20 16.92
N ALA A 775 -23.04 1.69 17.28
CA ALA A 775 -21.82 1.90 16.49
C ALA A 775 -21.79 1.07 15.22
N LEU A 776 -22.49 -0.06 15.20
CA LEU A 776 -22.42 -1.01 14.08
C LEU A 776 -23.59 -0.99 13.12
N GLN A 777 -24.67 -0.28 13.45
CA GLN A 777 -25.88 -0.31 12.61
C GLN A 777 -25.97 0.78 11.54
N GLY A 778 -26.10 2.05 11.89
CA GLY A 778 -26.42 3.04 10.87
C GLY A 778 -25.23 3.71 10.23
N PHE A 779 -24.63 3.09 9.21
CA PHE A 779 -23.46 3.70 8.54
C PHE A 779 -23.22 3.25 7.08
N LEU A 780 -22.14 3.75 6.46
CA LEU A 780 -21.80 3.43 5.06
C LEU A 780 -20.72 2.36 4.92
N SER A 781 -20.95 1.35 4.08
CA SER A 781 -19.93 0.34 3.78
C SER A 781 -18.65 1.02 3.28
N PRO A 782 -17.50 0.74 3.93
CA PRO A 782 -16.21 1.20 3.42
C PRO A 782 -15.77 0.54 2.11
N LEU A 783 -16.32 -0.63 1.81
CA LEU A 783 -16.10 -1.27 0.51
C LEU A 783 -16.72 -0.49 -0.64
N ASN A 784 -17.90 0.08 -0.42
CA ASN A 784 -18.52 0.96 -1.40
C ASN A 784 -19.55 1.87 -0.77
N PRO A 785 -19.16 3.12 -0.42
CA PRO A 785 -20.01 4.02 0.36
C PRO A 785 -21.30 4.43 -0.32
N ALA A 786 -21.53 3.94 -1.55
CA ALA A 786 -22.88 3.88 -2.12
C ALA A 786 -23.77 3.05 -1.23
N HIS A 787 -23.33 1.84 -0.96
CA HIS A 787 -24.16 0.92 -0.19
C HIS A 787 -24.23 1.44 1.24
N GLN A 788 -25.45 1.63 1.74
CA GLN A 788 -25.63 1.90 3.14
C GLN A 788 -25.76 0.58 3.85
N LEU A 789 -25.62 0.66 5.16
CA LEU A 789 -25.79 -0.46 6.06
C LEU A 789 -26.80 0.01 7.11
N GLY A 790 -27.94 -0.66 7.18
CA GLY A 790 -29.01 -0.28 8.12
C GLY A 790 -28.88 -1.10 9.37
N ASN A 791 -29.94 -1.79 9.77
CA ASN A 791 -29.88 -2.60 10.98
C ASN A 791 -28.97 -3.83 10.79
N LEU A 792 -28.45 -4.33 11.91
CA LEU A 792 -27.72 -5.60 11.92
C LEU A 792 -28.75 -6.69 12.05
N ARG A 793 -28.70 -7.68 11.16
CA ARG A 793 -29.43 -8.93 11.35
C ARG A 793 -28.45 -9.90 11.98
N LEU A 794 -28.57 -10.07 13.30
CA LEU A 794 -27.62 -10.88 14.07
C LEU A 794 -27.73 -12.39 13.84
N GLU A 795 -28.87 -12.83 13.33
CA GLU A 795 -29.14 -14.25 13.19
C GLU A 795 -28.41 -14.78 11.98
N GLU A 796 -28.21 -13.93 10.98
CA GLU A 796 -27.30 -14.22 9.87
C GLU A 796 -25.84 -13.77 10.14
N CYS A 797 -25.60 -12.98 11.19
CA CYS A 797 -24.22 -12.71 11.67
C CYS A 797 -23.62 -13.92 12.38
N ARG A 798 -22.39 -14.27 12.03
CA ARG A 798 -21.70 -15.41 12.65
C ARG A 798 -20.19 -15.38 12.42
N ILE A 799 -19.46 -16.17 13.21
CA ILE A 799 -18.00 -16.33 13.03
C ILE A 799 -17.75 -17.46 12.03
N MET A 800 -16.91 -17.20 11.04
CA MET A 800 -16.53 -18.25 10.11
C MET A 800 -15.62 -19.29 10.78
N SER A 801 -15.46 -20.40 10.07
CA SER A 801 -14.67 -21.55 10.54
C SER A 801 -13.18 -21.32 10.61
N SER A 802 -12.66 -20.32 9.90
CA SER A 802 -11.22 -20.04 9.90
C SER A 802 -10.67 -19.79 11.30
N ALA A 803 -9.37 -20.05 11.46
CA ALA A 803 -8.69 -19.82 12.73
C ALA A 803 -8.47 -18.35 13.07
N LYS A 804 -8.49 -17.49 12.04
CA LYS A 804 -8.35 -16.04 12.21
C LYS A 804 -9.57 -15.41 12.90
N ARG A 805 -10.67 -16.15 12.91
CA ARG A 805 -11.95 -15.70 13.46
C ARG A 805 -12.50 -14.50 12.67
N PRO A 806 -12.67 -14.67 11.34
CA PRO A 806 -13.34 -13.64 10.56
C PRO A 806 -14.82 -13.55 10.91
N LEU A 807 -15.33 -12.33 11.04
CA LEU A 807 -16.74 -12.14 11.30
C LEU A 807 -17.47 -12.04 9.99
N TRP A 808 -18.55 -12.82 9.90
CA TRP A 808 -19.50 -12.74 8.80
C TRP A 808 -20.59 -11.77 9.25
N LEU A 809 -20.57 -10.57 8.68
CA LEU A 809 -21.51 -9.54 9.10
C LEU A 809 -22.55 -9.33 8.02
N ASN A 810 -23.75 -8.95 8.45
CA ASN A 810 -24.95 -8.91 7.62
C ASN A 810 -25.82 -7.74 8.03
N TRP A 811 -26.07 -6.83 7.11
CA TRP A 811 -26.87 -5.63 7.38
C TRP A 811 -28.10 -5.58 6.48
N GLU A 812 -29.16 -4.93 6.99
CA GLU A 812 -30.38 -4.72 6.22
C GLU A 812 -30.20 -3.47 5.37
N ASN A 813 -30.10 -3.61 4.05
CA ASN A 813 -29.99 -2.45 3.15
C ASN A 813 -31.20 -1.52 3.28
N PRO A 814 -31.03 -0.33 3.88
CA PRO A 814 -32.20 0.48 4.22
C PRO A 814 -32.68 1.39 3.07
N ASP A 815 -32.31 1.09 1.82
CA ASP A 815 -32.76 1.88 0.68
C ASP A 815 -34.28 1.80 0.56
N ILE A 816 -34.86 2.74 -0.18
CA ILE A 816 -36.30 2.70 -0.48
C ILE A 816 -36.59 1.43 -1.30
N MET A 817 -35.67 1.15 -2.22
CA MET A 817 -35.76 0.05 -3.17
C MET A 817 -34.79 -1.12 -2.87
N GLU A 819 -35.35 -4.12 -2.02
CA GLU A 819 -35.89 -5.21 -2.81
C GLU A 819 -35.34 -5.27 -4.25
N LEU A 820 -35.31 -4.12 -4.92
CA LEU A 820 -34.87 -4.07 -6.32
C LEU A 820 -33.39 -4.38 -6.56
N LEU A 821 -32.54 -4.31 -5.54
CA LEU A 821 -31.08 -4.55 -5.68
C LEU A 821 -30.59 -5.68 -4.78
N PHE A 822 -30.57 -5.45 -3.48
CA PHE A 822 -30.34 -6.54 -2.52
C PHE A 822 -30.92 -6.12 -1.18
N GLN A 823 -31.82 -6.94 -0.64
CA GLN A 823 -32.43 -6.64 0.66
C GLN A 823 -31.41 -6.77 1.78
N ASN A 824 -30.46 -7.68 1.62
CA ASN A 824 -29.36 -7.82 2.56
C ASN A 824 -27.99 -7.60 1.94
N ASN A 825 -27.25 -6.69 2.59
CA ASN A 825 -25.83 -6.49 2.40
C ASN A 825 -25.12 -7.37 3.41
N GLU A 826 -23.98 -7.93 3.01
CA GLU A 826 -23.16 -8.69 3.94
C GLU A 826 -21.72 -8.70 3.46
N ILE A 827 -20.80 -8.44 4.39
CA ILE A 827 -19.36 -8.38 4.11
C ILE A 827 -18.57 -8.99 5.26
N ILE A 828 -17.38 -9.49 4.95
CA ILE A 828 -16.57 -10.21 5.94
C ILE A 828 -15.57 -9.22 6.46
N PHE A 829 -15.51 -9.10 7.79
CA PHE A 829 -14.46 -8.37 8.50
C PHE A 829 -13.43 -9.40 9.01
N LYS A 830 -12.17 -9.20 8.66
CA LYS A 830 -11.12 -10.17 9.01
C LYS A 830 -9.89 -9.53 9.67
N ASN A 831 -9.89 -9.51 11.00
CA ASN A 831 -8.68 -9.22 11.77
C ASN A 831 -7.81 -10.45 11.68
N GLY A 832 -6.54 -10.25 11.34
CA GLY A 832 -5.58 -11.35 11.23
C GLY A 832 -4.63 -11.34 10.06
N ASP A 833 -5.13 -11.05 8.86
CA ASP A 833 -4.36 -11.24 7.62
C ASP A 833 -4.03 -9.95 6.95
N ASP A 834 -2.82 -9.84 6.42
CA ASP A 834 -2.42 -8.67 5.67
C ASP A 834 -3.14 -8.75 4.32
N LEU A 835 -4.24 -7.99 4.22
CA LEU A 835 -5.04 -7.96 2.98
C LEU A 835 -4.37 -7.34 1.75
N ARG A 836 -3.37 -6.48 1.95
CA ARG A 836 -2.90 -5.62 0.86
C ARG A 836 -2.18 -6.29 -0.32
N GLN A 837 -1.85 -7.57 -0.17
CA GLN A 837 -1.42 -8.36 -1.32
C GLN A 837 -2.62 -8.77 -2.17
N ASP A 838 -3.70 -9.24 -1.53
CA ASP A 838 -4.95 -9.59 -2.23
C ASP A 838 -5.50 -8.33 -2.90
N MET A 839 -5.71 -7.30 -2.11
CA MET A 839 -6.00 -5.92 -2.59
C MET A 839 -5.35 -5.62 -3.94
N LEU A 840 -4.04 -5.87 -4.04
CA LEU A 840 -3.32 -5.61 -5.27
C LEU A 840 -3.69 -6.61 -6.37
N THR A 841 -3.50 -7.90 -6.12
CA THR A 841 -3.75 -8.93 -7.18
C THR A 841 -5.16 -8.82 -7.79
N LEU A 842 -6.16 -8.62 -6.92
CA LEU A 842 -7.54 -8.32 -7.34
C LEU A 842 -7.61 -7.06 -8.17
N GLN A 843 -6.94 -6.00 -7.74
CA GLN A 843 -6.81 -4.78 -8.54
C GLN A 843 -6.15 -5.05 -9.89
N ILE A 844 -5.13 -5.91 -9.91
CA ILE A 844 -4.42 -6.24 -11.15
C ILE A 844 -5.38 -6.96 -12.11
N ILE A 845 -6.11 -7.94 -11.59
CA ILE A 845 -7.19 -8.64 -12.32
C ILE A 845 -8.28 -7.69 -12.90
N ARG A 846 -8.75 -6.77 -12.07
CA ARG A 846 -9.70 -5.71 -12.45
C ARG A 846 -9.22 -4.89 -13.66
N ILE A 847 -7.90 -4.66 -13.72
CA ILE A 847 -7.28 -3.95 -14.84
C ILE A 847 -7.17 -4.86 -16.07
N MET A 848 -6.73 -6.10 -15.85
CA MET A 848 -6.64 -7.10 -16.94
C MET A 848 -7.98 -7.33 -17.61
N GLU A 849 -9.06 -7.34 -16.83
CA GLU A 849 -10.38 -7.54 -17.36
C GLU A 849 -10.69 -6.39 -18.32
N ASN A 850 -10.64 -5.16 -17.80
CA ASN A 850 -10.95 -3.97 -18.59
C ASN A 850 -10.07 -3.85 -19.84
N ILE A 851 -8.84 -4.35 -19.76
CA ILE A 851 -7.93 -4.39 -20.92
C ILE A 851 -8.44 -5.33 -22.00
N TRP A 852 -8.77 -6.57 -21.62
CA TRP A 852 -9.31 -7.56 -22.56
C TRP A 852 -10.62 -7.10 -23.17
N GLN A 853 -11.54 -6.70 -22.31
CA GLN A 853 -12.93 -6.50 -22.67
C GLN A 853 -13.13 -5.29 -23.58
N ASN A 854 -12.60 -4.15 -23.15
CA ASN A 854 -12.67 -2.91 -23.96
C ASN A 854 -11.92 -3.03 -25.31
N GLN A 855 -10.98 -3.97 -25.36
CA GLN A 855 -10.34 -4.40 -26.63
C GLN A 855 -11.09 -5.60 -27.27
N GLY A 856 -12.39 -5.70 -27.00
CA GLY A 856 -13.23 -6.77 -27.53
C GLY A 856 -12.70 -8.19 -27.39
N LEU A 857 -12.80 -8.75 -26.18
CA LEU A 857 -12.80 -10.20 -25.98
C LEU A 857 -13.23 -10.57 -24.56
N ASP A 858 -14.43 -11.14 -24.48
CA ASP A 858 -15.21 -11.31 -23.25
C ASP A 858 -14.63 -12.43 -22.38
N LEU A 859 -13.95 -12.04 -21.32
CA LEU A 859 -13.44 -12.99 -20.33
C LEU A 859 -13.84 -12.42 -18.99
N ARG A 860 -14.63 -13.17 -18.22
CA ARG A 860 -15.21 -12.60 -17.02
C ARG A 860 -14.51 -13.01 -15.73
N MET A 861 -13.67 -12.08 -15.29
CA MET A 861 -13.04 -12.10 -13.99
C MET A 861 -14.04 -11.53 -13.01
N LEU A 862 -14.00 -12.00 -11.78
CA LEU A 862 -14.79 -11.44 -10.70
C LEU A 862 -13.78 -10.92 -9.65
N PRO A 863 -13.24 -9.71 -9.87
CA PRO A 863 -12.41 -9.11 -8.86
C PRO A 863 -13.28 -8.61 -7.71
N TYR A 864 -13.58 -9.54 -6.81
CA TYR A 864 -14.36 -9.24 -5.62
C TYR A 864 -13.68 -8.13 -4.81
N GLY A 865 -14.47 -7.31 -4.14
CA GLY A 865 -13.94 -6.19 -3.39
C GLY A 865 -13.18 -6.64 -2.14
N CYS A 866 -12.05 -5.97 -1.89
CA CYS A 866 -11.23 -6.18 -0.70
C CYS A 866 -10.66 -4.85 -0.27
N LEU A 867 -10.70 -4.55 1.03
CA LEU A 867 -10.10 -3.31 1.58
C LEU A 867 -9.35 -3.53 2.89
N SER A 868 -8.08 -3.10 2.93
CA SER A 868 -7.30 -3.04 4.17
C SER A 868 -7.55 -1.69 4.83
N ILE A 869 -7.93 -1.73 6.10
CA ILE A 869 -8.27 -0.52 6.86
C ILE A 869 -7.36 -0.38 8.08
N GLY A 870 -6.19 -1.00 8.03
CA GLY A 870 -5.27 -1.04 9.17
C GLY A 870 -4.20 -2.10 9.04
N ASP A 871 -3.69 -2.52 10.19
CA ASP A 871 -2.57 -3.45 10.26
C ASP A 871 -3.12 -4.87 10.31
N CYS A 872 -3.14 -5.53 9.16
CA CYS A 872 -3.79 -6.84 9.01
C CYS A 872 -5.22 -6.83 9.53
N VAL A 873 -5.98 -5.84 9.08
CA VAL A 873 -7.42 -5.73 9.35
C VAL A 873 -8.11 -5.23 8.08
N GLY A 874 -9.24 -5.84 7.73
CA GLY A 874 -9.87 -5.53 6.45
C GLY A 874 -11.23 -6.13 6.12
N LEU A 875 -11.75 -5.72 4.98
CA LEU A 875 -13.06 -6.06 4.55
C LEU A 875 -13.00 -6.73 3.21
N ILE A 876 -13.68 -7.88 3.12
CA ILE A 876 -13.85 -8.61 1.87
C ILE A 876 -15.33 -8.71 1.54
N GLU A 877 -15.66 -8.37 0.29
CA GLU A 877 -16.98 -8.54 -0.27
C GLU A 877 -17.34 -10.03 -0.35
N VAL A 878 -18.50 -10.38 0.20
CA VAL A 878 -19.12 -11.70 -0.04
C VAL A 878 -19.80 -11.74 -1.40
N VAL A 879 -19.41 -12.68 -2.24
CA VAL A 879 -20.18 -12.96 -3.44
C VAL A 879 -21.21 -14.03 -3.06
N ARG A 880 -22.49 -13.67 -3.13
CA ARG A 880 -23.59 -14.60 -2.78
C ARG A 880 -23.74 -15.66 -3.85
N ASN A 881 -24.17 -16.85 -3.43
CA ASN A 881 -24.35 -18.00 -4.33
C ASN A 881 -23.06 -18.37 -5.05
N SER A 882 -22.09 -18.81 -4.27
CA SER A 882 -20.84 -19.32 -4.83
C SER A 882 -20.19 -20.22 -3.79
N HIS A 883 -19.62 -21.31 -4.29
CA HIS A 883 -19.15 -22.38 -3.42
C HIS A 883 -17.78 -22.79 -3.90
N THR A 884 -16.97 -23.28 -2.96
CA THR A 884 -15.67 -23.84 -3.29
C THR A 884 -15.89 -25.16 -4.00
N ILE A 885 -15.09 -25.41 -5.04
CA ILE A 885 -15.13 -26.68 -5.77
C ILE A 885 -15.28 -27.85 -4.77
N MET A 886 -14.59 -27.74 -3.63
CA MET A 886 -14.72 -28.69 -2.52
C MET A 886 -16.15 -28.92 -2.03
N GLN A 887 -16.89 -27.84 -1.76
CA GLN A 887 -18.31 -27.93 -1.39
C GLN A 887 -19.17 -28.58 -2.47
N ILE A 888 -18.93 -28.18 -3.72
CA ILE A 888 -19.60 -28.79 -4.85
C ILE A 888 -19.41 -30.31 -4.82
N GLN A 889 -18.19 -30.75 -4.51
CA GLN A 889 -17.88 -32.17 -4.45
C GLN A 889 -18.21 -32.85 -3.12
N CYS A 890 -18.22 -32.11 -2.01
CA CYS A 890 -18.73 -32.64 -0.73
C CYS A 890 -20.21 -32.94 -0.79
N LYS A 891 -20.98 -31.98 -1.27
CA LYS A 891 -22.42 -32.14 -1.46
C LYS A 891 -22.72 -33.23 -2.50
N GLY A 892 -22.14 -33.07 -3.69
CA GLY A 892 -22.21 -34.08 -4.76
C GLY A 892 -21.15 -35.17 -4.62
N GLY A 893 -21.37 -36.07 -3.68
CA GLY A 893 -20.42 -37.16 -3.38
C GLY A 893 -21.14 -38.28 -2.65
N LEU A 894 -20.98 -39.51 -3.15
CA LEU A 894 -21.84 -40.64 -2.76
C LEU A 894 -21.50 -41.17 -1.36
N LYS A 895 -22.56 -41.61 -0.66
CA LYS A 895 -22.52 -42.16 0.71
C LYS A 895 -21.21 -42.80 1.18
N GLY A 896 -20.73 -43.79 0.43
CA GLY A 896 -19.59 -44.61 0.82
C GLY A 896 -18.27 -43.91 0.52
N ALA A 897 -17.75 -43.21 1.52
CA ALA A 897 -16.52 -42.42 1.39
C ALA A 897 -15.38 -43.25 0.75
N LEU A 898 -15.21 -43.07 -0.57
CA LEU A 898 -14.18 -43.80 -1.35
C LEU A 898 -13.44 -42.89 -2.34
N GLN A 899 -14.15 -42.33 -3.31
CA GLN A 899 -13.56 -41.41 -4.31
C GLN A 899 -14.64 -40.48 -4.87
N PHE A 900 -14.34 -39.18 -4.91
CA PHE A 900 -15.26 -38.20 -5.52
C PHE A 900 -15.21 -38.32 -7.04
N ASN A 901 -16.37 -38.12 -7.67
CA ASN A 901 -16.49 -38.22 -9.12
C ASN A 901 -16.07 -36.90 -9.79
N SER A 902 -15.29 -37.01 -10.86
CA SER A 902 -14.81 -35.84 -11.62
C SER A 902 -15.96 -35.04 -12.23
N HIS A 903 -16.99 -35.75 -12.65
CA HIS A 903 -18.16 -35.15 -13.25
C HIS A 903 -19.04 -34.36 -12.25
N THR A 904 -18.93 -34.59 -10.94
CA THR A 904 -19.86 -33.95 -9.98
C THR A 904 -19.91 -32.42 -10.10
N LEU A 905 -18.80 -31.79 -10.48
CA LEU A 905 -18.83 -30.35 -10.81
C LEU A 905 -19.84 -30.13 -11.94
N HIS A 906 -19.60 -30.84 -13.04
CA HIS A 906 -20.45 -30.77 -14.21
C HIS A 906 -21.91 -31.15 -13.91
N GLN A 907 -22.12 -32.12 -13.04
CA GLN A 907 -23.49 -32.54 -12.66
C GLN A 907 -24.18 -31.47 -11.85
N TRP A 908 -23.45 -30.91 -10.89
CA TRP A 908 -23.94 -29.79 -10.06
C TRP A 908 -24.32 -28.56 -10.91
N LEU A 909 -23.53 -28.30 -11.95
CA LEU A 909 -23.72 -27.12 -12.79
C LEU A 909 -24.97 -27.24 -13.68
N LYS A 910 -25.21 -28.43 -14.24
CA LYS A 910 -26.50 -28.79 -14.91
C LYS A 910 -27.69 -28.66 -13.98
N ASP A 911 -27.50 -29.06 -12.73
CA ASP A 911 -28.53 -28.94 -11.69
C ASP A 911 -29.00 -27.48 -11.47
N LYS A 912 -28.14 -26.52 -11.82
CA LYS A 912 -28.47 -25.08 -11.82
C LYS A 912 -28.95 -24.55 -13.16
N ASN A 913 -28.26 -24.93 -14.23
CA ASN A 913 -28.53 -24.40 -15.57
C ASN A 913 -29.12 -25.46 -16.50
N LYS A 914 -30.36 -25.23 -16.93
CA LYS A 914 -31.15 -26.22 -17.67
C LYS A 914 -31.87 -25.64 -18.89
N GLY A 915 -31.51 -26.13 -20.07
CA GLY A 915 -32.15 -25.74 -21.33
C GLY A 915 -31.18 -25.02 -22.25
N GLU A 916 -31.62 -23.90 -22.83
CA GLU A 916 -30.72 -22.98 -23.53
C GLU A 916 -29.79 -22.28 -22.51
N ILE A 917 -30.25 -22.24 -21.26
CA ILE A 917 -29.51 -21.67 -20.15
C ILE A 917 -28.18 -22.43 -19.99
N TYR A 918 -28.23 -23.76 -19.92
CA TYR A 918 -27.03 -24.62 -19.84
C TYR A 918 -25.91 -24.24 -20.82
N ASP A 919 -26.25 -24.04 -22.10
CA ASP A 919 -25.27 -23.66 -23.11
C ASP A 919 -24.52 -22.38 -22.73
N ALA A 920 -25.27 -21.41 -22.20
CA ALA A 920 -24.72 -20.10 -21.85
C ALA A 920 -23.84 -20.13 -20.59
N ALA A 921 -24.22 -20.96 -19.62
CA ALA A 921 -23.45 -21.11 -18.36
C ALA A 921 -22.09 -21.75 -18.59
N ILE A 922 -22.01 -22.67 -19.56
CA ILE A 922 -20.74 -23.28 -19.95
C ILE A 922 -19.85 -22.27 -20.65
N ASP A 923 -20.45 -21.47 -21.55
CA ASP A 923 -19.75 -20.36 -22.19
C ASP A 923 -19.12 -19.40 -21.18
N LEU A 924 -19.84 -19.13 -20.10
CA LEU A 924 -19.36 -18.32 -18.99
C LEU A 924 -18.21 -18.99 -18.26
N PHE A 925 -18.45 -20.23 -17.82
CA PHE A 925 -17.42 -21.09 -17.20
C PHE A 925 -16.19 -21.27 -18.07
N THR A 926 -16.38 -21.32 -19.38
CA THR A 926 -15.27 -21.44 -20.33
C THR A 926 -14.58 -20.10 -20.55
N ARG A 927 -15.33 -19.01 -20.49
CA ARG A 927 -14.75 -17.66 -20.55
C ARG A 927 -14.02 -17.28 -19.25
N SER A 928 -14.69 -17.46 -18.11
CA SER A 928 -14.07 -17.07 -16.82
C SER A 928 -12.84 -17.91 -16.54
N CYS A 929 -12.89 -19.18 -16.90
CA CYS A 929 -11.78 -20.11 -16.66
C CYS A 929 -10.57 -19.76 -17.51
N ALA A 930 -10.79 -19.36 -18.77
CA ALA A 930 -9.68 -18.94 -19.65
C ALA A 930 -8.97 -17.68 -19.16
N GLY A 931 -9.74 -16.71 -18.69
CA GLY A 931 -9.17 -15.47 -18.15
C GLY A 931 -8.42 -15.71 -16.86
N TYR A 932 -9.04 -16.44 -15.94
CA TYR A 932 -8.41 -16.78 -14.67
C TYR A 932 -7.22 -17.72 -14.81
N CYS A 933 -7.08 -18.42 -15.94
CA CYS A 933 -5.88 -19.21 -16.21
C CYS A 933 -4.70 -18.30 -16.55
N VAL A 934 -4.94 -17.35 -17.45
CA VAL A 934 -3.90 -16.45 -17.98
C VAL A 934 -3.39 -15.45 -16.94
N ALA A 935 -4.31 -14.82 -16.21
CA ALA A 935 -3.94 -13.86 -15.16
C ALA A 935 -3.07 -14.55 -14.12
N THR A 936 -3.60 -15.65 -13.59
CA THR A 936 -2.89 -16.52 -12.65
C THR A 936 -1.45 -16.89 -13.05
N PHE A 937 -1.29 -17.51 -14.22
CA PHE A 937 0.05 -17.80 -14.78
C PHE A 937 0.97 -16.56 -14.79
N ILE A 938 0.43 -15.42 -15.22
CA ILE A 938 1.18 -14.17 -15.34
C ILE A 938 1.58 -13.57 -13.99
N LEU A 939 0.66 -13.52 -13.04
CA LEU A 939 0.94 -13.00 -11.69
C LEU A 939 1.62 -14.02 -10.78
N GLY A 940 1.69 -15.28 -11.21
CA GLY A 940 2.38 -16.34 -10.46
C GLY A 940 1.80 -16.64 -9.06
N ILE A 941 0.55 -16.24 -8.83
CA ILE A 941 -0.17 -16.39 -7.55
C ILE A 941 -0.13 -17.82 -6.99
N GLY A 942 -0.56 -17.98 -5.75
CA GLY A 942 -0.45 -19.26 -5.05
C GLY A 942 -1.16 -20.40 -5.73
N ASP A 943 -0.60 -21.60 -5.61
CA ASP A 943 -1.20 -22.80 -6.17
C ASP A 943 -2.71 -22.83 -5.94
N ARG A 944 -3.45 -23.02 -7.03
CA ARG A 944 -4.90 -23.17 -6.98
C ARG A 944 -5.25 -24.60 -6.63
N HIS A 945 -6.26 -24.79 -5.78
CA HIS A 945 -6.78 -26.12 -5.47
C HIS A 945 -8.19 -26.00 -4.91
N ASN A 946 -8.92 -27.12 -4.90
CA ASN A 946 -10.38 -27.16 -4.68
C ASN A 946 -11.01 -26.23 -3.63
N SER A 947 -10.26 -25.89 -2.58
CA SER A 947 -10.77 -25.02 -1.51
C SER A 947 -10.40 -23.54 -1.64
N ASN A 948 -9.70 -23.17 -2.71
CA ASN A 948 -9.54 -21.75 -3.05
C ASN A 948 -9.98 -21.39 -4.48
N ILE A 949 -10.73 -22.28 -5.11
CA ILE A 949 -11.39 -22.00 -6.39
C ILE A 949 -12.86 -22.06 -6.11
N MET A 950 -13.61 -21.17 -6.74
CA MET A 950 -15.04 -21.09 -6.51
C MET A 950 -15.82 -21.02 -7.80
N VAL A 951 -16.99 -21.67 -7.81
CA VAL A 951 -17.91 -21.59 -8.93
C VAL A 951 -19.25 -21.06 -8.45
N LYS A 952 -19.83 -20.14 -9.23
CA LYS A 952 -21.15 -19.58 -8.97
C LYS A 952 -22.21 -20.44 -9.65
N ASP A 953 -23.45 -20.33 -9.15
CA ASP A 953 -24.60 -21.09 -9.68
C ASP A 953 -24.75 -20.89 -11.19
N ASP A 954 -24.71 -19.64 -11.63
CA ASP A 954 -24.72 -19.30 -13.06
C ASP A 954 -23.50 -19.73 -13.86
N GLY A 955 -22.52 -20.37 -13.21
CA GLY A 955 -21.41 -21.05 -13.87
C GLY A 955 -20.13 -20.23 -14.09
N GLN A 956 -20.00 -19.13 -13.36
CA GLN A 956 -18.80 -18.31 -13.41
C GLN A 956 -17.84 -18.83 -12.37
N LEU A 957 -16.61 -19.07 -12.82
CA LEU A 957 -15.53 -19.56 -11.98
C LEU A 957 -14.70 -18.36 -11.55
N PHE A 958 -14.21 -18.39 -10.31
CA PHE A 958 -13.30 -17.33 -9.81
C PHE A 958 -12.46 -17.78 -8.62
N HIS A 959 -11.22 -17.26 -8.57
CA HIS A 959 -10.25 -17.59 -7.53
C HIS A 959 -10.37 -16.65 -6.34
N ILE A 960 -10.05 -17.19 -5.17
CA ILE A 960 -10.05 -16.48 -3.90
C ILE A 960 -8.78 -16.87 -3.16
N ASP A 961 -8.45 -16.19 -2.06
CA ASP A 961 -7.26 -16.49 -1.24
C ASP A 961 -6.02 -16.76 -2.13
N PHE A 962 -5.43 -15.69 -2.63
CA PHE A 962 -4.30 -15.82 -3.56
C PHE A 962 -2.98 -16.07 -2.83
N GLY A 963 -2.93 -15.72 -1.54
CA GLY A 963 -1.71 -15.82 -0.74
C GLY A 963 -0.65 -14.80 -1.15
N HIS A 964 0.56 -15.31 -1.41
CA HIS A 964 1.63 -14.57 -2.10
C HIS A 964 1.31 -14.33 -3.57
N PHE A 965 1.99 -13.38 -4.22
CA PHE A 965 1.82 -13.17 -5.68
C PHE A 965 3.01 -13.57 -6.53
N LEU A 966 4.03 -12.73 -6.68
CA LEU A 966 5.02 -12.90 -7.79
C LEU A 966 5.98 -14.10 -7.64
N ASP A 967 5.41 -15.25 -7.30
CA ASP A 967 6.14 -16.42 -6.85
C ASP A 967 7.11 -16.06 -5.72
N HIS A 968 6.56 -15.54 -4.64
CA HIS A 968 7.32 -15.21 -3.42
C HIS A 968 7.86 -16.41 -2.61
N LYS A 969 7.42 -17.63 -2.92
CA LYS A 969 8.03 -18.83 -2.33
C LYS A 969 9.12 -19.41 -3.27
N LYS A 970 9.60 -18.60 -4.20
CA LYS A 970 10.86 -18.82 -4.91
C LYS A 970 12.04 -18.24 -4.10
N LYS A 971 11.74 -17.49 -3.02
CA LYS A 971 12.73 -17.07 -2.00
C LYS A 971 13.44 -18.28 -1.39
N LYS A 972 12.64 -19.28 -1.05
CA LYS A 972 13.14 -20.64 -0.78
C LYS A 972 13.30 -21.29 -2.15
N PHE A 973 14.48 -21.83 -2.42
CA PHE A 973 14.92 -22.25 -3.78
C PHE A 973 14.51 -21.32 -4.95
N GLY A 974 13.37 -21.58 -5.58
CA GLY A 974 12.91 -20.79 -6.72
C GLY A 974 13.61 -21.01 -8.05
N TYR A 975 14.41 -20.02 -8.46
CA TYR A 975 15.10 -20.00 -9.75
C TYR A 975 14.07 -20.06 -10.90
N LYS A 976 14.37 -20.74 -12.01
CA LYS A 976 13.52 -20.73 -13.20
C LYS A 976 12.37 -21.75 -13.05
N ARG A 977 11.53 -21.54 -12.05
CA ARG A 977 10.40 -22.42 -11.77
C ARG A 977 9.25 -22.15 -12.74
N GLU A 978 9.05 -20.88 -13.09
CA GLU A 978 7.96 -20.40 -13.96
C GLU A 978 6.69 -21.25 -13.84
N ARG A 979 6.10 -21.14 -12.65
CA ARG A 979 5.05 -22.04 -12.19
C ARG A 979 3.70 -21.82 -12.90
N VAL A 980 2.99 -22.91 -13.20
CA VAL A 980 1.56 -22.83 -13.57
C VAL A 980 0.76 -23.07 -12.30
N PRO A 981 0.08 -22.02 -11.78
CA PRO A 981 -0.68 -22.18 -10.53
C PRO A 981 -2.09 -22.71 -10.69
N PHE A 982 -2.71 -22.51 -11.86
CA PHE A 982 -4.02 -23.07 -12.18
C PHE A 982 -3.84 -24.18 -13.21
N VAL A 983 -3.91 -25.42 -12.72
CA VAL A 983 -3.80 -26.64 -13.53
C VAL A 983 -5.20 -27.23 -13.68
N LEU A 984 -5.71 -27.21 -14.91
CA LEU A 984 -7.09 -27.64 -15.15
C LEU A 984 -7.16 -29.15 -15.06
N THR A 985 -7.60 -29.66 -13.91
CA THR A 985 -7.88 -31.09 -13.78
C THR A 985 -9.07 -31.48 -14.67
N GLN A 986 -9.40 -32.77 -14.69
CA GLN A 986 -10.50 -33.28 -15.51
C GLN A 986 -11.79 -32.51 -15.20
N ASP A 987 -12.14 -32.47 -13.92
CA ASP A 987 -13.30 -31.71 -13.41
C ASP A 987 -13.68 -30.54 -14.30
N PHE A 988 -12.67 -29.72 -14.58
CA PHE A 988 -12.80 -28.45 -15.29
C PHE A 988 -12.97 -28.71 -16.77
N LEU A 989 -12.09 -29.56 -17.31
CA LEU A 989 -12.08 -29.94 -18.73
C LEU A 989 -13.40 -30.56 -19.18
N ILE A 990 -13.94 -31.45 -18.35
CA ILE A 990 -15.25 -32.07 -18.61
C ILE A 990 -16.29 -30.98 -18.91
N VAL A 991 -16.42 -30.04 -17.98
CA VAL A 991 -17.43 -28.96 -18.05
C VAL A 991 -17.20 -28.09 -19.30
N ILE A 992 -15.95 -27.80 -19.62
CA ILE A 992 -15.60 -27.00 -20.80
C ILE A 992 -16.13 -27.62 -22.09
N SER A 993 -15.98 -28.94 -22.21
CA SER A 993 -16.42 -29.68 -23.41
C SER A 993 -17.70 -30.47 -23.14
N LYS A 994 -18.73 -29.72 -22.76
CA LYS A 994 -20.08 -30.21 -22.45
C LYS A 994 -20.09 -31.38 -21.48
N GLY A 995 -19.86 -32.60 -21.96
CA GLY A 995 -19.68 -33.75 -21.04
C GLY A 995 -18.93 -34.95 -21.57
N ALA A 996 -18.09 -34.73 -22.59
CA ALA A 996 -17.56 -35.82 -23.40
C ALA A 996 -16.38 -36.54 -22.72
N GLN A 997 -16.16 -37.79 -23.15
CA GLN A 997 -14.91 -38.51 -22.86
C GLN A 997 -13.81 -37.95 -23.75
N GLU A 998 -12.62 -37.84 -23.17
CA GLU A 998 -11.46 -37.20 -23.82
C GLU A 998 -11.75 -35.77 -24.28
N CYS A 999 -12.08 -34.96 -23.28
CA CYS A 999 -12.30 -33.52 -23.37
C CYS A 999 -11.21 -32.80 -24.15
N THR A 1000 -9.96 -33.19 -23.88
CA THR A 1000 -8.76 -32.71 -24.59
C THR A 1000 -8.92 -32.48 -26.10
N LYS A 1001 -9.86 -33.21 -26.72
CA LYS A 1001 -9.98 -33.26 -28.18
C LYS A 1001 -11.43 -32.94 -28.62
N THR A 1002 -11.80 -31.68 -28.47
CA THR A 1002 -13.12 -31.16 -28.91
C THR A 1002 -12.94 -29.75 -29.48
N ARG A 1003 -13.94 -29.25 -30.20
CA ARG A 1003 -13.93 -27.83 -30.64
C ARG A 1003 -14.20 -26.88 -29.46
N GLU A 1004 -14.93 -27.39 -28.46
CA GLU A 1004 -15.23 -26.64 -27.25
C GLU A 1004 -13.91 -26.24 -26.55
N PHE A 1005 -12.98 -27.21 -26.48
CA PHE A 1005 -11.62 -27.02 -25.92
C PHE A 1005 -10.63 -26.33 -26.88
N GLU A 1006 -10.81 -26.48 -28.19
CA GLU A 1006 -10.05 -25.67 -29.16
C GLU A 1006 -10.28 -24.18 -28.92
N ARG A 1007 -11.55 -23.80 -28.86
CA ARG A 1007 -11.96 -22.41 -28.58
C ARG A 1007 -11.32 -21.89 -27.30
N PHE A 1008 -11.48 -22.66 -26.22
CA PHE A 1008 -10.87 -22.36 -24.93
C PHE A 1008 -9.42 -21.93 -25.11
N GLN A 1009 -8.62 -22.80 -25.70
CA GLN A 1009 -7.21 -22.52 -25.94
C GLN A 1009 -6.99 -21.20 -26.66
N GLU A 1010 -7.79 -20.95 -27.70
CA GLU A 1010 -7.67 -19.70 -28.45
C GLU A 1010 -8.08 -18.45 -27.65
N MET A 1011 -8.93 -18.61 -26.64
CA MET A 1011 -9.19 -17.52 -25.68
C MET A 1011 -7.92 -17.25 -24.87
N CYS A 1012 -7.32 -18.32 -24.34
CA CYS A 1012 -6.09 -18.26 -23.55
C CYS A 1012 -4.90 -17.67 -24.31
N TYR A 1013 -4.81 -17.94 -25.61
CA TYR A 1013 -3.73 -17.38 -26.45
C TYR A 1013 -3.95 -15.90 -26.78
N LYS A 1014 -5.20 -15.55 -27.08
CA LYS A 1014 -5.58 -14.16 -27.32
C LYS A 1014 -5.58 -13.32 -26.05
N ALA A 1015 -5.87 -13.95 -24.91
CA ALA A 1015 -5.79 -13.30 -23.61
C ALA A 1015 -4.34 -12.99 -23.20
N TYR A 1016 -3.50 -14.02 -23.22
CA TYR A 1016 -2.06 -13.88 -22.89
C TYR A 1016 -1.30 -12.82 -23.71
N LEU A 1017 -1.62 -12.71 -25.00
CA LEU A 1017 -1.01 -11.70 -25.87
C LEU A 1017 -1.56 -10.31 -25.65
N ALA A 1018 -2.82 -10.20 -25.23
CA ALA A 1018 -3.40 -8.91 -24.86
C ALA A 1018 -2.64 -8.29 -23.67
N ILE A 1019 -2.52 -9.07 -22.60
CA ILE A 1019 -1.80 -8.63 -21.39
C ILE A 1019 -0.28 -8.46 -21.63
N ARG A 1020 0.26 -9.16 -22.62
CA ARG A 1020 1.66 -9.02 -23.04
C ARG A 1020 1.96 -7.71 -23.77
N GLN A 1021 0.98 -7.15 -24.47
CA GLN A 1021 1.19 -5.86 -25.14
C GLN A 1021 0.92 -4.65 -24.24
N HIS A 1022 0.47 -4.89 -23.01
CA HIS A 1022 0.37 -3.87 -21.97
C HIS A 1022 1.37 -4.08 -20.83
N ALA A 1023 2.37 -4.94 -21.05
CA ALA A 1023 3.30 -5.35 -19.99
C ALA A 1023 3.98 -4.18 -19.29
N ASN A 1024 4.15 -3.08 -20.01
CA ASN A 1024 4.65 -1.84 -19.43
C ASN A 1024 3.83 -1.43 -18.21
N LEU A 1025 2.52 -1.28 -18.40
CA LEU A 1025 1.60 -0.89 -17.33
C LEU A 1025 1.77 -1.77 -16.11
N PHE A 1026 1.69 -3.07 -16.33
CA PHE A 1026 1.73 -4.03 -15.23
C PHE A 1026 3.05 -4.05 -14.44
N ILE A 1027 4.17 -3.99 -15.17
CA ILE A 1027 5.52 -3.77 -14.59
C ILE A 1027 5.49 -2.49 -13.72
N ASN A 1028 5.02 -1.39 -14.32
CA ASN A 1028 4.92 -0.08 -13.67
C ASN A 1028 4.06 -0.08 -12.42
N LEU A 1029 2.91 -0.72 -12.50
CA LEU A 1029 2.03 -0.81 -11.34
C LEU A 1029 2.77 -1.48 -10.17
N PHE A 1030 3.47 -2.57 -10.45
CA PHE A 1030 4.28 -3.24 -9.45
C PHE A 1030 5.49 -2.39 -9.02
N SER A 1031 6.09 -1.66 -9.95
CA SER A 1031 7.20 -0.74 -9.61
C SER A 1031 6.77 0.25 -8.54
N MET A 1032 5.58 0.82 -8.73
CA MET A 1032 5.07 1.85 -7.84
C MET A 1032 4.67 1.32 -6.47
N MET A 1033 4.44 0.02 -6.38
CA MET A 1033 4.05 -0.66 -5.13
C MET A 1033 5.21 -1.05 -4.24
N LEU A 1034 6.45 -0.96 -4.76
CA LEU A 1034 7.64 -1.18 -3.94
C LEU A 1034 7.62 -0.39 -2.63
N GLY A 1035 7.07 0.83 -2.71
CA GLY A 1035 6.88 1.73 -1.56
C GLY A 1035 6.25 1.11 -0.32
N SER A 1036 5.17 0.36 -0.50
CA SER A 1036 4.59 -0.40 0.62
C SER A 1036 5.53 -1.51 1.07
N GLY A 1037 5.46 -1.81 2.36
CA GLY A 1037 6.30 -2.84 2.95
C GLY A 1037 5.74 -4.24 2.79
N MET A 1038 5.32 -4.58 1.59
CA MET A 1038 4.96 -5.95 1.28
C MET A 1038 6.27 -6.73 1.04
N PRO A 1039 6.49 -7.83 1.79
CA PRO A 1039 7.72 -8.59 1.54
C PRO A 1039 7.75 -9.19 0.14
N GLU A 1040 6.59 -9.36 -0.47
CA GLU A 1040 6.49 -9.79 -1.87
C GLU A 1040 7.16 -8.81 -2.86
N LEU A 1041 7.07 -7.51 -2.55
CA LEU A 1041 7.68 -6.44 -3.35
C LEU A 1041 8.75 -5.69 -2.57
N GLN A 1042 9.95 -6.26 -2.56
CA GLN A 1042 11.12 -5.67 -1.89
C GLN A 1042 11.99 -4.86 -2.85
N SER A 1043 12.17 -5.35 -4.07
CA SER A 1043 12.97 -4.67 -5.09
C SER A 1043 12.74 -5.24 -6.49
N PHE A 1044 13.10 -4.45 -7.50
CA PHE A 1044 12.68 -4.67 -8.90
C PHE A 1044 12.83 -6.10 -9.45
N ASP A 1045 13.77 -6.86 -8.91
CA ASP A 1045 13.92 -8.27 -9.28
C ASP A 1045 12.73 -9.11 -8.80
N ASP A 1046 12.08 -8.70 -7.71
CA ASP A 1046 10.81 -9.29 -7.28
C ASP A 1046 9.76 -9.18 -8.39
N ILE A 1047 9.72 -8.00 -9.02
CA ILE A 1047 8.82 -7.70 -10.13
C ILE A 1047 9.24 -8.44 -11.39
N ALA A 1048 10.54 -8.69 -11.53
CA ALA A 1048 11.09 -9.30 -12.73
C ALA A 1048 10.51 -10.67 -13.13
N TYR A 1049 9.90 -11.41 -12.20
CA TYR A 1049 9.16 -12.64 -12.53
C TYR A 1049 8.15 -12.40 -13.65
N ILE A 1050 7.37 -11.32 -13.55
CA ILE A 1050 6.39 -10.97 -14.60
C ILE A 1050 7.04 -10.72 -15.97
N ARG A 1051 8.30 -10.32 -15.97
CA ARG A 1051 9.08 -10.16 -17.20
C ARG A 1051 9.29 -11.51 -17.89
N LYS A 1052 9.62 -12.53 -17.10
CA LYS A 1052 9.81 -13.89 -17.61
C LYS A 1052 8.52 -14.54 -18.07
N THR A 1053 7.50 -14.48 -17.20
CA THR A 1053 6.19 -15.09 -17.44
C THR A 1053 5.54 -14.57 -18.75
N LEU A 1054 5.68 -13.28 -19.02
CA LEU A 1054 5.15 -12.67 -20.24
C LEU A 1054 6.07 -12.88 -21.43
N ALA A 1055 7.35 -13.19 -21.17
CA ALA A 1055 8.35 -13.43 -22.22
C ALA A 1055 8.51 -12.19 -23.12
N LEU A 1056 9.15 -11.18 -22.56
CA LEU A 1056 9.29 -9.89 -23.21
C LEU A 1056 10.65 -9.79 -23.91
N ASP A 1057 11.62 -10.61 -23.48
CA ASP A 1057 12.89 -10.79 -24.23
C ASP A 1057 12.68 -11.29 -25.67
N LYS A 1058 11.63 -12.09 -25.87
CA LYS A 1058 11.35 -12.78 -27.14
C LYS A 1058 10.34 -12.03 -27.99
N THR A 1059 10.10 -12.55 -29.20
CA THR A 1059 9.05 -12.03 -30.08
C THR A 1059 7.73 -12.71 -29.73
N GLU A 1060 6.63 -12.08 -30.12
CA GLU A 1060 5.30 -12.58 -29.74
C GLU A 1060 5.03 -14.03 -30.15
N GLN A 1061 5.51 -14.44 -31.32
CA GLN A 1061 5.35 -15.82 -31.78
C GLN A 1061 6.10 -16.80 -30.88
N GLU A 1062 7.30 -16.41 -30.46
CA GLU A 1062 8.10 -17.21 -29.51
C GLU A 1062 7.45 -17.22 -28.14
N ALA A 1063 6.84 -16.09 -27.77
CA ALA A 1063 6.09 -15.98 -26.52
C ALA A 1063 4.89 -16.92 -26.53
N LEU A 1064 4.14 -16.91 -27.62
CA LEU A 1064 2.96 -17.79 -27.80
C LEU A 1064 3.30 -19.26 -27.58
N GLU A 1065 4.39 -19.68 -28.23
CA GLU A 1065 4.89 -21.05 -28.14
C GLU A 1065 5.49 -21.36 -26.77
N TYR A 1066 6.15 -20.37 -26.17
CA TYR A 1066 6.59 -20.46 -24.76
C TYR A 1066 5.42 -20.68 -23.80
N PHE A 1067 4.33 -19.95 -24.04
CA PHE A 1067 3.12 -20.05 -23.19
C PHE A 1067 2.49 -21.42 -23.36
N MET A 1068 2.25 -21.81 -24.62
CA MET A 1068 1.79 -23.15 -24.98
C MET A 1068 2.64 -24.21 -24.28
N LYS A 1069 3.94 -24.18 -24.54
CA LYS A 1069 4.90 -25.06 -23.84
C LYS A 1069 4.60 -25.15 -22.34
N GLN A 1070 4.62 -23.98 -21.67
CA GLN A 1070 4.44 -23.88 -20.22
C GLN A 1070 3.12 -24.48 -19.77
N MET A 1071 2.07 -24.22 -20.56
CA MET A 1071 0.73 -24.76 -20.31
C MET A 1071 0.60 -26.25 -20.63
N ASN A 1072 1.34 -26.69 -21.65
CA ASN A 1072 1.34 -28.10 -22.07
C ASN A 1072 1.93 -28.96 -20.96
N ASP A 1073 3.13 -28.60 -20.52
CA ASP A 1073 3.89 -29.40 -19.55
C ASP A 1073 3.20 -29.64 -18.20
N ALA A 1074 2.47 -28.66 -17.71
CA ALA A 1074 1.71 -28.81 -16.46
C ALA A 1074 0.51 -29.73 -16.63
N HIS A 1075 -0.07 -29.70 -17.83
CA HIS A 1075 -1.25 -30.51 -18.19
C HIS A 1075 -0.85 -31.89 -18.79
N HIS A 1076 0.34 -31.96 -19.38
CA HIS A 1076 0.89 -33.15 -20.06
C HIS A 1076 0.05 -33.61 -21.26
N GLY A 1077 0.02 -32.75 -22.29
CA GLY A 1077 -0.71 -32.99 -23.53
C GLY A 1077 -1.90 -32.06 -23.67
N GLY A 1078 -2.08 -31.50 -24.86
CA GLY A 1078 -3.21 -30.61 -25.16
C GLY A 1078 -2.92 -29.39 -26.00
N TRP A 1079 -1.68 -28.88 -25.95
CA TRP A 1079 -1.34 -27.53 -26.42
C TRP A 1079 -0.20 -27.48 -27.47
N THR A 1080 -0.56 -27.60 -28.76
CA THR A 1080 0.32 -27.25 -29.94
C THR A 1080 -0.41 -27.49 -31.29
N THR A 1081 -0.89 -26.41 -31.91
CA THR A 1081 -1.33 -26.42 -33.34
C THR A 1081 -1.00 -25.08 -34.04
N LYS A 1082 -2.01 -24.21 -34.22
CA LYS A 1082 -1.92 -22.97 -35.03
C LYS A 1082 -1.41 -23.21 -36.45
N SER B 6 36.84 -23.16 -25.85
CA SER B 6 37.37 -22.04 -24.98
C SER B 6 36.55 -20.73 -25.06
N LEU B 7 36.01 -20.43 -26.24
CA LEU B 7 35.06 -19.31 -26.40
C LEU B 7 33.69 -19.63 -25.78
N GLN B 8 33.26 -20.89 -25.95
CA GLN B 8 32.14 -21.47 -25.19
C GLN B 8 32.49 -21.60 -23.71
N ASP B 9 33.55 -22.36 -23.44
CA ASP B 9 34.03 -22.63 -22.07
C ASP B 9 35.11 -21.59 -21.68
N ALA B 10 34.69 -20.33 -21.65
CA ALA B 10 35.42 -19.27 -20.96
C ALA B 10 34.77 -19.20 -19.58
N GLU B 11 35.61 -19.18 -18.54
CA GLU B 11 35.17 -19.11 -17.13
C GLU B 11 33.98 -18.16 -16.89
N TRP B 12 34.13 -16.93 -17.37
CA TRP B 12 33.10 -15.88 -17.17
C TRP B 12 31.92 -15.94 -18.13
N TYR B 13 32.11 -16.50 -19.33
CA TYR B 13 31.05 -16.56 -20.33
C TYR B 13 29.91 -17.48 -19.87
N SER B 18 19.64 -15.19 -18.99
CA SER B 18 18.91 -13.95 -19.25
C SER B 18 19.21 -12.88 -18.21
N ARG B 19 18.92 -11.63 -18.59
CA ARG B 19 19.08 -10.44 -17.73
C ARG B 19 18.84 -10.68 -16.25
N GLU B 20 17.80 -11.43 -15.94
CA GLU B 20 17.35 -11.60 -14.56
C GLU B 20 18.34 -12.47 -13.77
N GLU B 21 18.61 -13.68 -14.23
CA GLU B 21 19.52 -14.60 -13.49
C GLU B 21 21.02 -14.23 -13.57
N VAL B 22 21.36 -13.26 -14.43
CA VAL B 22 22.67 -12.57 -14.37
C VAL B 22 22.77 -11.76 -13.09
N ASN B 23 21.73 -10.96 -12.83
CA ASN B 23 21.66 -10.08 -11.65
C ASN B 23 21.70 -10.84 -10.32
N GLU B 24 21.10 -12.03 -10.29
CA GLU B 24 21.11 -12.88 -9.08
C GLU B 24 22.47 -13.55 -8.85
N LYS B 25 23.30 -13.61 -9.89
CA LYS B 25 24.72 -13.99 -9.77
C LYS B 25 25.61 -12.79 -9.41
N LEU B 26 25.31 -11.64 -10.02
CA LEU B 26 25.95 -10.36 -9.64
C LEU B 26 25.49 -9.77 -8.29
N ARG B 27 24.38 -10.28 -7.74
CA ARG B 27 23.84 -9.81 -6.45
C ARG B 27 24.81 -10.09 -5.29
N ASP B 28 25.14 -9.03 -4.55
CA ASP B 28 26.09 -9.06 -3.40
C ASP B 28 27.53 -9.46 -3.78
N THR B 29 28.06 -8.80 -4.83
CA THR B 29 29.48 -8.88 -5.19
C THR B 29 30.09 -7.47 -5.20
N ALA B 30 31.42 -7.41 -5.23
CA ALA B 30 32.17 -6.17 -5.01
C ALA B 30 32.22 -5.27 -6.26
N ASP B 31 32.79 -4.08 -6.07
CA ASP B 31 33.01 -3.11 -7.14
C ASP B 31 34.15 -3.60 -8.06
N GLY B 32 33.82 -3.88 -9.32
CA GLY B 32 34.76 -4.46 -10.29
C GLY B 32 34.36 -5.84 -10.83
N THR B 33 33.39 -6.49 -10.19
CA THR B 33 32.91 -7.83 -10.60
C THR B 33 32.15 -7.78 -11.94
N PHE B 34 32.29 -8.84 -12.75
CA PHE B 34 31.72 -8.89 -14.10
C PHE B 34 31.46 -10.30 -14.66
N LEU B 35 30.81 -10.32 -15.82
CA LEU B 35 30.64 -11.51 -16.65
C LEU B 35 30.23 -11.08 -18.07
N VAL B 36 29.98 -12.06 -18.96
CA VAL B 36 29.48 -11.79 -20.33
C VAL B 36 28.18 -12.58 -20.61
N ARG B 37 27.27 -11.97 -21.38
CA ARG B 37 25.96 -12.55 -21.75
C ARG B 37 25.84 -12.85 -23.25
N THR B 41 17.50 -10.14 -27.60
CA THR B 41 17.28 -10.34 -29.04
C THR B 41 18.62 -10.45 -29.78
N LYS B 42 18.67 -11.35 -30.75
CA LYS B 42 19.84 -11.47 -31.62
C LYS B 42 19.97 -10.18 -32.38
N MET B 43 18.84 -9.71 -32.93
CA MET B 43 18.79 -8.35 -33.50
C MET B 43 18.68 -7.33 -32.39
N HIS B 44 19.74 -6.53 -32.25
CA HIS B 44 19.95 -5.57 -31.15
C HIS B 44 21.46 -5.46 -31.08
N GLY B 45 22.07 -6.63 -30.92
CA GLY B 45 23.51 -6.75 -30.79
C GLY B 45 23.86 -8.22 -30.57
N ASP B 46 25.11 -8.49 -30.20
CA ASP B 46 25.56 -9.87 -29.92
C ASP B 46 25.72 -10.14 -28.41
N TYR B 47 26.94 -9.98 -27.88
CA TYR B 47 27.25 -10.32 -26.48
C TYR B 47 27.22 -9.06 -25.61
N THR B 48 27.00 -9.25 -24.31
CA THR B 48 26.73 -8.15 -23.36
C THR B 48 27.55 -8.24 -22.06
N LEU B 49 28.60 -7.42 -21.97
CA LEU B 49 29.43 -7.31 -20.76
C LEU B 49 28.63 -6.63 -19.65
N THR B 50 28.26 -7.38 -18.62
CA THR B 50 27.51 -6.87 -17.47
C THR B 50 28.45 -6.68 -16.25
N LEU B 51 28.98 -5.46 -16.12
CA LEU B 51 29.94 -5.08 -15.08
C LEU B 51 29.22 -4.44 -13.89
N ARG B 52 29.51 -4.89 -12.67
CA ARG B 52 28.94 -4.32 -11.44
C ARG B 52 29.79 -3.18 -10.85
N LYS B 53 29.14 -2.06 -10.52
CA LYS B 53 29.81 -0.91 -9.89
C LYS B 53 29.00 -0.37 -8.71
N GLY B 54 29.46 -0.70 -7.50
CA GLY B 54 28.94 -0.11 -6.26
C GLY B 54 27.49 -0.40 -5.93
N GLY B 55 27.00 -1.56 -6.37
CA GLY B 55 25.61 -1.98 -6.13
C GLY B 55 24.69 -1.92 -7.33
N ASN B 56 25.13 -1.25 -8.40
CA ASN B 56 24.36 -1.16 -9.66
C ASN B 56 25.13 -1.76 -10.83
N ASN B 57 24.37 -2.27 -11.80
CA ASN B 57 24.90 -3.07 -12.92
C ASN B 57 24.97 -2.29 -14.23
N LYS B 58 26.20 -2.10 -14.73
CA LYS B 58 26.48 -1.47 -16.02
C LYS B 58 26.59 -2.52 -17.13
N LEU B 59 25.66 -2.45 -18.09
CA LEU B 59 25.64 -3.33 -19.26
C LEU B 59 26.33 -2.63 -20.43
N ILE B 60 27.24 -3.34 -21.09
CA ILE B 60 28.03 -2.81 -22.20
C ILE B 60 27.94 -3.78 -23.39
N LYS B 61 27.40 -3.29 -24.51
CA LYS B 61 27.18 -4.10 -25.72
C LYS B 61 28.47 -4.42 -26.49
N ILE B 62 28.58 -5.67 -26.94
CA ILE B 62 29.68 -6.12 -27.82
C ILE B 62 29.10 -6.30 -29.23
N PHE B 63 29.47 -5.40 -30.15
CA PHE B 63 29.02 -5.44 -31.54
C PHE B 63 30.03 -6.20 -32.41
N HIS B 64 29.52 -7.00 -33.35
CA HIS B 64 30.33 -7.85 -34.23
C HIS B 64 29.83 -7.77 -35.69
N ARG B 65 30.76 -7.62 -36.63
CA ARG B 65 30.44 -7.48 -38.07
C ARG B 65 31.51 -8.11 -38.94
N LYS B 68 35.87 -8.59 -36.43
CA LYS B 68 36.16 -7.88 -35.18
C LYS B 68 34.97 -7.88 -34.21
N TYR B 69 35.29 -7.83 -32.93
CA TYR B 69 34.32 -7.60 -31.85
C TYR B 69 34.76 -6.33 -31.11
N GLY B 70 33.81 -5.54 -30.63
CA GLY B 70 34.14 -4.30 -29.91
C GLY B 70 32.97 -3.55 -29.31
N PHE B 71 33.28 -2.50 -28.54
CA PHE B 71 32.27 -1.64 -27.90
C PHE B 71 31.73 -0.54 -28.82
N SER B 72 32.61 0.07 -29.62
CA SER B 72 32.18 1.03 -30.67
C SER B 72 33.22 1.24 -31.78
N ASP B 73 34.12 2.21 -31.60
CA ASP B 73 35.12 2.57 -32.62
C ASP B 73 36.34 1.65 -32.66
N PRO B 74 37.08 1.52 -31.52
CA PRO B 74 38.32 0.74 -31.55
C PRO B 74 38.02 -0.76 -31.60
N LEU B 75 37.70 -1.23 -32.81
CA LEU B 75 37.19 -2.58 -33.03
C LEU B 75 38.27 -3.67 -33.08
N THR B 76 39.54 -3.29 -33.25
CA THR B 76 40.64 -4.26 -33.43
C THR B 76 40.83 -5.16 -32.21
N VAL B 80 35.81 -12.41 -28.77
CA VAL B 80 35.22 -12.08 -27.48
C VAL B 80 36.24 -12.15 -26.34
N VAL B 81 37.07 -13.20 -26.32
CA VAL B 81 38.08 -13.43 -25.26
C VAL B 81 39.25 -12.43 -25.35
N GLU B 82 39.53 -11.94 -26.56
CA GLU B 82 40.57 -10.91 -26.77
C GLU B 82 40.17 -9.63 -26.04
N LEU B 83 38.96 -9.16 -26.32
CA LEU B 83 38.45 -7.90 -25.77
C LEU B 83 38.39 -7.83 -24.23
N ILE B 84 38.05 -8.95 -23.59
CA ILE B 84 37.80 -8.99 -22.13
C ILE B 84 39.09 -9.09 -21.30
N ASN B 85 40.07 -9.83 -21.80
CA ASN B 85 41.36 -9.99 -21.11
C ASN B 85 42.15 -8.70 -20.96
N HIS B 86 42.16 -7.87 -22.01
CA HIS B 86 42.89 -6.61 -21.98
C HIS B 86 42.39 -5.75 -20.83
N TYR B 87 41.07 -5.57 -20.79
CA TYR B 87 40.46 -4.71 -19.77
C TYR B 87 40.67 -5.23 -18.38
N ARG B 88 40.77 -6.54 -18.21
CA ARG B 88 41.04 -7.11 -16.89
C ARG B 88 42.25 -6.45 -16.21
N ASN B 89 43.28 -6.13 -17.00
CA ASN B 89 44.40 -5.27 -16.56
C ASN B 89 44.01 -3.80 -16.36
N GLU B 90 43.08 -3.31 -17.19
CA GLU B 90 42.82 -1.87 -17.39
C GLU B 90 41.42 -1.36 -16.97
N SER B 91 41.34 -0.04 -16.78
CA SER B 91 40.07 0.65 -16.50
C SER B 91 39.31 0.99 -17.78
N LEU B 92 37.99 1.06 -17.66
CA LEU B 92 37.10 1.40 -18.78
C LEU B 92 36.82 2.91 -18.91
N ALA B 93 37.56 3.74 -18.17
CA ALA B 93 37.43 5.19 -18.25
C ALA B 93 37.91 5.76 -19.60
N GLN B 94 38.96 5.17 -20.16
CA GLN B 94 39.55 5.64 -21.44
C GLN B 94 38.67 5.39 -22.69
N TYR B 95 37.84 4.35 -22.65
CA TYR B 95 36.87 4.09 -23.72
C TYR B 95 35.65 5.02 -23.55
N ASN B 96 35.09 5.03 -22.35
CA ASN B 96 33.89 5.84 -22.03
C ASN B 96 34.13 6.54 -20.69
N PRO B 97 34.12 7.90 -20.67
CA PRO B 97 34.52 8.72 -19.52
C PRO B 97 34.25 8.16 -18.11
N LYS B 98 33.00 8.17 -17.63
CA LYS B 98 32.70 7.88 -16.23
C LYS B 98 32.50 6.37 -15.98
N LEU B 99 33.60 5.64 -16.12
CA LEU B 99 33.68 4.23 -15.74
C LEU B 99 35.09 4.00 -15.17
N ASP B 100 35.43 4.76 -14.12
CA ASP B 100 36.74 4.66 -13.46
C ASP B 100 36.86 3.38 -12.60
N VAL B 101 36.71 2.24 -13.26
CA VAL B 101 36.59 0.92 -12.61
C VAL B 101 37.07 -0.16 -13.57
N LEU B 103 37.84 -4.34 -14.80
CA LEU B 103 37.26 -5.68 -14.75
C LEU B 103 38.09 -6.59 -13.83
N LEU B 104 38.10 -6.24 -12.54
CA LEU B 104 39.02 -6.86 -11.57
C LEU B 104 38.61 -8.27 -11.16
N TYR B 105 37.34 -8.43 -10.81
CA TYR B 105 36.76 -9.71 -10.37
C TYR B 105 36.05 -10.43 -11.52
N PRO B 106 36.66 -11.45 -12.14
CA PRO B 106 35.94 -12.21 -13.18
C PRO B 106 35.08 -13.35 -12.62
N VAL B 107 34.48 -13.14 -11.45
CA VAL B 107 33.93 -14.23 -10.64
C VAL B 107 32.80 -14.94 -11.39
N SER B 108 33.17 -16.04 -12.05
CA SER B 108 32.22 -17.02 -12.54
C SER B 108 32.86 -18.42 -12.60
N LYS B 109 33.64 -18.78 -11.58
CA LYS B 109 34.30 -20.09 -11.52
C LYS B 109 33.84 -21.05 -12.63
N GLN B 111 32.23 -23.12 -9.71
CA GLN B 111 31.88 -23.29 -8.30
C GLN B 111 32.23 -24.70 -7.82
N GLN B 112 33.44 -25.11 -8.18
CA GLN B 112 34.05 -26.38 -7.80
C GLN B 112 35.29 -26.05 -6.95
N ASP B 113 35.31 -24.84 -6.40
CA ASP B 113 36.38 -24.33 -5.53
C ASP B 113 36.30 -25.04 -4.19
N GLN B 114 35.09 -25.05 -3.62
CA GLN B 114 34.78 -25.82 -2.42
C GLN B 114 33.83 -26.99 -2.78
N VAL B 115 32.53 -26.88 -2.46
CA VAL B 115 31.53 -27.97 -2.60
C VAL B 115 32.03 -29.40 -2.27
N VAL B 116 33.00 -29.50 -1.35
CA VAL B 116 33.79 -30.73 -1.06
C VAL B 116 34.25 -31.52 -2.31
N LYS B 117 34.47 -30.81 -3.42
CA LYS B 117 34.85 -31.39 -4.74
C LYS B 117 34.02 -32.59 -5.24
N GLU B 118 32.82 -32.78 -4.67
CA GLU B 118 32.07 -34.05 -4.78
C GLU B 118 31.65 -34.37 -6.21
N ASP B 119 32.35 -35.29 -6.85
CA ASP B 119 32.00 -35.75 -8.20
C ASP B 119 30.88 -36.81 -8.24
N ASN B 120 30.27 -37.12 -7.08
CA ASN B 120 29.14 -38.04 -6.98
C ASN B 120 27.90 -37.57 -7.78
N ILE B 121 27.68 -36.27 -7.86
CA ILE B 121 26.49 -35.67 -8.53
C ILE B 121 25.22 -35.86 -7.67
N GLU B 122 24.86 -37.11 -7.41
CA GLU B 122 23.75 -37.44 -6.52
C GLU B 122 23.98 -36.93 -5.10
N ALA B 123 25.21 -37.07 -4.59
CA ALA B 123 25.56 -36.59 -3.24
C ALA B 123 25.66 -35.06 -3.16
N VAL B 124 25.99 -34.41 -4.27
CA VAL B 124 25.89 -32.95 -4.37
C VAL B 124 24.42 -32.50 -4.34
N GLY B 125 23.54 -33.31 -4.92
CA GLY B 125 22.09 -33.09 -4.84
C GLY B 125 21.51 -33.28 -3.44
N LYS B 126 21.98 -34.29 -2.73
CA LYS B 126 21.61 -34.49 -1.32
C LYS B 126 22.06 -33.31 -0.47
N LYS B 127 23.29 -32.85 -0.70
CA LYS B 127 23.84 -31.68 0.02
C LYS B 127 23.04 -30.40 -0.25
N LEU B 128 22.59 -30.24 -1.48
CA LEU B 128 21.74 -29.11 -1.87
C LEU B 128 20.47 -29.03 -1.03
N HIS B 129 19.82 -30.18 -0.81
CA HIS B 129 18.70 -30.27 0.13
C HIS B 129 19.12 -29.89 1.55
N GLU B 130 20.18 -30.54 2.03
CA GLU B 130 20.68 -30.35 3.40
C GLU B 130 20.83 -28.86 3.73
N TYR B 131 21.55 -28.13 2.89
CA TYR B 131 21.74 -26.70 3.09
C TYR B 131 20.43 -25.95 2.94
N ASN B 132 19.63 -26.30 1.94
CA ASN B 132 18.34 -25.63 1.71
C ASN B 132 17.34 -25.84 2.85
N THR B 133 17.39 -26.99 3.53
CA THR B 133 16.64 -27.19 4.77
C THR B 133 17.19 -26.27 5.87
N GLN B 134 18.50 -26.26 6.03
CA GLN B 134 19.19 -25.40 7.03
C GLN B 134 18.91 -23.92 6.76
N PHE B 135 18.88 -23.55 5.49
CA PHE B 135 18.52 -22.20 5.07
C PHE B 135 17.07 -21.88 5.41
N GLN B 136 16.15 -22.69 4.87
CA GLN B 136 14.69 -22.52 5.09
C GLN B 136 14.31 -22.56 6.56
N GLU B 137 15.02 -23.36 7.35
CA GLU B 137 14.90 -23.36 8.80
C GLU B 137 15.34 -22.00 9.37
N LYS B 138 16.45 -21.50 8.85
CA LYS B 138 17.04 -20.22 9.29
C LYS B 138 16.18 -19.00 8.90
N SER B 139 15.58 -19.05 7.72
CA SER B 139 14.67 -17.98 7.24
C SER B 139 13.38 -17.85 8.04
N ARG B 140 12.94 -18.94 8.69
CA ARG B 140 11.79 -18.90 9.59
C ARG B 140 12.16 -18.16 10.87
N GLU B 141 13.22 -18.63 11.54
CA GLU B 141 13.72 -17.99 12.77
C GLU B 141 14.01 -16.51 12.56
N TYR B 142 14.52 -16.15 11.37
CA TYR B 142 14.74 -14.75 11.01
C TYR B 142 13.41 -14.00 10.85
N ASP B 143 12.46 -14.59 10.17
CA ASP B 143 11.13 -13.99 10.03
C ASP B 143 10.44 -13.86 11.39
N ARG B 144 10.50 -14.94 12.20
CA ARG B 144 9.97 -14.99 13.57
C ARG B 144 10.45 -13.87 14.49
N LEU B 145 11.74 -13.55 14.38
CA LEU B 145 12.34 -12.51 15.21
C LEU B 145 12.02 -11.10 14.71
N TYR B 146 11.91 -10.94 13.39
CA TYR B 146 11.51 -9.65 12.81
C TYR B 146 10.13 -9.21 13.31
N GLU B 147 9.23 -10.17 13.52
CA GLU B 147 7.89 -9.89 14.05
C GLU B 147 7.95 -9.48 15.52
N GLU B 148 8.65 -10.26 16.36
CA GLU B 148 8.85 -9.91 17.79
C GLU B 148 9.45 -8.50 17.96
N TYR B 149 10.46 -8.20 17.15
CA TYR B 149 11.06 -6.87 17.04
C TYR B 149 9.97 -5.80 16.85
N THR B 150 9.16 -5.96 15.81
CA THR B 150 8.13 -4.99 15.42
C THR B 150 6.93 -4.95 16.37
N ARG B 151 6.56 -6.10 16.93
CA ARG B 151 5.58 -6.14 18.02
C ARG B 151 6.15 -5.47 19.25
N THR B 152 7.44 -5.70 19.52
CA THR B 152 8.09 -5.15 20.71
C THR B 152 8.25 -3.63 20.62
N SER B 153 8.67 -3.15 19.46
CA SER B 153 8.66 -1.71 19.18
C SER B 153 7.29 -1.10 19.48
N GLN B 154 6.23 -1.81 19.09
CA GLN B 154 4.86 -1.36 19.32
C GLN B 154 4.47 -1.39 20.79
N GLU B 155 4.74 -2.52 21.46
CA GLU B 155 4.45 -2.66 22.89
C GLU B 155 5.27 -1.69 23.75
N ILE B 156 6.48 -1.34 23.29
CA ILE B 156 7.33 -0.36 23.98
C ILE B 156 6.72 1.04 23.90
N GLN B 157 6.44 1.51 22.69
CA GLN B 157 5.90 2.88 22.52
C GLN B 157 4.51 3.06 23.12
N MET B 158 3.68 2.00 23.06
CA MET B 158 2.41 1.91 23.82
C MET B 158 2.62 2.05 25.32
N LYS B 159 3.71 1.46 25.84
CA LYS B 159 4.11 1.65 27.24
C LYS B 159 4.54 3.08 27.55
N ARG B 160 5.33 3.68 26.66
CA ARG B 160 5.78 5.05 26.85
C ARG B 160 4.61 6.03 26.85
N THR B 161 3.69 5.85 25.91
CA THR B 161 2.52 6.72 25.78
C THR B 161 1.57 6.57 26.97
N ALA B 162 1.54 5.37 27.55
CA ALA B 162 0.79 5.13 28.80
C ALA B 162 1.40 5.92 29.94
N ILE B 163 2.73 5.83 30.08
CA ILE B 163 3.48 6.56 31.11
C ILE B 163 3.18 8.04 31.09
N GLU B 164 3.17 8.64 29.90
CA GLU B 164 2.76 10.03 29.73
C GLU B 164 1.36 10.27 30.30
N ALA B 165 0.42 9.39 29.96
CA ALA B 165 -0.97 9.48 30.47
C ALA B 165 -1.04 9.27 31.98
N PHE B 166 -0.27 8.31 32.49
CA PHE B 166 -0.17 8.06 33.94
C PHE B 166 0.26 9.31 34.71
N ASN B 167 1.34 9.91 34.23
CA ASN B 167 1.82 11.19 34.77
C ASN B 167 0.76 12.27 34.63
N GLU B 168 0.20 12.37 33.43
CA GLU B 168 -0.84 13.36 33.12
C GLU B 168 -2.10 13.19 33.99
N THR B 169 -2.44 11.94 34.30
CA THR B 169 -3.52 11.60 35.23
C THR B 169 -3.17 12.15 36.60
N ILE B 170 -1.98 11.77 37.09
CA ILE B 170 -1.52 12.16 38.44
C ILE B 170 -1.54 13.67 38.62
N LYS B 171 -1.06 14.41 37.63
CA LYS B 171 -1.15 15.86 37.63
C LYS B 171 -2.57 16.34 37.95
N ILE B 172 -3.58 15.68 37.37
CA ILE B 172 -4.99 16.03 37.64
C ILE B 172 -5.34 15.72 39.10
N PHE B 173 -4.88 14.57 39.59
CA PHE B 173 -5.13 14.18 40.97
C PHE B 173 -4.33 15.00 42.00
N GLU B 174 -3.09 15.36 41.65
CA GLU B 174 -2.26 16.27 42.47
C GLU B 174 -2.96 17.62 42.56
N GLU B 175 -3.38 18.15 41.41
CA GLU B 175 -4.20 19.35 41.34
C GLU B 175 -5.50 19.24 42.12
N GLN B 176 -6.12 18.06 42.13
CA GLN B 176 -7.37 17.83 42.90
C GLN B 176 -7.18 17.84 44.42
N CYS B 177 -6.09 17.25 44.90
CA CYS B 177 -5.77 17.30 46.34
C CYS B 177 -5.39 18.72 46.76
N GLN B 178 -4.81 19.48 45.83
CA GLN B 178 -4.56 20.91 46.01
C GLN B 178 -5.84 21.74 45.90
N THR B 179 -6.72 21.39 44.96
CA THR B 179 -7.96 22.16 44.73
C THR B 179 -8.84 22.23 45.99
N GLN B 180 -8.96 21.11 46.71
CA GLN B 180 -9.76 21.12 47.94
C GLN B 180 -9.09 21.90 49.07
N GLU B 181 -7.76 21.77 49.22
CA GLU B 181 -6.99 22.58 50.21
C GLU B 181 -7.35 24.07 50.20
N ARG B 182 -7.63 24.62 49.02
CA ARG B 182 -8.14 25.98 48.90
C ARG B 182 -9.53 26.12 49.52
N TYR B 183 -10.50 25.36 48.99
CA TYR B 183 -11.91 25.48 49.43
C TYR B 183 -12.22 24.89 50.81
N SER B 184 -11.57 23.76 51.13
CA SER B 184 -11.79 23.03 52.38
C SER B 184 -11.35 23.84 53.59
N LYS B 185 -10.14 24.38 53.54
CA LYS B 185 -9.56 25.15 54.64
C LYS B 185 -9.95 26.65 54.62
N GLU B 186 -10.81 27.03 53.68
CA GLU B 186 -11.68 28.21 53.81
C GLU B 186 -12.98 27.83 54.56
N TYR B 187 -13.45 26.60 54.36
CA TYR B 187 -14.63 26.04 55.03
C TYR B 187 -14.35 25.24 56.32
N ILE B 188 -13.14 25.40 56.88
CA ILE B 188 -12.88 25.10 58.29
C ILE B 188 -12.97 26.39 59.11
N GLU B 189 -12.20 27.41 58.72
CA GLU B 189 -12.01 28.63 59.51
C GLU B 189 -13.30 29.44 59.63
N LYS B 190 -13.95 29.70 58.50
CA LYS B 190 -15.32 30.19 58.49
C LYS B 190 -16.19 29.13 59.18
N PHE B 191 -16.94 29.57 60.19
CA PHE B 191 -17.80 28.72 61.04
C PHE B 191 -17.01 27.95 62.12
N LYS B 192 -16.19 26.98 61.71
CA LYS B 192 -15.52 26.02 62.64
C LYS B 192 -16.50 25.29 63.57
N ARG B 193 -16.94 25.98 64.64
CA ARG B 193 -17.89 25.43 65.64
C ARG B 193 -19.08 24.61 65.10
N GLU B 194 -19.62 25.03 63.95
CA GLU B 194 -20.80 24.39 63.34
C GLU B 194 -20.49 22.99 62.79
N GLY B 195 -20.56 22.00 63.67
CA GLY B 195 -20.31 20.60 63.32
C GLY B 195 -18.87 20.26 63.02
N ASN B 196 -17.93 20.99 63.63
CA ASN B 196 -16.47 20.88 63.34
C ASN B 196 -15.98 19.44 63.20
N GLU B 197 -16.24 18.65 64.23
CA GLU B 197 -15.82 17.24 64.28
C GLU B 197 -16.66 16.38 63.32
N LYS B 198 -17.93 16.73 63.18
CA LYS B 198 -18.87 16.08 62.24
C LYS B 198 -18.72 16.52 60.78
N GLU B 199 -18.03 17.63 60.55
CA GLU B 199 -17.84 18.22 59.23
C GLU B 199 -16.46 17.90 58.69
N ILE B 200 -15.44 18.33 59.42
CA ILE B 200 -14.05 18.31 58.97
C ILE B 200 -13.53 16.87 58.83
N GLN B 201 -14.05 15.97 59.66
CA GLN B 201 -13.81 14.53 59.49
C GLN B 201 -14.07 14.11 58.05
N ARG B 202 -15.29 14.35 57.57
CA ARG B 202 -15.73 13.90 56.23
C ARG B 202 -15.17 14.74 55.06
N ILE B 203 -14.55 15.89 55.38
CA ILE B 203 -13.70 16.62 54.42
C ILE B 203 -12.28 16.03 54.43
N MET B 204 -11.80 15.64 55.60
CA MET B 204 -10.48 15.01 55.74
C MET B 204 -10.47 13.57 55.18
N HIS B 205 -11.56 12.83 55.36
CA HIS B 205 -11.71 11.46 54.82
C HIS B 205 -11.56 11.44 53.31
N ASN B 206 -12.30 12.33 52.66
CA ASN B 206 -12.18 12.61 51.24
C ASN B 206 -10.73 12.91 50.85
N TYR B 207 -10.11 13.85 51.57
CA TYR B 207 -8.71 14.24 51.35
C TYR B 207 -7.72 13.08 51.59
N ASP B 208 -8.02 12.22 52.55
CA ASP B 208 -7.17 11.05 52.79
C ASP B 208 -7.39 9.95 51.74
N LYS B 209 -8.62 9.79 51.24
CA LYS B 209 -8.87 8.89 50.08
C LYS B 209 -8.17 9.40 48.80
N LEU B 210 -8.12 10.71 48.65
CA LEU B 210 -7.54 11.37 47.47
C LEU B 210 -6.03 11.13 47.36
N LYS B 211 -5.30 11.36 48.44
CA LYS B 211 -3.83 11.26 48.38
C LYS B 211 -3.28 9.82 48.29
N SER B 212 -3.92 8.86 48.96
CA SER B 212 -3.51 7.46 48.85
C SER B 212 -3.85 6.89 47.46
N ARG B 213 -4.88 7.44 46.83
CA ARG B 213 -5.19 7.17 45.42
C ARG B 213 -4.04 7.65 44.53
N ILE B 214 -3.57 8.89 44.72
CA ILE B 214 -2.32 9.35 44.09
C ILE B 214 -1.17 8.38 44.37
N SER B 215 -1.06 7.94 45.63
CA SER B 215 -0.04 6.99 46.07
C SER B 215 -0.14 5.65 45.31
N GLU B 216 -1.36 5.21 45.02
CA GLU B 216 -1.58 4.05 44.14
C GLU B 216 -1.17 4.29 42.68
N ILE B 217 -1.59 5.42 42.10
CA ILE B 217 -1.33 5.71 40.67
C ILE B 217 0.16 5.82 40.39
N ILE B 218 0.89 6.46 41.30
CA ILE B 218 2.35 6.55 41.20
C ILE B 218 2.95 5.14 41.27
N ASP B 219 2.49 4.36 42.23
CA ASP B 219 2.90 2.94 42.36
C ASP B 219 2.50 2.08 41.16
N SER B 220 1.46 2.48 40.44
CA SER B 220 1.11 1.86 39.15
C SER B 220 2.12 2.17 38.05
N ARG B 221 2.40 3.46 37.86
CA ARG B 221 3.29 3.97 36.79
C ARG B 221 4.72 3.46 36.90
N ARG B 222 5.25 3.52 38.13
CA ARG B 222 6.53 2.92 38.47
C ARG B 222 6.62 1.49 37.93
N ARG B 223 5.61 0.70 38.26
CA ARG B 223 5.54 -0.72 37.87
C ARG B 223 5.56 -0.95 36.35
N LEU B 224 5.05 0.03 35.59
CA LEU B 224 5.13 -0.01 34.13
C LEU B 224 6.56 0.23 33.67
N GLU B 225 7.21 1.24 34.26
CA GLU B 225 8.57 1.62 33.89
C GLU B 225 9.60 0.53 34.11
N GLU B 226 9.47 -0.21 35.21
CA GLU B 226 10.30 -1.40 35.43
C GLU B 226 10.06 -2.45 34.32
N ASP B 227 8.79 -2.60 33.90
CA ASP B 227 8.44 -3.48 32.76
C ASP B 227 8.97 -2.96 31.43
N LEU B 228 8.97 -1.64 31.25
CA LEU B 228 9.52 -1.00 30.05
C LEU B 228 11.01 -1.33 29.85
N LYS B 229 11.78 -1.30 30.93
CA LYS B 229 13.21 -1.64 30.88
C LYS B 229 13.42 -3.12 30.57
N LYS B 230 12.58 -3.99 31.14
CA LYS B 230 12.59 -5.43 30.82
C LYS B 230 12.18 -5.73 29.38
N GLN B 231 11.26 -4.91 28.85
CA GLN B 231 10.90 -4.93 27.44
C GLN B 231 12.02 -4.43 26.55
N ALA B 232 12.51 -3.22 26.85
CA ALA B 232 13.66 -2.63 26.15
C ALA B 232 14.91 -3.52 26.23
N ALA B 233 15.02 -4.32 27.28
CA ALA B 233 16.06 -5.33 27.39
C ALA B 233 15.87 -6.44 26.35
N GLU B 234 14.72 -7.12 26.40
CA GLU B 234 14.33 -8.16 25.41
C GLU B 234 14.48 -7.68 23.95
N TYR B 235 14.10 -6.42 23.71
CA TYR B 235 14.16 -5.77 22.40
C TYR B 235 15.57 -5.78 21.82
N ARG B 236 16.55 -5.44 22.65
CA ARG B 236 17.98 -5.51 22.29
C ARG B 236 18.39 -6.95 21.96
N GLU B 237 17.93 -7.90 22.76
CA GLU B 237 18.23 -9.32 22.53
C GLU B 237 17.64 -9.86 21.22
N ILE B 238 16.51 -9.32 20.77
CA ILE B 238 15.94 -9.69 19.46
C ILE B 238 16.84 -9.19 18.33
N ASP B 239 17.25 -7.93 18.42
CA ASP B 239 18.14 -7.34 17.42
C ASP B 239 19.49 -8.03 17.43
N LYS B 240 20.04 -8.24 18.64
CA LYS B 240 21.31 -8.94 18.85
C LYS B 240 21.38 -10.28 18.12
N ARG B 241 20.31 -11.07 18.27
CA ARG B 241 20.22 -12.41 17.67
C ARG B 241 19.80 -12.40 16.20
N MET B 242 19.09 -11.35 15.78
CA MET B 242 18.81 -11.11 14.36
C MET B 242 20.12 -10.96 13.60
N ASN B 243 20.99 -10.08 14.09
CA ASN B 243 22.27 -9.75 13.46
C ASN B 243 23.30 -10.87 13.42
N SER B 244 23.12 -11.89 14.26
CA SER B 244 23.95 -13.09 14.24
C SER B 244 23.32 -14.23 13.43
N ILE B 245 22.04 -14.10 13.10
CA ILE B 245 21.37 -15.01 12.16
C ILE B 245 21.51 -14.52 10.72
N LYS B 246 21.62 -13.20 10.51
CA LYS B 246 21.81 -12.65 9.16
C LYS B 246 23.04 -13.17 8.37
N PRO B 247 24.26 -13.12 8.95
CA PRO B 247 25.47 -13.52 8.20
C PRO B 247 25.51 -15.01 7.86
N ASP B 248 25.01 -15.85 8.78
CA ASP B 248 24.81 -17.28 8.53
C ASP B 248 23.82 -17.49 7.40
N LEU B 249 22.72 -16.77 7.47
CA LEU B 249 21.66 -16.81 6.46
C LEU B 249 22.13 -16.38 5.04
N ILE B 250 23.12 -15.48 4.98
CA ILE B 250 23.70 -15.05 3.70
C ILE B 250 24.61 -16.15 3.14
N GLN B 251 25.59 -16.56 3.95
CA GLN B 251 26.57 -17.55 3.51
C GLN B 251 25.94 -18.91 3.21
N LEU B 252 24.94 -19.30 4.00
CA LEU B 252 24.17 -20.53 3.74
C LEU B 252 23.44 -20.45 2.42
N ARG B 253 22.84 -19.29 2.16
CA ARG B 253 22.20 -19.05 0.87
C ARG B 253 23.22 -19.04 -0.25
N LYS B 254 24.36 -18.39 -0.03
CA LYS B 254 25.38 -18.25 -1.07
C LYS B 254 26.06 -19.59 -1.39
N THR B 255 26.27 -20.43 -0.37
CA THR B 255 26.76 -21.79 -0.59
C THR B 255 25.74 -22.64 -1.38
N ARG B 256 24.45 -22.46 -1.07
CA ARG B 256 23.33 -23.16 -1.73
C ARG B 256 23.12 -22.77 -3.20
N ASP B 257 23.43 -21.52 -3.56
CA ASP B 257 23.42 -21.12 -4.96
C ASP B 257 24.51 -21.85 -5.73
N GLN B 258 25.69 -21.94 -5.12
CA GLN B 258 26.87 -22.54 -5.74
C GLN B 258 26.78 -24.06 -5.89
N TYR B 259 26.24 -24.74 -4.86
CA TYR B 259 25.91 -26.18 -4.94
C TYR B 259 24.90 -26.51 -6.04
N LEU B 260 23.98 -25.58 -6.29
CA LEU B 260 23.01 -25.74 -7.36
C LEU B 260 23.59 -25.34 -8.72
N MET B 261 24.52 -24.38 -8.73
CA MET B 261 25.24 -24.05 -9.95
C MET B 261 26.05 -25.25 -10.44
N TRP B 262 26.87 -25.81 -9.56
CA TRP B 262 27.67 -27.05 -9.81
C TRP B 262 26.87 -28.15 -10.51
N LEU B 263 25.62 -28.34 -10.10
CA LEU B 263 24.70 -29.30 -10.72
C LEU B 263 24.29 -28.88 -12.12
N THR B 264 23.79 -27.65 -12.24
CA THR B 264 23.29 -27.12 -13.51
C THR B 264 24.40 -26.93 -14.58
N GLN B 265 25.68 -26.97 -14.17
CA GLN B 265 26.80 -27.07 -15.12
C GLN B 265 26.80 -28.42 -15.88
N LYS B 266 26.86 -29.51 -15.11
CA LYS B 266 27.18 -30.84 -15.65
C LYS B 266 26.00 -31.49 -16.38
N GLY B 267 24.88 -31.64 -15.67
CA GLY B 267 23.66 -32.26 -16.19
C GLY B 267 22.48 -31.32 -16.00
N VAL B 268 21.69 -31.15 -17.06
CA VAL B 268 20.60 -30.15 -17.10
C VAL B 268 19.61 -30.38 -15.93
N ARG B 269 18.81 -31.43 -16.01
CA ARG B 269 17.96 -31.94 -14.90
C ARG B 269 17.17 -30.89 -14.10
N GLN B 270 16.69 -29.85 -14.78
CA GLN B 270 16.00 -28.71 -14.13
C GLN B 270 14.78 -29.11 -13.27
N LYS B 271 14.10 -30.16 -13.72
CA LYS B 271 12.93 -30.71 -13.03
C LYS B 271 13.27 -31.68 -11.88
N LYS B 272 14.43 -32.34 -11.95
CA LYS B 272 14.92 -33.24 -10.90
C LYS B 272 15.25 -32.52 -9.59
N LEU B 273 15.64 -31.24 -9.70
CA LEU B 273 15.97 -30.37 -8.56
C LEU B 273 14.87 -30.25 -7.50
N ASN B 274 13.61 -30.26 -7.93
CA ASN B 274 12.45 -29.90 -7.09
C ASN B 274 12.24 -30.74 -5.82
N GLU B 275 12.67 -32.00 -5.85
CA GLU B 275 12.51 -32.88 -4.68
C GLU B 275 13.50 -32.53 -3.57
N TRP B 276 14.77 -32.31 -3.94
CA TRP B 276 15.81 -31.83 -3.03
C TRP B 276 15.46 -30.47 -2.40
N LEU B 277 14.96 -29.57 -3.25
CA LEU B 277 14.63 -28.23 -2.85
C LEU B 277 13.20 -28.13 -2.32
#